data_7UJB
#
_entry.id   7UJB
#
_cell.length_a   135.242
_cell.length_b   135.242
_cell.length_c   262.353
_cell.angle_alpha   90.000
_cell.angle_beta   90.000
_cell.angle_gamma   120.000
#
_symmetry.space_group_name_H-M   'P 32'
#
_entity_poly.entity_id   1
_entity_poly.type   'polypeptide(L)'
_entity_poly.pdbx_seq_one_letter_code
;KIKVDELPVPEKFKEVLKSEGVRELLPVQSLAVKNGLLDGENLLVVSATASGKTLIGELAGVPKAMQGKKLLFLVPLVAL
ANQKYEDFKRRYSKLGLRVAIRVGMSRIKTKDELVVVDTGIDADIIVGTYEGIDYLLRAGRKIGNVGTIVIDEIHTLDDE
ERGPRLDGLIARLRKLYPKAQFIGLSATVGNPDELAKELGLKLVLYDERPVDLERHIIIVRNESEKWRHIANLCRAEAMR
KSKQGYKGQSIVFTFSRKRTHELAAYLTSKGLKAKPYHSGLPYKQRKLTEMEFLAQRLDVVVTTAALGAGVDFPASQVIF
ESLAMGNKWLSVREFHQMLGRAGRPLYHEKGKVYLLVEPGRKYSAQMEGTEDEVAFKLLTAPIEPVQVEWSDELEQDNVL
AHSCVFNRLDVIEEVQSMCLGANQSAEKVLEKLEEFDFVKMKRPIVEVTPYGRAVSMSFLLPKEATFIRGNLGKREARWI
AVKLLPFENIYLSGTLQRELEGAVRGRLSANVFSPSFASILEELDKVIPELSPNAAERLFTIYQEFFMCPEEDCTEYAME
RVSNLIIELRRSGKHPTQIAEHFRKVYGLIVYPGDVFTWLDGIVRKLEAIERIARVFRVRKTEEGAKILKREIEEGRMI
;
_entity_poly.pdbx_strand_id   A,B,C,D
#
# COMPACT_ATOMS: atom_id res chain seq x y z
N VAL A 4 41.31 -4.61 13.79
CA VAL A 4 42.30 -3.64 13.33
C VAL A 4 43.66 -3.82 13.98
N ASP A 5 43.68 -3.92 15.31
CA ASP A 5 44.95 -3.97 16.04
C ASP A 5 45.76 -5.21 15.67
N GLU A 6 45.11 -6.25 15.15
CA GLU A 6 45.74 -7.50 14.78
C GLU A 6 46.26 -7.49 13.34
N LEU A 7 46.57 -6.32 12.78
CA LEU A 7 47.00 -6.20 11.40
C LEU A 7 48.40 -5.59 11.33
N PRO A 8 49.34 -6.19 10.57
CA PRO A 8 50.76 -5.73 10.53
C PRO A 8 51.00 -4.52 9.63
N VAL A 9 50.52 -3.37 10.09
CA VAL A 9 50.68 -2.08 9.41
C VAL A 9 51.03 -1.02 10.42
N PRO A 10 51.60 0.11 9.96
CA PRO A 10 51.99 1.17 10.91
C PRO A 10 50.81 1.68 11.74
N GLU A 11 51.14 2.09 12.97
CA GLU A 11 50.12 2.42 13.97
C GLU A 11 49.61 3.85 13.85
N LYS A 12 50.44 4.81 13.41
CA LYS A 12 49.91 6.14 13.08
C LYS A 12 48.91 6.05 11.95
N PHE A 13 49.15 5.13 11.01
CA PHE A 13 48.16 4.81 9.99
C PHE A 13 46.84 4.37 10.64
N LYS A 14 46.93 3.40 11.56
CA LYS A 14 45.74 2.91 12.24
C LYS A 14 45.01 4.02 12.98
N GLU A 15 45.75 4.96 13.57
CA GLU A 15 45.11 6.05 14.32
C GLU A 15 44.43 7.04 13.39
N VAL A 16 45.04 7.33 12.23
CA VAL A 16 44.37 8.14 11.22
C VAL A 16 43.07 7.46 10.77
N LEU A 17 43.10 6.14 10.62
CA LEU A 17 41.89 5.40 10.24
C LEU A 17 40.82 5.52 11.32
N LYS A 18 41.15 5.14 12.55
CA LYS A 18 40.18 5.08 13.62
C LYS A 18 39.72 6.46 14.06
N SER A 19 40.40 7.52 13.63
CA SER A 19 39.86 8.88 13.72
C SER A 19 38.94 9.19 12.55
N GLU A 20 38.67 8.19 11.70
CA GLU A 20 37.74 8.31 10.59
C GLU A 20 36.55 7.37 10.70
N GLY A 21 36.46 6.56 11.75
CA GLY A 21 35.25 5.84 12.06
C GLY A 21 35.20 4.39 11.66
N VAL A 22 36.32 3.68 11.72
CA VAL A 22 36.43 2.33 11.19
C VAL A 22 36.78 1.35 12.31
N ARG A 23 36.10 0.20 12.32
CA ARG A 23 36.25 -0.75 13.41
C ARG A 23 36.85 -2.09 12.97
N GLU A 24 36.26 -2.77 11.99
CA GLU A 24 36.73 -4.09 11.57
C GLU A 24 36.66 -4.23 10.05
N LEU A 25 37.26 -5.32 9.59
CA LEU A 25 37.33 -5.62 8.17
C LEU A 25 35.96 -6.03 7.63
N LEU A 26 35.57 -5.43 6.51
CA LEU A 26 34.41 -5.91 5.80
C LEU A 26 34.72 -7.29 5.25
N PRO A 27 33.70 -8.13 5.06
CA PRO A 27 33.97 -9.51 4.62
C PRO A 27 34.80 -9.60 3.36
N VAL A 28 34.55 -8.73 2.38
CA VAL A 28 35.38 -8.71 1.18
C VAL A 28 36.83 -8.44 1.57
N GLN A 29 37.05 -7.53 2.51
CA GLN A 29 38.40 -7.14 2.88
C GLN A 29 39.02 -8.05 3.94
N SER A 30 38.25 -8.64 4.86
CA SER A 30 38.81 -9.72 5.67
C SER A 30 39.33 -10.85 4.78
N LEU A 31 38.55 -11.20 3.75
CA LEU A 31 38.96 -12.26 2.83
C LEU A 31 40.23 -11.87 2.06
N ALA A 32 40.24 -10.65 1.51
CA ALA A 32 41.43 -10.20 0.79
C ALA A 32 42.66 -10.21 1.69
N VAL A 33 42.51 -9.78 2.95
CA VAL A 33 43.64 -9.78 3.88
C VAL A 33 44.14 -11.20 4.11
N LYS A 34 43.23 -12.12 4.44
CA LYS A 34 43.65 -13.50 4.70
C LYS A 34 44.15 -14.20 3.45
N ASN A 35 43.95 -13.62 2.27
CA ASN A 35 44.60 -14.07 1.04
C ASN A 35 45.99 -13.47 0.84
N GLY A 36 46.62 -12.99 1.90
CA GLY A 36 48.01 -12.55 1.82
C GLY A 36 48.22 -11.12 1.39
N LEU A 37 47.26 -10.24 1.66
CA LEU A 37 47.37 -8.86 1.18
C LEU A 37 48.56 -8.14 1.79
N LEU A 38 48.78 -8.29 3.10
CA LEU A 38 49.79 -7.51 3.80
C LEU A 38 51.21 -8.03 3.66
N ASP A 39 51.41 -9.24 3.14
CA ASP A 39 52.76 -9.71 2.88
C ASP A 39 53.34 -9.13 1.60
N GLY A 40 52.49 -8.66 0.70
CA GLY A 40 52.90 -8.18 -0.60
C GLY A 40 52.43 -8.99 -1.79
N GLU A 41 51.42 -9.83 -1.62
CA GLU A 41 50.92 -10.68 -2.69
C GLU A 41 50.09 -9.86 -3.67
N ASN A 42 50.09 -10.30 -4.94
CA ASN A 42 49.32 -9.64 -6.00
C ASN A 42 47.93 -10.28 -6.09
N LEU A 43 46.90 -9.47 -5.86
CA LEU A 43 45.55 -9.97 -5.60
C LEU A 43 44.53 -9.33 -6.54
N LEU A 44 43.41 -10.03 -6.69
CA LEU A 44 42.32 -9.60 -7.59
C LEU A 44 40.99 -9.80 -6.89
N VAL A 45 40.34 -8.69 -6.51
CA VAL A 45 39.05 -8.73 -5.83
C VAL A 45 37.94 -8.50 -6.84
N VAL A 46 36.98 -9.43 -6.89
CA VAL A 46 35.79 -9.27 -7.69
C VAL A 46 34.62 -9.36 -6.72
N SER A 47 34.01 -8.21 -6.43
CA SER A 47 32.87 -8.14 -5.55
C SER A 47 31.98 -7.03 -6.07
N ALA A 48 30.67 -7.24 -5.98
CA ALA A 48 29.71 -6.28 -6.49
C ALA A 48 29.97 -4.90 -5.90
N THR A 49 29.72 -3.87 -6.71
CA THR A 49 29.80 -2.52 -6.21
C THR A 49 28.85 -2.35 -5.04
N ALA A 50 28.99 -1.23 -4.34
CA ALA A 50 28.30 -0.97 -3.08
C ALA A 50 28.75 -1.94 -1.99
N SER A 51 29.89 -2.58 -2.17
CA SER A 51 30.56 -3.31 -1.10
C SER A 51 31.88 -2.64 -0.72
N GLY A 52 32.00 -1.34 -1.01
CA GLY A 52 33.20 -0.60 -0.66
C GLY A 52 34.46 -1.23 -1.23
N LYS A 53 34.41 -1.63 -2.50
CA LYS A 53 35.57 -2.26 -3.11
C LYS A 53 36.77 -1.33 -3.06
N THR A 54 36.56 -0.05 -3.37
CA THR A 54 37.62 0.96 -3.49
C THR A 54 38.72 0.83 -2.41
N LEU A 55 38.28 0.71 -1.15
CA LEU A 55 39.17 0.72 0.00
C LEU A 55 40.33 -0.26 -0.14
N ILE A 56 40.08 -1.43 -0.75
CA ILE A 56 41.09 -2.48 -0.82
C ILE A 56 42.42 -1.92 -1.33
N GLY A 57 42.35 -1.01 -2.29
CA GLY A 57 43.59 -0.48 -2.86
C GLY A 57 44.51 0.11 -1.80
N GLU A 58 43.96 1.00 -0.97
CA GLU A 58 44.75 1.65 0.07
C GLU A 58 45.50 0.62 0.89
N LEU A 59 44.82 -0.50 1.18
CA LEU A 59 45.36 -1.47 2.10
C LEU A 59 46.72 -1.98 1.63
N ALA A 60 46.95 -1.99 0.32
CA ALA A 60 48.20 -2.52 -0.19
C ALA A 60 49.30 -1.49 -0.30
N GLY A 61 48.96 -0.20 -0.40
CA GLY A 61 49.97 0.74 -0.84
C GLY A 61 50.41 1.76 0.18
N VAL A 62 49.54 2.05 1.15
CA VAL A 62 49.84 3.10 2.11
C VAL A 62 51.07 2.77 2.95
N PRO A 63 51.20 1.58 3.55
CA PRO A 63 52.45 1.30 4.31
C PRO A 63 53.69 1.48 3.47
N LYS A 64 53.68 0.97 2.24
CA LYS A 64 54.80 1.18 1.33
C LYS A 64 55.02 2.68 1.10
N ALA A 65 53.97 3.38 0.70
CA ALA A 65 54.07 4.83 0.53
C ALA A 65 54.43 5.54 1.83
N MET A 66 54.22 4.92 2.99
CA MET A 66 54.61 5.56 4.23
C MET A 66 56.13 5.65 4.39
N GLN A 67 56.88 4.73 3.76
CA GLN A 67 58.33 4.87 3.68
C GLN A 67 58.79 5.52 2.38
N GLY A 68 57.85 6.04 1.58
CA GLY A 68 58.18 6.69 0.34
C GLY A 68 57.89 5.87 -0.90
N LYS A 69 57.48 4.61 -0.73
CA LYS A 69 57.19 3.73 -1.86
C LYS A 69 55.83 4.13 -2.43
N LYS A 70 55.87 5.10 -3.34
CA LYS A 70 54.67 5.76 -3.84
C LYS A 70 53.62 4.75 -4.27
N LEU A 71 52.37 5.15 -4.13
CA LEU A 71 51.24 4.33 -4.51
C LEU A 71 50.53 5.01 -5.68
N LEU A 72 50.11 4.19 -6.65
CA LEU A 72 49.39 4.64 -7.82
C LEU A 72 48.01 4.00 -7.86
N PHE A 73 46.99 4.83 -8.09
CA PHE A 73 45.60 4.40 -8.22
C PHE A 73 45.07 4.89 -9.56
N LEU A 74 44.45 4.00 -10.33
CA LEU A 74 43.91 4.33 -11.65
C LEU A 74 42.42 4.05 -11.72
N VAL A 75 41.69 4.98 -12.34
CA VAL A 75 40.25 4.81 -12.54
C VAL A 75 39.86 5.13 -13.98
N PRO A 76 38.79 4.52 -14.51
CA PRO A 76 38.36 4.87 -15.88
C PRO A 76 37.83 6.30 -16.01
N LEU A 77 36.92 6.66 -15.11
CA LEU A 77 36.14 7.89 -15.22
C LEU A 77 36.99 9.09 -14.81
N VAL A 78 36.31 10.22 -14.60
CA VAL A 78 36.95 11.47 -14.21
C VAL A 78 36.46 11.94 -12.84
N ALA A 79 35.14 12.04 -12.67
CA ALA A 79 34.58 12.41 -11.37
C ALA A 79 34.80 11.30 -10.34
N LEU A 80 34.91 10.06 -10.81
CA LEU A 80 35.41 9.00 -9.92
C LEU A 80 36.81 9.34 -9.44
N ALA A 81 37.68 9.78 -10.36
CA ALA A 81 39.03 10.19 -9.98
C ALA A 81 39.01 11.33 -8.97
N ASN A 82 38.13 12.31 -9.18
CA ASN A 82 38.06 13.45 -8.27
C ASN A 82 37.54 13.05 -6.90
N GLN A 83 36.44 12.29 -6.86
CA GLN A 83 35.88 11.87 -5.58
C GLN A 83 36.91 11.08 -4.79
N LYS A 84 37.57 10.11 -5.44
CA LYS A 84 38.59 9.33 -4.74
C LYS A 84 39.80 10.18 -4.35
N TYR A 85 40.27 11.04 -5.26
CA TYR A 85 41.44 11.86 -4.98
C TYR A 85 41.19 12.75 -3.77
N GLU A 86 40.05 13.44 -3.76
CA GLU A 86 39.73 14.33 -2.65
C GLU A 86 39.62 13.54 -1.35
N ASP A 87 38.89 12.42 -1.38
CA ASP A 87 38.82 11.56 -0.20
C ASP A 87 40.21 11.29 0.37
N PHE A 88 41.11 10.80 -0.48
CA PHE A 88 42.36 10.25 0.06
C PHE A 88 43.33 11.34 0.47
N LYS A 89 43.41 12.43 -0.29
CA LYS A 89 44.19 13.57 0.17
C LYS A 89 43.70 14.04 1.53
N ARG A 90 42.40 14.29 1.66
CA ARG A 90 41.87 14.82 2.90
C ARG A 90 42.05 13.84 4.06
N ARG A 91 41.98 12.54 3.80
CA ARG A 91 42.16 11.56 4.88
C ARG A 91 43.60 11.50 5.34
N TYR A 92 44.56 11.52 4.39
CA TYR A 92 45.91 11.03 4.66
C TYR A 92 47.03 12.07 4.58
N SER A 93 46.80 13.24 4.01
CA SER A 93 47.82 14.26 4.11
C SER A 93 48.06 14.67 5.56
N LYS A 94 47.14 14.32 6.47
CA LYS A 94 47.41 14.45 7.89
C LYS A 94 48.51 13.51 8.39
N LEU A 95 49.15 12.75 7.50
CA LEU A 95 50.27 11.89 7.85
C LEU A 95 51.62 12.36 7.32
N GLY A 96 51.63 13.13 6.22
CA GLY A 96 52.86 13.58 5.59
C GLY A 96 53.01 13.09 4.17
N LEU A 97 51.88 12.71 3.56
CA LEU A 97 51.83 12.07 2.25
C LEU A 97 51.29 13.07 1.23
N ARG A 98 52.18 13.55 0.38
CA ARG A 98 51.78 14.45 -0.70
C ARG A 98 50.88 13.68 -1.67
N VAL A 99 49.61 14.08 -1.77
CA VAL A 99 48.64 13.42 -2.63
C VAL A 99 48.34 14.33 -3.81
N ALA A 100 48.37 13.75 -5.01
CA ALA A 100 48.17 14.51 -6.25
C ALA A 100 47.40 13.66 -7.24
N ILE A 101 46.83 14.30 -8.25
CA ILE A 101 46.01 13.62 -9.26
C ILE A 101 46.45 14.02 -10.67
N ARG A 102 46.50 13.04 -11.57
CA ARG A 102 46.83 13.24 -12.97
C ARG A 102 45.73 12.72 -13.87
N VAL A 103 45.31 13.55 -14.81
CA VAL A 103 44.34 13.23 -15.86
C VAL A 103 44.86 13.83 -17.17
N GLY A 104 44.13 13.58 -18.26
CA GLY A 104 44.41 14.27 -19.50
C GLY A 104 43.87 15.68 -19.36
N MET A 105 44.65 16.54 -18.70
CA MET A 105 44.12 17.70 -17.98
C MET A 105 43.12 18.51 -18.80
N SER A 106 42.12 19.05 -18.10
CA SER A 106 41.11 19.88 -18.72
C SER A 106 41.75 21.10 -19.39
N ARG A 107 41.11 21.58 -20.46
CA ARG A 107 41.72 22.58 -21.32
C ARG A 107 40.82 23.80 -21.51
N ILE A 108 39.49 23.62 -21.45
CA ILE A 108 38.56 24.74 -21.61
C ILE A 108 38.37 25.44 -20.26
N LYS A 109 37.99 26.71 -20.31
CA LYS A 109 37.96 27.57 -19.14
C LYS A 109 36.60 28.24 -19.06
N THR A 110 35.71 27.64 -18.27
CA THR A 110 34.41 28.22 -17.96
C THR A 110 34.15 28.04 -16.47
N LYS A 111 33.03 28.58 -16.02
CA LYS A 111 32.74 28.75 -14.61
C LYS A 111 32.07 27.55 -13.95
N ASP A 112 31.75 26.50 -14.71
CA ASP A 112 30.98 25.38 -14.18
C ASP A 112 31.80 24.09 -14.08
N GLU A 113 33.13 24.16 -14.20
CA GLU A 113 33.91 22.94 -14.36
C GLU A 113 35.15 22.92 -13.47
N LEU A 114 36.04 21.95 -13.69
CA LEU A 114 37.08 21.58 -12.76
C LEU A 114 38.47 21.94 -13.28
N VAL A 115 39.26 22.56 -12.42
CA VAL A 115 40.68 22.82 -12.67
C VAL A 115 41.45 21.61 -12.16
N VAL A 116 42.39 21.12 -12.97
CA VAL A 116 43.17 19.93 -12.61
C VAL A 116 44.40 20.42 -11.87
N VAL A 117 44.23 20.59 -10.56
CA VAL A 117 45.34 21.02 -9.72
C VAL A 117 46.23 19.83 -9.39
N ASP A 118 47.44 20.14 -8.94
CA ASP A 118 48.29 19.17 -8.24
C ASP A 118 48.62 17.96 -9.13
N THR A 119 49.45 18.23 -10.13
CA THR A 119 49.87 17.17 -11.04
C THR A 119 51.37 16.90 -10.90
N GLY A 120 51.87 16.82 -9.68
CA GLY A 120 53.32 16.68 -9.43
C GLY A 120 53.73 15.26 -9.08
N ILE A 121 54.84 14.82 -9.68
CA ILE A 121 55.27 13.43 -9.60
C ILE A 121 55.90 13.11 -8.24
N ASP A 122 56.66 14.04 -7.67
CA ASP A 122 57.35 13.73 -6.41
C ASP A 122 56.37 13.63 -5.24
N ALA A 123 55.08 13.83 -5.48
CA ALA A 123 54.06 13.54 -4.48
C ALA A 123 53.98 12.03 -4.23
N ASP A 124 53.92 11.64 -2.95
CA ASP A 124 54.03 10.23 -2.58
C ASP A 124 52.77 9.44 -2.88
N ILE A 125 51.63 10.09 -3.09
CA ILE A 125 50.38 9.42 -3.44
C ILE A 125 49.90 9.96 -4.77
N ILE A 126 49.60 9.06 -5.70
CA ILE A 126 49.29 9.46 -7.08
C ILE A 126 48.02 8.79 -7.57
N VAL A 127 46.96 9.59 -7.77
CA VAL A 127 45.71 9.18 -8.41
C VAL A 127 45.74 9.56 -9.88
N GLY A 128 44.97 8.86 -10.71
CA GLY A 128 44.93 9.21 -12.12
C GLY A 128 43.88 8.46 -12.91
N THR A 129 43.61 8.97 -14.11
CA THR A 129 42.72 8.25 -15.03
C THR A 129 43.49 7.22 -15.85
N TYR A 130 42.80 6.57 -16.79
CA TYR A 130 43.48 5.61 -17.65
C TYR A 130 44.17 6.29 -18.84
N GLU A 131 43.42 7.09 -19.60
CA GLU A 131 44.01 7.79 -20.75
C GLU A 131 44.99 8.87 -20.32
N GLY A 132 44.67 9.61 -19.25
CA GLY A 132 45.53 10.68 -18.80
C GLY A 132 46.88 10.21 -18.32
N ILE A 133 47.02 8.91 -18.07
CA ILE A 133 48.28 8.31 -17.64
C ILE A 133 48.95 7.56 -18.78
N ASP A 134 48.14 6.88 -19.60
CA ASP A 134 48.70 6.27 -20.79
C ASP A 134 49.28 7.33 -21.71
N TYR A 135 48.74 8.55 -21.67
CA TYR A 135 49.31 9.66 -22.41
C TYR A 135 50.72 9.98 -21.95
N LEU A 136 50.97 9.91 -20.63
CA LEU A 136 52.29 10.23 -20.11
C LEU A 136 53.28 9.11 -20.41
N LEU A 137 52.82 7.86 -20.31
CA LEU A 137 53.74 6.77 -20.60
C LEU A 137 54.04 6.68 -22.09
N ARG A 138 53.09 7.01 -22.96
CA ARG A 138 53.38 7.11 -24.37
C ARG A 138 54.32 8.27 -24.67
N ALA A 139 54.51 9.17 -23.71
CA ALA A 139 55.55 10.19 -23.80
C ALA A 139 56.87 9.73 -23.21
N GLY A 140 56.94 8.49 -22.71
CA GLY A 140 58.18 7.98 -22.17
C GLY A 140 58.59 8.57 -20.84
N ARG A 141 57.65 9.08 -20.06
CA ARG A 141 57.96 9.67 -18.76
C ARG A 141 57.84 8.61 -17.67
N LYS A 142 58.75 8.65 -16.69
CA LYS A 142 58.78 7.70 -15.59
C LYS A 142 58.25 8.34 -14.30
N ILE A 143 57.66 7.51 -13.46
CA ILE A 143 57.15 7.94 -12.16
C ILE A 143 58.14 7.68 -11.03
N GLY A 144 58.75 6.49 -11.02
CA GLY A 144 59.83 6.22 -10.08
C GLY A 144 59.49 5.31 -8.92
N ASN A 145 59.30 5.91 -7.74
CA ASN A 145 59.22 5.16 -6.48
C ASN A 145 57.84 4.59 -6.21
N VAL A 146 57.25 3.88 -7.18
CA VAL A 146 55.90 3.35 -7.05
C VAL A 146 55.99 1.89 -6.61
N GLY A 147 55.46 1.59 -5.42
CA GLY A 147 55.52 0.25 -4.87
C GLY A 147 54.23 -0.53 -4.94
N THR A 148 53.13 0.15 -5.23
CA THR A 148 51.84 -0.50 -5.25
C THR A 148 51.00 0.07 -6.39
N ILE A 149 50.31 -0.81 -7.11
CA ILE A 149 49.56 -0.42 -8.29
C ILE A 149 48.15 -0.99 -8.20
N VAL A 150 47.15 -0.11 -8.21
CA VAL A 150 45.75 -0.47 -7.99
C VAL A 150 44.91 -0.01 -9.18
N ILE A 151 43.95 -0.85 -9.59
CA ILE A 151 43.03 -0.53 -10.69
C ILE A 151 41.58 -0.76 -10.25
N ASP A 152 40.87 0.32 -9.93
CA ASP A 152 39.45 0.25 -9.61
C ASP A 152 38.63 0.11 -10.88
N GLU A 153 37.40 -0.38 -10.70
CA GLU A 153 36.40 -0.51 -11.76
C GLU A 153 37.06 -0.95 -13.06
N ILE A 154 37.74 -2.08 -12.96
CA ILE A 154 38.61 -2.54 -14.02
C ILE A 154 37.83 -3.29 -15.10
N HIS A 155 36.67 -3.86 -14.74
CA HIS A 155 35.88 -4.64 -15.69
C HIS A 155 35.51 -3.85 -16.92
N THR A 156 35.82 -2.55 -16.95
CA THR A 156 35.71 -1.72 -18.14
C THR A 156 36.51 -2.30 -19.31
N LEU A 157 37.26 -3.37 -19.08
CA LEU A 157 37.93 -4.08 -20.16
C LEU A 157 36.95 -4.72 -21.12
N ASP A 158 35.83 -5.26 -20.62
CA ASP A 158 34.87 -5.86 -21.54
C ASP A 158 34.34 -4.84 -22.53
N ASP A 159 34.17 -3.59 -22.08
CA ASP A 159 33.85 -2.53 -23.01
C ASP A 159 34.94 -2.45 -24.08
N GLU A 160 34.53 -2.50 -25.33
CA GLU A 160 35.43 -2.78 -26.44
C GLU A 160 36.12 -1.54 -26.99
N GLU A 161 35.99 -0.39 -26.33
CA GLU A 161 36.75 0.80 -26.69
C GLU A 161 37.94 1.02 -25.77
N ARG A 162 37.70 1.12 -24.46
CA ARG A 162 38.77 1.37 -23.50
C ARG A 162 39.50 0.11 -23.09
N GLY A 163 38.88 -1.06 -23.23
CA GLY A 163 39.47 -2.31 -22.83
C GLY A 163 40.84 -2.64 -23.42
N PRO A 164 41.01 -2.47 -24.74
CA PRO A 164 42.30 -2.87 -25.34
C PRO A 164 43.46 -1.97 -24.97
N ARG A 165 43.29 -0.64 -24.99
CA ARG A 165 44.34 0.24 -24.50
C ARG A 165 44.66 -0.05 -23.04
N LEU A 166 43.66 -0.42 -22.24
CA LEU A 166 43.90 -0.81 -20.87
C LEU A 166 44.75 -2.07 -20.78
N ASP A 167 44.46 -3.08 -21.61
CA ASP A 167 45.27 -4.29 -21.65
C ASP A 167 46.73 -3.98 -21.97
N GLY A 168 46.96 -3.17 -23.01
CA GLY A 168 48.31 -2.81 -23.37
C GLY A 168 49.02 -2.02 -22.30
N LEU A 169 48.31 -1.06 -21.69
CA LEU A 169 48.88 -0.27 -20.60
C LEU A 169 49.28 -1.16 -19.44
N ILE A 170 48.46 -2.16 -19.12
CA ILE A 170 48.75 -3.03 -17.99
C ILE A 170 49.95 -3.93 -18.28
N ALA A 171 50.07 -4.43 -19.51
CA ALA A 171 51.26 -5.21 -19.84
C ALA A 171 52.52 -4.36 -19.72
N ARG A 172 52.46 -3.11 -20.20
CA ARG A 172 53.60 -2.21 -20.05
C ARG A 172 53.93 -1.98 -18.57
N LEU A 173 52.91 -1.80 -17.72
CA LEU A 173 53.15 -1.51 -16.32
C LEU A 173 53.64 -2.72 -15.55
N ARG A 174 53.21 -3.91 -15.93
CA ARG A 174 53.83 -5.11 -15.39
C ARG A 174 55.30 -5.13 -15.76
N LYS A 175 55.63 -4.68 -16.96
CA LYS A 175 57.04 -4.58 -17.33
C LYS A 175 57.77 -3.53 -16.48
N LEU A 176 57.10 -2.41 -16.17
CA LEU A 176 57.77 -1.32 -15.46
C LEU A 176 58.07 -1.66 -14.00
N TYR A 177 57.02 -1.89 -13.20
CA TYR A 177 57.14 -2.08 -11.76
C TYR A 177 56.70 -3.49 -11.39
N PRO A 178 57.59 -4.48 -11.52
CA PRO A 178 57.20 -5.87 -11.23
C PRO A 178 57.23 -6.20 -9.75
N LYS A 179 58.12 -5.55 -9.00
CA LYS A 179 58.16 -5.76 -7.56
C LYS A 179 56.91 -5.24 -6.87
N ALA A 180 56.17 -4.34 -7.53
CA ALA A 180 55.03 -3.68 -6.92
C ALA A 180 53.94 -4.69 -6.61
N GLN A 181 53.15 -4.39 -5.58
CA GLN A 181 51.99 -5.21 -5.25
C GLN A 181 50.82 -4.74 -6.11
N PHE A 182 50.28 -5.67 -6.91
CA PHE A 182 49.24 -5.36 -7.89
C PHE A 182 47.89 -5.74 -7.31
N ILE A 183 46.93 -4.81 -7.36
CA ILE A 183 45.57 -5.03 -6.87
C ILE A 183 44.58 -4.69 -7.99
N GLY A 184 43.75 -5.67 -8.35
CA GLY A 184 42.69 -5.39 -9.32
C GLY A 184 41.29 -5.42 -8.73
N LEU A 185 40.65 -4.27 -8.65
CA LEU A 185 39.34 -4.14 -8.04
C LEU A 185 38.28 -4.21 -9.14
N SER A 186 37.22 -4.97 -8.88
CA SER A 186 36.18 -5.04 -9.88
C SER A 186 34.84 -5.30 -9.20
N ALA A 187 33.78 -4.74 -9.76
CA ALA A 187 32.46 -5.28 -9.49
C ALA A 187 32.40 -6.70 -10.03
N THR A 188 31.33 -7.42 -9.67
CA THR A 188 31.25 -8.82 -10.02
C THR A 188 31.18 -9.00 -11.54
N VAL A 189 31.90 -10.02 -12.05
CA VAL A 189 31.88 -10.42 -13.46
C VAL A 189 31.77 -11.94 -13.55
N GLY A 190 31.77 -12.45 -14.77
CA GLY A 190 31.33 -13.81 -15.01
C GLY A 190 32.34 -14.95 -14.93
N ASN A 191 33.62 -14.68 -15.19
CA ASN A 191 34.64 -15.72 -15.32
C ASN A 191 35.83 -15.45 -14.43
N PRO A 192 35.62 -15.42 -13.10
CA PRO A 192 36.74 -15.07 -12.21
C PRO A 192 37.85 -16.10 -12.19
N ASP A 193 37.53 -17.39 -12.25
CA ASP A 193 38.55 -18.43 -12.11
C ASP A 193 39.57 -18.36 -13.25
N GLU A 194 39.09 -18.58 -14.48
CA GLU A 194 39.99 -18.61 -15.62
C GLU A 194 40.66 -17.26 -15.86
N LEU A 195 39.91 -16.17 -15.71
CA LEU A 195 40.47 -14.86 -15.98
C LEU A 195 41.56 -14.51 -14.97
N ALA A 196 41.28 -14.71 -13.67
CA ALA A 196 42.30 -14.55 -12.65
C ALA A 196 43.52 -15.40 -12.95
N LYS A 197 43.30 -16.61 -13.48
CA LYS A 197 44.43 -17.42 -13.95
C LYS A 197 45.25 -16.68 -15.00
N GLU A 198 44.57 -16.03 -15.96
CA GLU A 198 45.28 -15.33 -17.04
C GLU A 198 46.05 -14.08 -16.59
N LEU A 199 46.14 -13.78 -15.29
CA LEU A 199 46.87 -12.63 -14.79
C LEU A 199 47.95 -12.95 -13.77
N GLY A 200 47.91 -14.12 -13.15
CA GLY A 200 48.79 -14.41 -12.03
C GLY A 200 48.40 -13.69 -10.76
N LEU A 201 47.10 -13.65 -10.45
CA LEU A 201 46.58 -12.93 -9.30
C LEU A 201 45.71 -13.87 -8.48
N LYS A 202 45.97 -13.95 -7.18
CA LYS A 202 45.11 -14.74 -6.30
C LYS A 202 43.72 -14.14 -6.29
N LEU A 203 42.70 -15.00 -6.45
CA LEU A 203 41.33 -14.58 -6.68
C LEU A 203 40.56 -14.43 -5.38
N VAL A 204 39.77 -13.35 -5.29
CA VAL A 204 38.89 -13.10 -4.15
C VAL A 204 37.49 -12.90 -4.72
N LEU A 205 36.67 -13.95 -4.67
CA LEU A 205 35.28 -13.89 -5.11
C LEU A 205 34.41 -13.42 -3.96
N TYR A 206 33.48 -12.50 -4.26
CA TYR A 206 32.43 -12.17 -3.29
C TYR A 206 31.16 -11.88 -4.09
N ASP A 207 30.34 -12.93 -4.27
CA ASP A 207 29.10 -12.85 -5.03
C ASP A 207 27.93 -12.41 -4.18
N GLU A 208 28.01 -12.56 -2.87
CA GLU A 208 26.92 -12.16 -2.00
C GLU A 208 26.58 -10.70 -2.22
N ARG A 209 25.30 -10.40 -2.06
CA ARG A 209 24.90 -9.01 -2.02
C ARG A 209 25.09 -8.51 -0.61
N PRO A 210 25.86 -7.43 -0.40
CA PRO A 210 25.97 -6.89 0.97
C PRO A 210 24.61 -6.58 1.55
N VAL A 211 23.67 -6.14 0.73
CA VAL A 211 22.28 -5.96 1.12
C VAL A 211 21.44 -6.81 0.17
N ASP A 212 20.91 -7.92 0.69
CA ASP A 212 20.11 -8.81 -0.13
C ASP A 212 18.75 -8.15 -0.37
N LEU A 213 18.43 -7.89 -1.64
CA LEU A 213 17.29 -7.07 -2.02
C LEU A 213 15.97 -7.82 -1.90
N GLU A 214 14.89 -7.04 -1.93
CA GLU A 214 13.53 -7.57 -2.05
C GLU A 214 12.97 -7.08 -3.38
N ARG A 215 12.61 -8.00 -4.26
CA ARG A 215 12.36 -7.71 -5.66
C ARG A 215 10.89 -7.91 -5.98
N HIS A 216 10.29 -6.91 -6.61
CA HIS A 216 8.87 -6.94 -6.99
C HIS A 216 8.73 -6.49 -8.44
N ILE A 217 7.65 -6.93 -9.08
CA ILE A 217 7.35 -6.51 -10.45
C ILE A 217 5.93 -6.00 -10.55
N ILE A 218 5.68 -5.29 -11.65
CA ILE A 218 4.35 -4.83 -12.05
C ILE A 218 4.25 -5.06 -13.55
N ILE A 219 3.02 -5.15 -14.04
CA ILE A 219 2.72 -5.20 -15.47
C ILE A 219 1.81 -4.04 -15.83
N VAL A 220 2.01 -3.50 -17.03
CA VAL A 220 1.14 -2.48 -17.59
C VAL A 220 0.86 -2.87 -19.03
N ARG A 221 -0.26 -2.38 -19.55
CA ARG A 221 -0.69 -2.67 -20.92
C ARG A 221 -0.31 -1.55 -21.88
N ASN A 222 0.12 -0.41 -21.37
CA ASN A 222 0.62 0.68 -22.20
C ASN A 222 1.57 1.53 -21.36
N GLU A 223 2.12 2.57 -21.99
CA GLU A 223 3.07 3.44 -21.32
C GLU A 223 2.39 4.34 -20.29
N SER A 224 1.15 4.79 -20.55
CA SER A 224 0.52 5.77 -19.66
C SER A 224 0.13 5.15 -18.32
N GLU A 225 -0.42 3.93 -18.35
CA GLU A 225 -0.64 3.21 -17.09
C GLU A 225 0.69 2.93 -16.40
N LYS A 226 1.74 2.66 -17.18
CA LYS A 226 3.07 2.48 -16.62
C LYS A 226 3.50 3.69 -15.80
N TRP A 227 3.36 4.89 -16.35
CA TRP A 227 3.81 6.07 -15.63
C TRP A 227 2.86 6.45 -14.49
N ARG A 228 1.56 6.17 -14.63
CA ARG A 228 0.67 6.30 -13.49
C ARG A 228 1.12 5.41 -12.33
N HIS A 229 1.42 4.14 -12.62
CA HIS A 229 1.95 3.26 -11.60
C HIS A 229 3.27 3.77 -11.04
N ILE A 230 4.11 4.37 -11.88
CA ILE A 230 5.37 4.92 -11.39
C ILE A 230 5.11 6.04 -10.40
N ALA A 231 4.19 6.95 -10.73
CA ALA A 231 3.84 8.00 -9.80
C ALA A 231 3.32 7.43 -8.50
N ASN A 232 2.43 6.43 -8.59
CA ASN A 232 1.88 5.83 -7.38
C ASN A 232 2.95 5.14 -6.55
N LEU A 233 3.86 4.41 -7.20
CA LEU A 233 4.91 3.72 -6.47
C LEU A 233 5.82 4.71 -5.76
N CYS A 234 6.17 5.81 -6.41
CA CYS A 234 7.08 6.77 -5.79
C CYS A 234 6.40 7.55 -4.67
N ARG A 235 5.11 7.85 -4.83
CA ARG A 235 4.34 8.43 -3.74
C ARG A 235 4.26 7.47 -2.55
N ALA A 236 4.04 6.19 -2.82
CA ALA A 236 3.87 5.22 -1.76
C ALA A 236 5.18 4.93 -1.03
N GLU A 237 6.28 4.76 -1.78
CA GLU A 237 7.58 4.62 -1.12
C GLU A 237 7.93 5.89 -0.39
N ALA A 238 7.45 7.06 -0.88
CA ALA A 238 7.61 8.31 -0.16
C ALA A 238 6.88 8.32 1.18
N MET A 239 5.91 7.42 1.38
CA MET A 239 5.26 7.23 2.67
C MET A 239 5.83 5.94 3.24
N ARG A 240 6.96 6.07 3.90
CA ARG A 240 7.53 4.98 4.67
C ARG A 240 8.28 5.66 5.79
N LYS A 241 8.52 4.95 6.88
CA LYS A 241 9.31 5.57 7.93
C LYS A 241 10.13 4.51 8.63
N SER A 242 11.33 4.90 9.04
CA SER A 242 12.04 4.15 10.05
C SER A 242 11.39 4.42 11.40
N LYS A 243 11.96 3.86 12.46
CA LYS A 243 11.53 4.21 13.81
C LYS A 243 11.46 5.73 13.98
N GLN A 244 12.42 6.44 13.40
CA GLN A 244 12.41 7.90 13.39
C GLN A 244 11.43 8.42 12.34
N GLY A 245 11.02 9.67 12.52
CA GLY A 245 10.18 10.29 11.53
C GLY A 245 10.95 10.32 10.22
N TYR A 246 10.46 9.62 9.20
CA TYR A 246 11.17 9.51 7.94
C TYR A 246 10.35 9.86 6.71
N LYS A 247 10.90 9.54 5.54
CA LYS A 247 10.21 9.43 4.25
C LYS A 247 10.89 8.33 3.45
N GLY A 248 10.55 8.24 2.17
CA GLY A 248 11.15 7.28 1.27
C GLY A 248 11.47 7.87 -0.09
N GLN A 249 12.62 7.50 -0.64
CA GLN A 249 13.13 8.13 -1.85
C GLN A 249 13.41 7.08 -2.91
N SER A 250 13.20 7.47 -4.17
CA SER A 250 13.09 6.50 -5.25
C SER A 250 13.90 6.95 -6.46
N ILE A 251 14.42 5.96 -7.20
CA ILE A 251 15.16 6.19 -8.43
C ILE A 251 14.44 5.49 -9.59
N VAL A 252 14.54 6.08 -10.78
CA VAL A 252 13.92 5.57 -12.01
C VAL A 252 14.99 5.47 -13.10
N PHE A 253 15.31 4.25 -13.54
CA PHE A 253 16.21 4.03 -14.67
C PHE A 253 15.36 3.93 -15.92
N THR A 254 15.28 5.01 -16.67
CA THR A 254 14.60 5.01 -17.96
C THR A 254 15.64 4.67 -19.02
N PHE A 255 15.36 4.97 -20.30
CA PHE A 255 16.23 4.56 -21.39
C PHE A 255 16.91 5.71 -22.16
N SER A 256 16.37 6.93 -22.15
CA SER A 256 17.05 8.07 -22.77
C SER A 256 17.01 9.26 -21.81
N ARG A 257 17.79 10.29 -22.12
CA ARG A 257 17.86 11.47 -21.25
C ARG A 257 16.63 12.36 -21.40
N LYS A 258 16.19 12.55 -22.64
CA LYS A 258 14.93 13.23 -22.89
C LYS A 258 13.79 12.59 -22.09
N ARG A 259 13.84 11.26 -21.93
CA ARG A 259 12.85 10.57 -21.12
C ARG A 259 13.02 10.89 -19.62
N THR A 260 14.26 11.02 -19.13
CA THR A 260 14.42 11.44 -17.73
C THR A 260 13.75 12.79 -17.51
N HIS A 261 13.94 13.72 -18.43
CA HIS A 261 13.31 15.03 -18.30
C HIS A 261 11.79 14.91 -18.34
N GLU A 262 11.25 14.20 -19.32
CA GLU A 262 9.80 14.06 -19.45
C GLU A 262 9.20 13.48 -18.17
N LEU A 263 9.78 12.38 -17.69
CA LEU A 263 9.26 11.73 -16.50
C LEU A 263 9.40 12.62 -15.26
N ALA A 264 10.53 13.32 -15.13
CA ALA A 264 10.78 14.13 -13.94
C ALA A 264 9.80 15.30 -13.84
N ALA A 265 9.57 16.01 -14.95
CA ALA A 265 8.57 17.08 -14.88
C ALA A 265 7.16 16.53 -14.72
N TYR A 266 6.86 15.35 -15.28
CA TYR A 266 5.56 14.72 -15.05
C TYR A 266 5.32 14.48 -13.56
N LEU A 267 6.26 13.82 -12.91
CA LEU A 267 6.07 13.54 -11.49
C LEU A 267 6.18 14.80 -10.64
N THR A 268 6.85 15.84 -11.14
CA THR A 268 6.73 17.15 -10.49
C THR A 268 5.29 17.64 -10.55
N SER A 269 4.63 17.42 -11.70
CA SER A 269 3.21 17.75 -11.86
C SER A 269 2.30 16.92 -10.97
N LYS A 270 2.76 15.74 -10.56
CA LYS A 270 2.08 14.98 -9.54
C LYS A 270 2.51 15.37 -8.12
N GLY A 271 3.03 16.58 -7.95
CA GLY A 271 3.44 17.09 -6.65
C GLY A 271 4.68 16.47 -6.05
N LEU A 272 5.20 15.38 -6.62
CA LEU A 272 6.41 14.76 -6.09
C LEU A 272 7.63 15.63 -6.36
N LYS A 273 8.52 15.71 -5.37
CA LYS A 273 9.79 16.44 -5.52
C LYS A 273 10.73 15.59 -6.37
N ALA A 274 10.67 15.78 -7.70
CA ALA A 274 11.36 14.92 -8.64
C ALA A 274 12.22 15.71 -9.60
N LYS A 275 13.38 15.16 -9.96
CA LYS A 275 14.30 15.82 -10.88
C LYS A 275 15.11 14.78 -11.64
N PRO A 276 15.70 15.16 -12.79
CA PRO A 276 16.54 14.23 -13.55
C PRO A 276 18.04 14.34 -13.24
N TYR A 277 18.80 13.40 -13.80
CA TYR A 277 20.24 13.32 -13.54
C TYR A 277 20.92 12.52 -14.63
N HIS A 278 21.92 13.13 -15.29
CA HIS A 278 22.79 12.45 -16.23
C HIS A 278 23.96 13.39 -16.56
N SER A 279 24.84 12.92 -17.45
CA SER A 279 26.10 13.63 -17.71
C SER A 279 25.87 14.96 -18.42
N GLY A 280 25.00 15.00 -19.42
CA GLY A 280 24.90 16.12 -20.33
C GLY A 280 24.39 17.41 -19.70
N LEU A 281 24.36 17.45 -18.37
CA LEU A 281 23.85 18.53 -17.54
C LEU A 281 24.99 19.40 -17.02
N PRO A 282 24.77 20.72 -16.89
CA PRO A 282 25.78 21.59 -16.29
C PRO A 282 26.16 21.09 -14.91
N TYR A 283 27.46 21.04 -14.64
CA TYR A 283 27.92 20.44 -13.39
C TYR A 283 27.32 21.12 -12.17
N LYS A 284 27.07 22.43 -12.26
CA LYS A 284 26.47 23.23 -11.19
C LYS A 284 25.23 22.54 -10.59
N GLN A 285 24.17 22.43 -11.38
CA GLN A 285 22.93 21.84 -10.90
C GLN A 285 23.02 20.32 -10.78
N ARG A 286 23.93 19.67 -11.50
CA ARG A 286 24.08 18.21 -11.34
C ARG A 286 24.53 17.85 -9.94
N LYS A 287 25.67 18.39 -9.49
CA LYS A 287 26.06 18.08 -8.13
C LYS A 287 25.21 18.83 -7.11
N LEU A 288 24.58 19.94 -7.51
CA LEU A 288 23.54 20.55 -6.68
C LEU A 288 22.46 19.53 -6.34
N THR A 289 21.97 18.81 -7.37
CA THR A 289 20.89 17.84 -7.20
C THR A 289 21.36 16.55 -6.53
N GLU A 290 22.60 16.11 -6.80
CA GLU A 290 23.16 15.02 -5.99
C GLU A 290 23.04 15.39 -4.52
N MET A 291 23.49 16.60 -4.17
CA MET A 291 23.43 17.04 -2.78
C MET A 291 21.99 17.11 -2.28
N GLU A 292 21.07 17.61 -3.12
CA GLU A 292 19.68 17.81 -2.70
C GLU A 292 19.00 16.49 -2.38
N PHE A 293 19.20 15.48 -3.24
CA PHE A 293 18.66 14.15 -2.98
C PHE A 293 19.28 13.53 -1.75
N LEU A 294 20.59 13.75 -1.53
CA LEU A 294 21.26 13.18 -0.37
C LEU A 294 20.56 13.59 0.93
N ALA A 295 20.16 14.87 1.04
CA ALA A 295 19.73 15.44 2.32
C ALA A 295 18.23 15.29 2.58
N GLN A 296 17.59 14.26 2.02
CA GLN A 296 16.16 13.98 2.22
C GLN A 296 15.29 15.10 1.66
N ARG A 297 15.80 15.83 0.67
CA ARG A 297 14.99 16.87 0.06
C ARG A 297 14.21 16.35 -1.14
N LEU A 298 14.90 15.72 -2.09
CA LEU A 298 14.19 15.18 -3.23
C LEU A 298 13.52 13.87 -2.86
N ASP A 299 12.57 13.48 -3.71
CA ASP A 299 11.83 12.22 -3.61
C ASP A 299 12.18 11.25 -4.73
N VAL A 300 12.29 11.74 -5.95
CA VAL A 300 12.46 10.91 -7.14
C VAL A 300 13.60 11.45 -7.99
N VAL A 301 14.48 10.55 -8.43
CA VAL A 301 15.56 10.89 -9.35
C VAL A 301 15.43 10.06 -10.62
N VAL A 302 15.33 10.73 -11.76
CA VAL A 302 15.10 10.07 -13.04
C VAL A 302 16.40 10.08 -13.82
N THR A 303 16.93 8.89 -14.11
CA THR A 303 18.26 8.75 -14.66
C THR A 303 18.29 7.59 -15.65
N THR A 304 19.47 7.37 -16.23
CA THR A 304 19.79 6.21 -17.03
C THR A 304 20.89 5.42 -16.33
N ALA A 305 21.35 4.36 -16.96
CA ALA A 305 22.48 3.64 -16.38
C ALA A 305 23.84 4.42 -16.51
N ALA A 306 23.79 5.67 -16.97
CA ALA A 306 24.95 6.56 -17.06
C ALA A 306 25.51 6.87 -15.68
N LEU A 307 24.92 6.25 -14.66
CA LEU A 307 25.40 6.34 -13.28
C LEU A 307 26.62 5.45 -13.10
N GLY A 308 27.77 5.97 -13.49
CA GLY A 308 29.03 5.32 -13.19
C GLY A 308 29.34 5.45 -11.72
N ALA A 309 30.49 4.93 -11.34
CA ALA A 309 30.91 5.07 -9.96
C ALA A 309 31.22 6.54 -9.68
N GLY A 310 31.59 6.82 -8.43
CA GLY A 310 31.79 8.19 -7.98
C GLY A 310 30.52 8.95 -7.69
N VAL A 311 29.38 8.51 -8.22
CA VAL A 311 28.10 9.11 -7.91
C VAL A 311 27.59 8.43 -6.64
N ASP A 312 27.79 9.09 -5.50
CA ASP A 312 27.39 8.57 -4.21
C ASP A 312 25.90 8.87 -4.03
N PHE A 313 25.05 7.84 -4.20
CA PHE A 313 23.61 8.07 -4.29
C PHE A 313 22.75 7.07 -3.53
N PRO A 314 22.18 7.49 -2.39
CA PRO A 314 21.30 6.60 -1.62
C PRO A 314 19.81 6.70 -1.95
N ALA A 315 19.20 5.57 -2.26
CA ALA A 315 17.78 5.46 -2.50
C ALA A 315 17.21 4.30 -1.69
N SER A 316 15.94 4.44 -1.32
CA SER A 316 15.22 3.35 -0.66
C SER A 316 14.58 2.38 -1.64
N GLN A 317 14.46 2.75 -2.91
CA GLN A 317 13.72 1.94 -3.85
C GLN A 317 14.11 2.30 -5.26
N VAL A 318 14.28 1.28 -6.12
CA VAL A 318 14.60 1.51 -7.52
C VAL A 318 13.45 1.03 -8.39
N ILE A 319 13.25 1.71 -9.52
CA ILE A 319 12.21 1.42 -10.49
C ILE A 319 12.81 1.49 -11.88
N PHE A 320 12.50 0.52 -12.72
CA PHE A 320 12.96 0.45 -14.10
C PHE A 320 11.77 0.67 -15.02
N GLU A 321 11.64 1.89 -15.51
CA GLU A 321 10.63 2.14 -16.54
C GLU A 321 10.89 1.29 -17.78
N SER A 322 12.17 1.06 -18.09
CA SER A 322 12.52 0.31 -19.29
C SER A 322 13.84 -0.39 -19.04
N LEU A 323 14.20 -1.26 -19.97
CA LEU A 323 15.41 -2.07 -19.88
C LEU A 323 16.33 -1.85 -21.07
N ALA A 324 16.29 -0.67 -21.67
CA ALA A 324 17.13 -0.40 -22.81
C ALA A 324 18.02 0.78 -22.50
N MET A 325 19.08 0.92 -23.29
CA MET A 325 19.94 2.11 -23.29
C MET A 325 20.17 2.49 -24.75
N GLY A 326 19.36 3.40 -25.24
CA GLY A 326 19.30 3.68 -26.68
C GLY A 326 18.25 2.81 -27.37
N ASN A 327 18.70 1.92 -28.25
CA ASN A 327 17.84 0.85 -28.73
C ASN A 327 18.46 -0.52 -28.42
N LYS A 328 19.34 -0.58 -27.42
CA LYS A 328 20.00 -1.80 -26.98
C LYS A 328 19.48 -2.20 -25.61
N TRP A 329 19.02 -3.44 -25.51
CA TRP A 329 18.63 -3.97 -24.21
C TRP A 329 19.84 -4.01 -23.28
N LEU A 330 19.61 -3.72 -22.00
CA LEU A 330 20.65 -3.71 -20.98
C LEU A 330 21.40 -5.04 -20.93
N SER A 331 22.61 -5.00 -20.38
CA SER A 331 23.34 -6.21 -20.07
C SER A 331 23.02 -6.64 -18.63
N VAL A 332 23.27 -7.92 -18.35
CA VAL A 332 23.00 -8.44 -17.01
C VAL A 332 23.88 -7.74 -15.98
N ARG A 333 25.17 -7.54 -16.31
CA ARG A 333 26.06 -6.80 -15.43
C ARG A 333 25.62 -5.35 -15.28
N GLU A 334 25.20 -4.73 -16.38
CA GLU A 334 24.67 -3.36 -16.30
C GLU A 334 23.47 -3.31 -15.38
N PHE A 335 22.52 -4.21 -15.59
CA PHE A 335 21.32 -4.23 -14.77
C PHE A 335 21.67 -4.48 -13.30
N HIS A 336 22.60 -5.41 -13.05
CA HIS A 336 23.02 -5.70 -11.70
C HIS A 336 23.63 -4.49 -11.02
N GLN A 337 24.50 -3.75 -11.72
CA GLN A 337 25.06 -2.54 -11.12
C GLN A 337 23.99 -1.47 -10.95
N MET A 338 22.92 -1.51 -11.75
CA MET A 338 21.80 -0.61 -11.52
C MET A 338 21.06 -0.98 -10.24
N LEU A 339 21.01 -2.27 -9.94
CA LEU A 339 20.49 -2.71 -8.65
C LEU A 339 21.46 -2.42 -7.51
N GLY A 340 22.75 -2.33 -7.81
CA GLY A 340 23.75 -2.00 -6.82
C GLY A 340 23.65 -0.60 -6.29
N ARG A 341 22.72 0.19 -6.83
CA ARG A 341 22.27 1.44 -6.23
C ARG A 341 20.86 1.31 -5.67
N ALA A 342 20.35 0.08 -5.55
CA ALA A 342 19.29 -0.32 -4.64
C ALA A 342 19.88 -1.15 -3.50
N GLY A 343 19.14 -1.23 -2.40
CA GLY A 343 19.54 -2.08 -1.29
C GLY A 343 20.55 -1.49 -0.33
N ARG A 344 21.82 -1.45 -0.72
CA ARG A 344 22.81 -0.71 0.06
C ARG A 344 22.35 0.73 0.32
N PRO A 345 21.78 1.45 -0.64
CA PRO A 345 21.43 2.85 -0.39
C PRO A 345 20.38 3.05 0.69
N LEU A 346 19.47 2.11 0.89
CA LEU A 346 18.55 2.23 2.01
C LEU A 346 19.31 1.94 3.31
N TYR A 347 19.48 2.98 4.13
CA TYR A 347 20.07 2.84 5.44
C TYR A 347 19.30 1.87 6.35
N HIS A 348 17.98 2.00 6.40
CA HIS A 348 17.15 1.16 7.28
C HIS A 348 16.63 -0.16 6.71
N GLU A 349 15.72 -0.07 5.74
CA GLU A 349 15.00 -1.22 5.23
C GLU A 349 15.74 -1.92 4.09
N LYS A 350 15.41 -3.20 3.91
CA LYS A 350 16.02 -4.05 2.88
C LYS A 350 15.39 -3.61 1.57
N GLY A 351 16.20 -3.01 0.70
CA GLY A 351 15.73 -2.31 -0.50
C GLY A 351 14.74 -3.04 -1.38
N LYS A 352 13.97 -2.25 -2.11
CA LYS A 352 12.88 -2.73 -2.95
C LYS A 352 13.11 -2.30 -4.40
N VAL A 353 12.67 -3.17 -5.30
CA VAL A 353 12.88 -2.98 -6.73
C VAL A 353 11.56 -3.22 -7.43
N TYR A 354 11.24 -2.38 -8.41
CA TYR A 354 10.01 -2.50 -9.19
C TYR A 354 10.36 -2.23 -10.65
N LEU A 355 10.00 -3.17 -11.51
CA LEU A 355 10.23 -3.05 -12.95
C LEU A 355 8.90 -3.08 -13.68
N LEU A 356 8.74 -2.17 -14.65
CA LEU A 356 7.46 -2.02 -15.32
C LEU A 356 7.58 -2.51 -16.77
N VAL A 357 6.63 -3.39 -17.15
CA VAL A 357 6.72 -4.24 -18.34
C VAL A 357 5.47 -4.06 -19.19
N GLU A 358 5.66 -3.66 -20.45
CA GLU A 358 4.62 -3.73 -21.45
C GLU A 358 4.80 -4.99 -22.29
N PRO A 359 3.82 -5.90 -22.31
CA PRO A 359 4.03 -7.19 -23.01
C PRO A 359 4.25 -6.99 -24.49
N GLY A 360 5.20 -7.75 -25.04
CA GLY A 360 5.55 -7.65 -26.44
C GLY A 360 6.19 -6.35 -26.84
N ARG A 361 6.45 -5.44 -25.90
CA ARG A 361 6.89 -4.10 -26.22
C ARG A 361 8.35 -4.11 -26.68
N LYS A 362 8.56 -3.79 -27.94
CA LYS A 362 9.88 -3.41 -28.45
C LYS A 362 9.84 -1.92 -28.70
N TYR A 363 10.57 -1.15 -27.88
CA TYR A 363 10.65 0.29 -28.05
C TYR A 363 11.34 0.70 -29.35
N SER A 364 11.86 -0.28 -30.09
CA SER A 364 12.42 -0.09 -31.42
C SER A 364 11.99 -1.29 -32.24
N ALA A 365 12.67 -1.51 -33.36
CA ALA A 365 12.41 -2.67 -34.20
C ALA A 365 13.61 -3.60 -34.35
N GLN A 366 14.81 -3.14 -34.03
CA GLN A 366 16.03 -3.94 -34.16
C GLN A 366 16.41 -4.64 -32.87
N MET A 367 15.74 -4.33 -31.77
CA MET A 367 15.92 -5.08 -30.54
C MET A 367 15.57 -6.56 -30.75
N GLU A 368 16.26 -7.42 -30.03
CA GLU A 368 16.19 -8.87 -30.23
C GLU A 368 15.49 -9.49 -29.02
N GLY A 369 14.18 -9.56 -29.08
CA GLY A 369 13.42 -9.98 -27.92
C GLY A 369 12.58 -8.82 -27.41
N THR A 370 11.37 -9.13 -26.93
CA THR A 370 10.49 -8.11 -26.39
C THR A 370 10.81 -7.88 -24.91
N GLU A 371 10.16 -6.88 -24.31
CA GLU A 371 10.56 -6.45 -22.98
C GLU A 371 10.45 -7.59 -21.97
N ASP A 372 9.49 -8.49 -22.16
CA ASP A 372 9.31 -9.61 -21.26
C ASP A 372 10.49 -10.58 -21.31
N GLU A 373 10.89 -10.96 -22.53
CA GLU A 373 11.98 -11.90 -22.69
C GLU A 373 13.28 -11.33 -22.12
N VAL A 374 13.53 -10.04 -22.39
CA VAL A 374 14.70 -9.35 -21.86
C VAL A 374 14.63 -9.27 -20.33
N ALA A 375 13.42 -9.14 -19.78
CA ALA A 375 13.28 -9.10 -18.32
C ALA A 375 13.72 -10.41 -17.68
N PHE A 376 13.21 -11.53 -18.20
CA PHE A 376 13.63 -12.82 -17.65
C PHE A 376 15.12 -13.01 -17.80
N LYS A 377 15.64 -12.68 -18.99
CA LYS A 377 17.08 -12.70 -19.25
C LYS A 377 17.87 -12.00 -18.15
N LEU A 378 17.58 -10.71 -17.92
CA LEU A 378 18.35 -9.94 -16.96
C LEU A 378 18.25 -10.50 -15.55
N LEU A 379 17.05 -10.94 -15.14
CA LEU A 379 16.93 -11.31 -13.73
C LEU A 379 17.56 -12.65 -13.42
N THR A 380 17.40 -13.65 -14.28
CA THR A 380 17.79 -14.99 -13.89
C THR A 380 19.15 -15.43 -14.43
N ALA A 381 19.78 -14.60 -15.23
CA ALA A 381 21.10 -14.96 -15.71
C ALA A 381 22.14 -14.66 -14.65
N PRO A 382 23.29 -15.33 -14.73
CA PRO A 382 24.50 -14.82 -14.09
C PRO A 382 25.19 -13.82 -15.02
N ILE A 383 26.26 -13.21 -14.52
CA ILE A 383 26.94 -12.12 -15.20
C ILE A 383 27.84 -12.66 -16.31
N GLU A 384 27.93 -11.92 -17.42
CA GLU A 384 28.65 -12.39 -18.59
C GLU A 384 30.17 -12.38 -18.37
N PRO A 385 30.90 -13.17 -19.15
CA PRO A 385 32.36 -13.09 -19.11
C PRO A 385 32.86 -11.88 -19.90
N VAL A 386 33.90 -11.25 -19.35
CA VAL A 386 34.50 -10.09 -20.02
C VAL A 386 35.07 -10.52 -21.36
N GLN A 387 34.87 -9.68 -22.38
CA GLN A 387 35.27 -9.99 -23.75
C GLN A 387 36.30 -8.95 -24.19
N VAL A 388 37.54 -9.42 -24.40
CA VAL A 388 38.63 -8.60 -24.90
C VAL A 388 39.11 -9.19 -26.22
N GLU A 389 38.85 -8.47 -27.31
CA GLU A 389 39.36 -8.81 -28.63
C GLU A 389 39.95 -7.54 -29.22
N TRP A 390 41.23 -7.57 -29.57
CA TRP A 390 41.91 -6.38 -30.07
C TRP A 390 41.66 -6.26 -31.57
N SER A 391 40.87 -5.27 -31.97
CA SER A 391 40.79 -4.95 -33.38
C SER A 391 42.19 -4.58 -33.86
N ASP A 392 42.44 -4.80 -35.15
CA ASP A 392 43.76 -4.62 -35.74
C ASP A 392 44.45 -3.35 -35.26
N GLU A 393 43.74 -2.22 -35.30
CA GLU A 393 44.33 -0.93 -35.02
C GLU A 393 44.53 -0.68 -33.52
N LEU A 394 43.68 -1.25 -32.66
CA LEU A 394 43.95 -1.19 -31.21
C LEU A 394 45.24 -1.95 -30.88
N GLU A 395 45.43 -3.11 -31.50
CA GLU A 395 46.68 -3.86 -31.36
C GLU A 395 47.86 -3.01 -31.84
N GLN A 396 47.70 -2.36 -33.00
CA GLN A 396 48.78 -1.53 -33.55
C GLN A 396 49.14 -0.37 -32.63
N ASP A 397 48.13 0.32 -32.10
CA ASP A 397 48.39 1.47 -31.23
C ASP A 397 49.00 1.02 -29.91
N ASN A 398 48.57 -0.12 -29.37
CA ASN A 398 49.22 -0.62 -28.16
C ASN A 398 50.66 -1.00 -28.42
N VAL A 399 50.94 -1.56 -29.60
CA VAL A 399 52.33 -1.85 -29.95
C VAL A 399 53.15 -0.57 -30.06
N LEU A 400 52.59 0.45 -30.72
CA LEU A 400 53.30 1.72 -30.83
C LEU A 400 53.52 2.36 -29.46
N ALA A 401 52.58 2.16 -28.54
CA ALA A 401 52.78 2.64 -27.17
C ALA A 401 53.90 1.86 -26.48
N HIS A 402 53.96 0.55 -26.69
CA HIS A 402 55.11 -0.23 -26.22
C HIS A 402 56.40 0.41 -26.69
N SER A 403 56.45 0.75 -27.98
CA SER A 403 57.65 1.36 -28.55
C SER A 403 57.96 2.70 -27.87
N CYS A 404 56.94 3.53 -27.69
CA CYS A 404 57.13 4.83 -27.06
C CYS A 404 57.61 4.68 -25.62
N VAL A 405 57.26 3.58 -24.96
CA VAL A 405 57.76 3.32 -23.61
C VAL A 405 59.11 2.62 -23.72
N PHE A 406 59.12 1.42 -24.29
CA PHE A 406 60.30 0.57 -24.33
C PHE A 406 60.98 0.64 -25.69
N ASN A 407 62.29 0.50 -25.67
CA ASN A 407 63.10 0.71 -26.85
C ASN A 407 63.56 -0.58 -27.52
N ARG A 408 63.51 -1.71 -26.82
CA ARG A 408 64.19 -2.92 -27.23
C ARG A 408 63.18 -3.98 -27.67
N LEU A 409 63.46 -4.62 -28.80
CA LEU A 409 62.50 -5.55 -29.39
C LEU A 409 62.23 -6.75 -28.50
N ASP A 410 63.22 -7.20 -27.72
CA ASP A 410 62.96 -8.30 -26.78
C ASP A 410 61.95 -7.88 -25.71
N VAL A 411 62.11 -6.66 -25.18
CA VAL A 411 61.16 -6.12 -24.22
C VAL A 411 59.77 -6.01 -24.84
N ILE A 412 59.70 -5.52 -26.07
CA ILE A 412 58.42 -5.29 -26.74
C ILE A 412 57.70 -6.62 -27.00
N GLU A 413 58.44 -7.60 -27.50
CA GLU A 413 57.87 -8.92 -27.72
C GLU A 413 57.40 -9.54 -26.41
N GLU A 414 58.16 -9.35 -25.33
CA GLU A 414 57.76 -9.88 -24.03
C GLU A 414 56.44 -9.26 -23.58
N VAL A 415 56.34 -7.94 -23.64
CA VAL A 415 55.13 -7.25 -23.21
C VAL A 415 53.94 -7.62 -24.09
N GLN A 416 54.17 -7.83 -25.39
CA GLN A 416 53.08 -8.22 -26.27
C GLN A 416 52.60 -9.63 -25.97
N SER A 417 53.52 -10.55 -25.67
CA SER A 417 53.11 -11.90 -25.26
C SER A 417 52.35 -11.87 -23.94
N MET A 418 52.67 -10.90 -23.07
CA MET A 418 51.94 -10.71 -21.83
C MET A 418 50.53 -10.17 -22.05
N CYS A 419 50.19 -9.81 -23.28
CA CYS A 419 48.86 -9.28 -23.58
C CYS A 419 47.89 -10.44 -23.85
N LEU A 420 46.67 -10.27 -23.37
CA LEU A 420 45.64 -11.31 -23.47
C LEU A 420 44.76 -11.15 -24.70
N GLY A 421 44.50 -9.91 -25.12
CA GLY A 421 43.89 -9.72 -26.42
C GLY A 421 44.86 -9.84 -27.58
N ALA A 422 46.11 -10.22 -27.30
CA ALA A 422 47.15 -10.34 -28.32
C ALA A 422 46.82 -11.49 -29.27
N ASN A 423 46.49 -11.17 -30.52
CA ASN A 423 46.30 -12.16 -31.57
C ASN A 423 47.53 -12.33 -32.44
N GLN A 424 48.40 -11.32 -32.48
CA GLN A 424 49.60 -11.33 -33.32
C GLN A 424 50.82 -11.06 -32.46
N SER A 425 51.96 -10.87 -33.11
CA SER A 425 53.20 -10.59 -32.41
C SER A 425 53.49 -9.09 -32.41
N ALA A 426 54.66 -8.72 -31.90
CA ALA A 426 55.11 -7.34 -31.96
C ALA A 426 56.01 -7.06 -33.16
N GLU A 427 56.80 -8.02 -33.64
CA GLU A 427 57.62 -7.77 -34.82
C GLU A 427 56.75 -7.50 -36.04
N LYS A 428 55.60 -8.18 -36.14
CA LYS A 428 54.65 -7.90 -37.21
C LYS A 428 54.29 -6.42 -37.25
N VAL A 429 53.66 -5.96 -36.18
CA VAL A 429 53.18 -4.58 -36.12
C VAL A 429 54.34 -3.60 -36.21
N LEU A 430 55.53 -4.03 -35.79
CA LEU A 430 56.68 -3.15 -35.82
C LEU A 430 57.21 -2.96 -37.24
N GLU A 431 57.20 -4.03 -38.06
CA GLU A 431 57.46 -3.84 -39.48
C GLU A 431 56.36 -3.01 -40.14
N LYS A 432 55.11 -3.22 -39.70
CA LYS A 432 53.98 -2.46 -40.25
C LYS A 432 54.15 -0.96 -40.01
N LEU A 433 54.63 -0.58 -38.83
CA LEU A 433 54.88 0.83 -38.54
C LEU A 433 56.20 1.34 -39.11
N GLU A 434 57.20 0.46 -39.28
CA GLU A 434 58.41 0.84 -40.00
C GLU A 434 58.07 1.23 -41.43
N GLU A 435 57.02 0.64 -41.99
CA GLU A 435 56.53 1.06 -43.29
C GLU A 435 56.09 2.53 -43.27
N PHE A 436 55.39 2.95 -42.22
CA PHE A 436 54.92 4.33 -42.11
C PHE A 436 55.97 5.28 -41.55
N ASP A 437 57.10 4.76 -41.08
CA ASP A 437 58.14 5.54 -40.39
C ASP A 437 57.63 6.14 -39.07
N PHE A 438 56.71 5.44 -38.40
CA PHE A 438 56.37 5.80 -37.02
C PHE A 438 57.42 5.29 -36.05
N VAL A 439 57.92 4.08 -36.29
CA VAL A 439 59.12 3.56 -35.65
C VAL A 439 59.99 2.95 -36.75
N LYS A 440 61.25 2.73 -36.43
CA LYS A 440 62.17 2.15 -37.39
C LYS A 440 62.94 1.00 -36.74
N MET A 441 63.17 -0.05 -37.51
CA MET A 441 63.69 -1.31 -37.00
C MET A 441 65.16 -1.45 -37.36
N LYS A 442 66.01 -1.43 -36.33
CA LYS A 442 67.43 -1.77 -36.45
C LYS A 442 67.62 -2.97 -35.54
N ARG A 443 67.34 -4.16 -36.07
CA ARG A 443 67.19 -5.37 -35.27
C ARG A 443 68.43 -5.60 -34.40
N PRO A 444 68.26 -5.95 -33.10
CA PRO A 444 66.98 -6.19 -32.43
C PRO A 444 66.47 -5.03 -31.57
N ILE A 445 66.55 -3.80 -32.07
CA ILE A 445 66.09 -2.62 -31.36
C ILE A 445 65.12 -1.83 -32.24
N VAL A 446 64.13 -1.20 -31.60
CA VAL A 446 63.13 -0.38 -32.29
C VAL A 446 63.29 1.06 -31.85
N GLU A 447 63.60 1.92 -32.80
CA GLU A 447 63.76 3.35 -32.54
C GLU A 447 62.41 4.03 -32.74
N VAL A 448 61.99 4.79 -31.73
CA VAL A 448 60.71 5.48 -31.77
C VAL A 448 60.96 6.84 -32.39
N THR A 449 60.56 6.99 -33.65
CA THR A 449 60.72 8.26 -34.34
C THR A 449 59.79 9.29 -33.71
N PRO A 450 60.14 10.57 -33.82
CA PRO A 450 59.24 11.62 -33.30
C PRO A 450 57.84 11.59 -33.90
N TYR A 451 57.71 11.16 -35.16
CA TYR A 451 56.37 11.00 -35.73
C TYR A 451 55.57 9.95 -34.98
N GLY A 452 56.16 8.76 -34.82
CA GLY A 452 55.48 7.73 -34.05
C GLY A 452 55.23 8.14 -32.62
N ARG A 453 56.20 8.82 -32.02
CA ARG A 453 56.05 9.29 -30.64
C ARG A 453 54.84 10.23 -30.50
N ALA A 454 54.74 11.23 -31.40
CA ALA A 454 53.64 12.19 -31.30
C ALA A 454 52.28 11.52 -31.55
N VAL A 455 52.19 10.66 -32.58
CA VAL A 455 50.89 10.06 -32.90
C VAL A 455 50.41 9.14 -31.78
N SER A 456 51.31 8.32 -31.21
CA SER A 456 50.89 7.49 -30.09
C SER A 456 50.54 8.33 -28.88
N MET A 457 51.33 9.37 -28.59
CA MET A 457 51.01 10.27 -27.49
C MET A 457 49.65 10.92 -27.66
N SER A 458 49.19 11.06 -28.90
CA SER A 458 47.89 11.67 -29.17
C SER A 458 46.77 10.64 -29.23
N PHE A 459 47.06 9.36 -28.98
CA PHE A 459 46.03 8.31 -28.91
C PHE A 459 45.23 8.23 -30.21
N LEU A 460 45.88 8.43 -31.34
CA LEU A 460 45.16 8.57 -32.59
C LEU A 460 45.22 7.26 -33.37
N LEU A 461 44.16 7.02 -34.14
CA LEU A 461 44.10 5.84 -34.99
C LEU A 461 45.08 5.96 -36.14
N PRO A 462 45.57 4.85 -36.69
CA PRO A 462 46.48 4.94 -37.85
C PRO A 462 45.85 5.67 -39.02
N LYS A 463 44.56 5.41 -39.27
CA LYS A 463 43.86 6.09 -40.34
C LYS A 463 43.82 7.60 -40.10
N GLU A 464 43.52 8.02 -38.86
CA GLU A 464 43.50 9.43 -38.52
C GLU A 464 44.88 10.07 -38.74
N ALA A 465 45.94 9.38 -38.30
CA ALA A 465 47.29 9.91 -38.43
C ALA A 465 47.67 10.11 -39.89
N THR A 466 47.36 9.13 -40.73
CA THR A 466 47.67 9.28 -42.15
C THR A 466 46.81 10.35 -42.81
N PHE A 467 45.56 10.51 -42.38
CA PHE A 467 44.73 11.58 -42.93
C PHE A 467 45.32 12.96 -42.64
N ILE A 468 45.73 13.19 -41.39
CA ILE A 468 46.36 14.48 -41.06
C ILE A 468 47.65 14.64 -41.84
N ARG A 469 48.44 13.57 -41.94
CA ARG A 469 49.66 13.59 -42.72
C ARG A 469 49.38 14.05 -44.15
N GLY A 470 48.32 13.55 -44.77
CA GLY A 470 48.02 13.88 -46.16
C GLY A 470 47.48 15.29 -46.34
N ASN A 471 46.58 15.72 -45.45
CA ASN A 471 45.91 17.01 -45.59
C ASN A 471 46.58 18.12 -44.79
N LEU A 472 47.89 18.03 -44.58
CA LEU A 472 48.61 19.11 -43.91
C LEU A 472 48.77 20.29 -44.85
N GLY A 473 48.39 21.48 -44.36
CA GLY A 473 48.48 22.71 -45.12
C GLY A 473 47.36 22.93 -46.12
N LYS A 474 47.02 21.87 -46.87
CA LYS A 474 45.95 21.94 -47.86
C LYS A 474 44.59 22.22 -47.23
N ARG A 475 44.47 22.00 -45.92
CA ARG A 475 43.23 22.25 -45.20
C ARG A 475 43.51 23.04 -43.94
N GLU A 476 42.50 23.76 -43.49
CA GLU A 476 42.58 24.51 -42.24
C GLU A 476 42.63 23.55 -41.04
N ALA A 477 43.01 24.10 -39.88
CA ALA A 477 42.98 23.32 -38.65
C ALA A 477 41.55 22.98 -38.24
N ARG A 478 40.63 23.93 -38.40
CA ARG A 478 39.23 23.71 -38.06
C ARG A 478 38.65 22.56 -38.88
N TRP A 479 38.87 22.59 -40.19
CA TRP A 479 38.34 21.56 -41.06
C TRP A 479 38.87 20.19 -40.68
N ILE A 480 40.19 20.10 -40.40
CA ILE A 480 40.78 18.81 -40.05
C ILE A 480 40.18 18.27 -38.76
N ALA A 481 40.31 19.04 -37.66
CA ALA A 481 39.85 18.54 -36.37
C ALA A 481 38.34 18.32 -36.33
N VAL A 482 37.58 19.03 -37.18
CA VAL A 482 36.15 18.77 -37.28
C VAL A 482 35.89 17.45 -38.00
N LYS A 483 36.60 17.22 -39.10
CA LYS A 483 36.48 15.94 -39.80
C LYS A 483 36.86 14.77 -38.90
N LEU A 484 37.78 14.98 -37.97
CA LEU A 484 38.18 13.90 -37.09
C LEU A 484 37.17 13.66 -35.98
N LEU A 485 36.57 14.72 -35.45
CA LEU A 485 35.63 14.61 -34.33
C LEU A 485 34.50 15.61 -34.52
N PRO A 486 33.42 15.20 -35.17
CA PRO A 486 32.23 16.05 -35.26
C PRO A 486 31.27 15.76 -34.11
N PHE A 487 30.27 16.61 -34.00
CA PHE A 487 29.34 16.48 -32.89
C PHE A 487 28.17 15.58 -33.28
N GLU A 488 27.67 14.84 -32.29
CA GLU A 488 26.68 13.81 -32.53
C GLU A 488 25.47 13.88 -31.62
N ASN A 489 25.59 14.49 -30.45
CA ASN A 489 24.59 14.38 -29.40
C ASN A 489 23.65 15.58 -29.40
N ILE A 490 22.85 15.65 -30.46
CA ILE A 490 21.77 16.62 -30.60
C ILE A 490 20.53 15.89 -31.08
N TYR A 491 19.39 16.23 -30.50
CA TYR A 491 18.17 15.48 -30.69
C TYR A 491 17.01 16.43 -30.97
N LEU A 492 15.81 15.86 -31.09
CA LEU A 492 14.62 16.59 -31.50
C LEU A 492 13.81 17.05 -30.28
N SER A 493 13.17 18.20 -30.44
CA SER A 493 12.19 18.67 -29.46
C SER A 493 11.01 17.72 -29.39
N GLY A 494 10.45 17.58 -28.18
CA GLY A 494 9.38 16.63 -27.97
C GLY A 494 8.22 16.84 -28.94
N THR A 495 7.81 18.11 -29.10
CA THR A 495 6.77 18.44 -30.06
C THR A 495 7.07 17.85 -31.43
N LEU A 496 8.29 18.07 -31.91
CA LEU A 496 8.63 17.61 -33.24
C LEU A 496 8.77 16.10 -33.32
N GLN A 497 9.38 15.48 -32.31
CA GLN A 497 9.52 14.02 -32.36
C GLN A 497 8.16 13.33 -32.37
N ARG A 498 7.21 13.78 -31.55
CA ARG A 498 5.92 13.10 -31.53
C ARG A 498 5.04 13.46 -32.72
N GLU A 499 5.14 14.70 -33.23
CA GLU A 499 4.45 15.03 -34.47
C GLU A 499 4.97 14.19 -35.62
N LEU A 500 6.26 13.82 -35.60
CA LEU A 500 6.83 12.97 -36.64
C LEU A 500 6.65 11.47 -36.39
N GLU A 501 6.46 11.04 -35.15
CA GLU A 501 6.04 9.66 -34.90
C GLU A 501 4.62 9.43 -35.37
N GLY A 502 3.75 10.43 -35.22
CA GLY A 502 2.39 10.29 -35.69
C GLY A 502 2.19 10.64 -37.14
N ALA A 503 3.14 11.39 -37.72
CA ALA A 503 3.03 11.84 -39.10
C ALA A 503 3.66 10.90 -40.12
N VAL A 504 4.44 9.89 -39.70
CA VAL A 504 5.06 8.97 -40.64
C VAL A 504 4.49 7.57 -40.56
N ARG A 505 3.52 7.32 -39.67
CA ARG A 505 2.91 6.00 -39.48
C ARG A 505 3.95 4.93 -39.19
N GLY A 506 5.17 5.34 -38.85
CA GLY A 506 6.22 4.40 -38.52
C GLY A 506 6.96 4.88 -37.30
N ARG A 507 7.85 4.03 -36.80
CA ARG A 507 8.57 4.36 -35.58
C ARG A 507 9.74 5.29 -35.91
N LEU A 508 9.87 6.36 -35.13
CA LEU A 508 10.86 7.39 -35.39
C LEU A 508 11.93 7.39 -34.28
N SER A 509 13.19 7.53 -34.70
CA SER A 509 14.29 7.72 -33.77
C SER A 509 14.35 9.15 -33.29
N ALA A 510 14.71 9.32 -32.00
CA ALA A 510 14.74 10.66 -31.41
C ALA A 510 15.85 11.52 -31.99
N ASN A 511 16.98 10.92 -32.36
CA ASN A 511 18.11 11.69 -32.87
C ASN A 511 17.86 12.12 -34.31
N VAL A 512 18.70 13.04 -34.78
CA VAL A 512 18.53 13.65 -36.09
C VAL A 512 19.30 12.93 -37.20
N PHE A 513 20.34 12.15 -36.85
CA PHE A 513 21.18 11.48 -37.83
C PHE A 513 20.74 10.05 -38.10
N SER A 514 19.46 9.73 -37.84
CA SER A 514 18.90 8.40 -38.01
C SER A 514 18.20 8.28 -39.37
N PRO A 515 18.14 7.07 -39.93
CA PRO A 515 17.42 6.89 -41.19
C PRO A 515 15.94 7.23 -41.08
N SER A 516 15.36 7.09 -39.87
CA SER A 516 13.99 7.54 -39.65
C SER A 516 13.83 9.03 -39.92
N PHE A 517 14.92 9.78 -39.85
CA PHE A 517 14.88 11.20 -40.20
C PHE A 517 15.11 11.44 -41.68
N ALA A 518 16.06 10.71 -42.28
CA ALA A 518 16.31 10.90 -43.71
C ALA A 518 15.10 10.51 -44.55
N SER A 519 14.34 9.49 -44.11
CA SER A 519 13.12 9.12 -44.83
C SER A 519 12.15 10.31 -44.85
N ILE A 520 12.00 11.01 -43.73
CA ILE A 520 11.18 12.21 -43.69
C ILE A 520 11.74 13.27 -44.64
N LEU A 521 13.06 13.44 -44.62
CA LEU A 521 13.68 14.51 -45.40
C LEU A 521 13.46 14.32 -46.89
N GLU A 522 13.61 13.10 -47.38
CA GLU A 522 13.42 12.84 -48.80
C GLU A 522 11.95 12.93 -49.23
N GLU A 523 11.06 13.19 -48.27
CA GLU A 523 9.63 13.26 -48.50
C GLU A 523 9.09 14.59 -48.00
N LEU A 524 9.75 15.68 -48.42
CA LEU A 524 9.27 17.01 -48.09
C LEU A 524 7.82 17.20 -48.54
N ASP A 525 7.59 17.09 -49.86
CA ASP A 525 6.27 17.38 -50.44
C ASP A 525 5.19 16.44 -49.93
N LYS A 526 5.55 15.46 -49.09
CA LYS A 526 4.61 14.48 -48.57
C LYS A 526 4.51 14.48 -47.06
N VAL A 527 5.63 14.56 -46.34
CA VAL A 527 5.56 14.59 -44.88
C VAL A 527 5.28 16.00 -44.39
N ILE A 528 5.85 16.99 -45.07
CA ILE A 528 5.64 18.38 -44.68
C ILE A 528 4.16 18.72 -44.58
N PRO A 529 3.33 18.48 -45.61
CA PRO A 529 1.97 19.01 -45.55
C PRO A 529 1.11 18.25 -44.56
N GLU A 530 1.62 18.08 -43.33
CA GLU A 530 0.89 17.35 -42.31
C GLU A 530 0.99 17.97 -40.93
N LEU A 531 1.68 19.09 -40.78
CA LEU A 531 2.12 19.52 -39.47
C LEU A 531 1.42 20.79 -39.01
N SER A 532 1.65 21.13 -37.74
CA SER A 532 1.28 22.42 -37.21
C SER A 532 2.14 23.50 -37.88
N PRO A 533 1.68 24.75 -37.87
CA PRO A 533 2.50 25.83 -38.43
C PRO A 533 3.87 25.94 -37.80
N ASN A 534 3.96 25.96 -36.47
CA ASN A 534 5.25 26.13 -35.83
C ASN A 534 6.15 24.90 -36.05
N ALA A 535 5.58 23.70 -35.96
CA ALA A 535 6.38 22.48 -36.12
C ALA A 535 6.97 22.38 -37.52
N ALA A 536 6.13 22.57 -38.55
CA ALA A 536 6.63 22.55 -39.92
C ALA A 536 7.61 23.71 -40.18
N GLU A 537 7.37 24.86 -39.54
CA GLU A 537 8.27 26.01 -39.68
C GLU A 537 9.68 25.65 -39.25
N ARG A 538 9.84 25.15 -38.02
CA ARG A 538 11.18 24.78 -37.54
C ARG A 538 11.76 23.62 -38.33
N LEU A 539 10.92 22.65 -38.72
CA LEU A 539 11.41 21.55 -39.54
C LEU A 539 12.06 22.05 -40.83
N PHE A 540 11.36 22.91 -41.56
CA PHE A 540 11.97 23.38 -42.80
C PHE A 540 13.18 24.25 -42.53
N THR A 541 13.16 25.05 -41.46
CA THR A 541 14.35 25.84 -41.14
C THR A 541 15.56 24.94 -40.95
N ILE A 542 15.37 23.79 -40.30
CA ILE A 542 16.46 22.86 -40.08
C ILE A 542 16.90 22.21 -41.38
N TYR A 543 15.95 21.75 -42.20
CA TYR A 543 16.31 21.23 -43.52
C TYR A 543 17.14 22.24 -44.28
N GLN A 544 16.77 23.52 -44.19
CA GLN A 544 17.56 24.58 -44.79
C GLN A 544 18.98 24.56 -44.28
N GLU A 545 19.15 24.78 -42.97
CA GLU A 545 20.49 25.06 -42.45
C GLU A 545 21.42 23.86 -42.54
N PHE A 546 20.89 22.64 -42.61
CA PHE A 546 21.77 21.48 -42.52
C PHE A 546 21.58 20.42 -43.59
N PHE A 547 20.50 20.44 -44.35
CA PHE A 547 20.29 19.39 -45.32
C PHE A 547 19.98 19.91 -46.72
N MET A 548 20.03 21.22 -46.93
CA MET A 548 20.04 21.76 -48.29
C MET A 548 21.42 21.40 -48.83
N CYS A 549 21.57 20.13 -49.19
CA CYS A 549 22.85 19.51 -49.44
C CYS A 549 23.05 19.26 -50.92
N PRO A 550 24.15 19.75 -51.52
CA PRO A 550 24.39 19.46 -52.94
C PRO A 550 24.53 17.98 -53.24
N GLU A 551 24.73 17.15 -52.22
CA GLU A 551 24.72 15.71 -52.36
C GLU A 551 23.37 15.15 -51.94
N GLU A 552 23.01 14.01 -52.53
CA GLU A 552 21.76 13.37 -52.18
C GLU A 552 21.77 12.84 -50.74
N ASP A 553 22.95 12.45 -50.25
CA ASP A 553 23.14 12.08 -48.85
C ASP A 553 23.67 13.29 -48.09
N CYS A 554 23.02 13.62 -46.98
CA CYS A 554 23.26 14.88 -46.29
C CYS A 554 23.81 14.69 -44.87
N THR A 555 24.20 13.47 -44.49
CA THR A 555 24.53 13.16 -43.10
C THR A 555 25.76 13.93 -42.62
N GLU A 556 26.89 13.75 -43.31
CA GLU A 556 28.13 14.39 -42.88
C GLU A 556 28.05 15.90 -43.03
N TYR A 557 27.30 16.40 -44.02
CA TYR A 557 27.05 17.83 -44.14
C TYR A 557 26.37 18.35 -42.88
N ALA A 558 25.35 17.64 -42.39
CA ALA A 558 24.69 18.04 -41.15
C ALA A 558 25.65 18.03 -39.97
N MET A 559 26.43 16.95 -39.83
CA MET A 559 27.33 16.84 -38.69
C MET A 559 28.33 17.98 -38.67
N GLU A 560 28.93 18.28 -39.82
CA GLU A 560 29.95 19.34 -39.84
C GLU A 560 29.32 20.70 -39.65
N ARG A 561 28.15 20.96 -40.24
CA ARG A 561 27.51 22.26 -40.03
C ARG A 561 27.22 22.48 -38.56
N VAL A 562 26.77 21.43 -37.87
CA VAL A 562 26.55 21.53 -36.43
C VAL A 562 27.86 21.87 -35.71
N SER A 563 28.93 21.14 -36.01
CA SER A 563 30.19 21.37 -35.30
C SER A 563 30.72 22.77 -35.53
N ASN A 564 30.68 23.26 -36.78
CA ASN A 564 31.15 24.60 -37.08
C ASN A 564 30.28 25.65 -36.40
N LEU A 565 28.97 25.42 -36.33
CA LEU A 565 28.15 26.37 -35.61
C LEU A 565 28.57 26.43 -34.14
N ILE A 566 28.82 25.26 -33.53
CA ILE A 566 29.28 25.23 -32.14
C ILE A 566 30.56 26.04 -31.99
N ILE A 567 31.51 25.84 -32.91
CA ILE A 567 32.77 26.56 -32.86
C ILE A 567 32.54 28.06 -32.93
N GLU A 568 31.77 28.50 -33.93
CA GLU A 568 31.59 29.94 -34.14
C GLU A 568 30.89 30.56 -32.94
N LEU A 569 30.06 29.80 -32.24
CA LEU A 569 29.50 30.30 -30.99
C LEU A 569 30.57 30.42 -29.91
N ARG A 570 31.44 29.41 -29.77
CA ARG A 570 32.43 29.45 -28.69
C ARG A 570 33.43 30.58 -28.88
N ARG A 571 33.85 30.85 -30.12
CA ARG A 571 34.83 31.92 -30.32
C ARG A 571 34.23 33.30 -30.08
N SER A 572 32.94 33.46 -30.36
CA SER A 572 32.29 34.75 -30.17
C SER A 572 32.23 35.15 -28.69
N GLY A 573 32.40 34.19 -27.78
CA GLY A 573 32.42 34.49 -26.37
C GLY A 573 31.39 33.73 -25.57
N LYS A 574 30.71 32.78 -26.20
CA LYS A 574 29.58 32.11 -25.59
C LYS A 574 30.00 30.87 -24.82
N HIS A 575 29.22 30.53 -23.86
CA HIS A 575 29.21 29.45 -22.90
C HIS A 575 28.31 28.32 -23.41
N PRO A 576 28.61 27.06 -23.06
CA PRO A 576 27.73 25.95 -23.48
C PRO A 576 26.28 26.17 -23.10
N THR A 577 26.05 26.79 -21.95
CA THR A 577 24.69 27.15 -21.54
C THR A 577 24.01 28.00 -22.61
N GLN A 578 24.66 29.11 -22.98
CA GLN A 578 24.08 29.97 -23.99
C GLN A 578 24.03 29.29 -25.35
N ILE A 579 24.96 28.40 -25.64
CA ILE A 579 24.96 27.71 -26.92
C ILE A 579 23.73 26.81 -27.05
N ALA A 580 23.55 25.89 -26.09
CA ALA A 580 22.40 24.99 -26.11
C ALA A 580 21.08 25.74 -25.99
N GLU A 581 21.06 26.83 -25.21
CA GLU A 581 19.86 27.63 -25.07
C GLU A 581 19.48 28.28 -26.39
N HIS A 582 20.47 28.83 -27.10
CA HIS A 582 20.21 29.36 -28.43
C HIS A 582 19.70 28.27 -29.37
N PHE A 583 20.31 27.09 -29.31
CA PHE A 583 19.85 25.99 -30.17
C PHE A 583 18.39 25.68 -29.92
N ARG A 584 17.99 25.63 -28.66
CA ARG A 584 16.57 25.43 -28.38
C ARG A 584 15.75 26.57 -28.95
N LYS A 585 16.21 27.81 -28.75
CA LYS A 585 15.40 28.98 -29.08
C LYS A 585 15.15 29.09 -30.57
N VAL A 586 16.20 28.90 -31.38
CA VAL A 586 16.07 29.10 -32.81
C VAL A 586 15.39 27.93 -33.49
N TYR A 587 15.78 26.69 -33.15
CA TYR A 587 15.32 25.54 -33.91
C TYR A 587 14.50 24.55 -33.13
N GLY A 588 14.48 24.62 -31.80
CA GLY A 588 13.87 23.55 -31.04
C GLY A 588 14.71 22.28 -31.05
N LEU A 589 16.01 22.43 -30.80
CA LEU A 589 16.97 21.34 -30.89
C LEU A 589 17.61 21.09 -29.54
N ILE A 590 17.66 19.81 -29.13
CA ILE A 590 18.12 19.43 -27.81
C ILE A 590 19.62 19.16 -27.88
N VAL A 591 20.41 20.04 -27.25
CA VAL A 591 21.86 19.88 -27.16
C VAL A 591 22.26 20.02 -25.69
N TYR A 592 23.29 19.26 -25.30
CA TYR A 592 23.60 19.14 -23.87
C TYR A 592 24.89 19.90 -23.53
N PRO A 593 24.84 20.80 -22.55
CA PRO A 593 26.05 21.58 -22.23
C PRO A 593 27.22 20.74 -21.75
N GLY A 594 26.98 19.67 -20.99
CA GLY A 594 28.06 18.76 -20.66
C GLY A 594 28.68 18.14 -21.88
N ASP A 595 27.84 17.70 -22.82
CA ASP A 595 28.33 17.20 -24.10
C ASP A 595 29.08 18.28 -24.87
N VAL A 596 28.56 19.51 -24.88
CA VAL A 596 29.17 20.57 -25.65
C VAL A 596 30.57 20.87 -25.13
N PHE A 597 30.71 21.00 -23.80
CA PHE A 597 32.00 21.26 -23.20
C PHE A 597 32.95 20.10 -23.41
N THR A 598 32.46 18.87 -23.25
CA THR A 598 33.34 17.72 -23.46
C THR A 598 33.83 17.69 -24.91
N TRP A 599 32.98 18.02 -25.88
CA TRP A 599 33.35 17.98 -27.30
C TRP A 599 34.29 19.13 -27.67
N LEU A 600 34.09 20.31 -27.10
CA LEU A 600 35.06 21.37 -27.34
C LEU A 600 36.41 21.00 -26.73
N ASP A 601 36.40 20.37 -25.57
CA ASP A 601 37.63 19.90 -24.94
C ASP A 601 38.34 18.88 -25.83
N GLY A 602 37.58 17.91 -26.36
CA GLY A 602 38.17 16.94 -27.27
C GLY A 602 38.68 17.58 -28.55
N ILE A 603 38.00 18.62 -29.02
CA ILE A 603 38.44 19.32 -30.21
C ILE A 603 39.76 20.05 -29.94
N VAL A 604 39.90 20.62 -28.74
CA VAL A 604 41.16 21.27 -28.36
C VAL A 604 42.27 20.22 -28.22
N ARG A 605 41.95 19.04 -27.69
CA ARG A 605 42.92 17.95 -27.66
C ARG A 605 43.37 17.59 -29.06
N LYS A 606 42.41 17.44 -29.99
CA LYS A 606 42.77 17.15 -31.38
C LYS A 606 43.60 18.28 -31.98
N LEU A 607 43.32 19.52 -31.59
CA LEU A 607 44.11 20.63 -32.10
C LEU A 607 45.52 20.60 -31.54
N GLU A 608 45.69 20.18 -30.29
CA GLU A 608 47.02 19.94 -29.76
C GLU A 608 47.73 18.81 -30.51
N ALA A 609 46.98 17.79 -30.93
CA ALA A 609 47.58 16.70 -31.69
C ALA A 609 48.04 17.17 -33.07
N ILE A 610 47.18 17.90 -33.78
CA ILE A 610 47.55 18.44 -35.09
C ILE A 610 48.71 19.40 -34.93
N GLU A 611 48.71 20.17 -33.84
CA GLU A 611 49.82 21.05 -33.50
C GLU A 611 51.11 20.25 -33.36
N ARG A 612 51.05 19.11 -32.67
CA ARG A 612 52.22 18.24 -32.53
C ARG A 612 52.71 17.76 -33.89
N ILE A 613 51.79 17.32 -34.75
CA ILE A 613 52.17 16.78 -36.05
C ILE A 613 52.79 17.87 -36.93
N ALA A 614 52.13 19.02 -37.03
CA ALA A 614 52.66 20.13 -37.80
C ALA A 614 53.99 20.61 -37.23
N ARG A 615 54.17 20.48 -35.91
CA ARG A 615 55.40 20.86 -35.27
C ARG A 615 56.52 19.89 -35.59
N VAL A 616 56.19 18.61 -35.78
CA VAL A 616 57.19 17.61 -36.15
C VAL A 616 57.82 17.92 -37.51
N PHE A 617 56.98 18.26 -38.49
CA PHE A 617 57.39 18.36 -39.88
C PHE A 617 57.74 19.79 -40.33
N ARG A 618 57.73 20.76 -39.40
CA ARG A 618 57.91 22.18 -39.70
C ARG A 618 56.75 22.75 -40.51
N VAL A 619 55.54 22.24 -40.30
CA VAL A 619 54.34 22.73 -40.97
C VAL A 619 53.81 23.90 -40.14
N ARG A 620 54.13 25.13 -40.56
CA ARG A 620 53.93 26.29 -39.70
C ARG A 620 52.56 26.93 -39.86
N LYS A 621 51.90 26.80 -41.03
CA LYS A 621 50.53 27.30 -41.18
C LYS A 621 49.61 26.67 -40.15
N THR A 622 49.48 25.34 -40.21
CA THR A 622 48.61 24.65 -39.28
C THR A 622 49.11 24.79 -37.85
N GLU A 623 50.42 24.91 -37.65
CA GLU A 623 50.94 25.09 -36.29
C GLU A 623 50.42 26.39 -35.66
N GLU A 624 50.63 27.52 -36.34
CA GLU A 624 50.23 28.79 -35.75
C GLU A 624 48.71 28.95 -35.79
N GLY A 625 48.03 28.38 -36.80
CA GLY A 625 46.57 28.40 -36.82
C GLY A 625 45.94 27.55 -35.72
N ALA A 626 46.50 26.36 -35.45
CA ALA A 626 46.01 25.53 -34.38
C ALA A 626 46.33 26.12 -33.02
N LYS A 627 47.46 26.81 -32.85
CA LYS A 627 47.71 27.54 -31.61
C LYS A 627 46.66 28.64 -31.39
N ILE A 628 46.46 29.47 -32.43
CA ILE A 628 45.49 30.57 -32.34
C ILE A 628 44.10 30.04 -32.02
N LEU A 629 43.67 28.99 -32.73
CA LEU A 629 42.32 28.48 -32.54
C LEU A 629 42.18 27.74 -31.21
N LYS A 630 43.22 27.02 -30.79
CA LYS A 630 43.22 26.39 -29.48
C LYS A 630 42.97 27.43 -28.38
N ARG A 631 43.66 28.57 -28.45
CA ARG A 631 43.41 29.59 -27.44
C ARG A 631 42.05 30.26 -27.62
N GLU A 632 41.64 30.52 -28.88
CA GLU A 632 40.36 31.16 -29.15
C GLU A 632 39.18 30.34 -28.65
N ILE A 633 39.36 29.02 -28.53
CA ILE A 633 38.33 28.15 -27.98
C ILE A 633 38.51 27.93 -26.48
N GLU A 634 39.74 27.81 -25.99
CA GLU A 634 39.96 27.67 -24.55
C GLU A 634 39.37 28.86 -23.79
N GLU A 635 39.76 30.07 -24.17
CA GLU A 635 39.29 31.25 -23.47
C GLU A 635 38.02 31.84 -24.05
N GLY A 636 37.68 31.47 -25.28
CA GLY A 636 36.53 32.04 -25.97
C GLY A 636 36.81 33.43 -26.50
N VAL B 4 37.16 7.54 26.85
CA VAL B 4 35.79 7.20 26.49
C VAL B 4 35.15 6.18 27.44
N ASP B 5 35.86 5.09 27.69
CA ASP B 5 35.30 4.01 28.51
C ASP B 5 35.05 4.46 29.93
N GLU B 6 35.71 5.53 30.38
CA GLU B 6 35.57 6.04 31.73
C GLU B 6 34.41 7.02 31.87
N LEU B 7 33.39 6.92 31.02
CA LEU B 7 32.28 7.85 31.02
C LEU B 7 30.99 7.09 31.31
N PRO B 8 30.16 7.56 32.27
CA PRO B 8 28.92 6.83 32.65
C PRO B 8 27.75 7.09 31.70
N VAL B 9 27.88 6.53 30.49
CA VAL B 9 26.88 6.66 29.43
C VAL B 9 26.70 5.31 28.76
N PRO B 10 25.58 5.11 28.08
CA PRO B 10 25.33 3.82 27.42
C PRO B 10 26.42 3.44 26.43
N GLU B 11 26.65 2.14 26.29
CA GLU B 11 27.76 1.66 25.49
C GLU B 11 27.40 1.55 24.00
N LYS B 12 26.13 1.25 23.66
CA LYS B 12 25.71 1.40 22.26
C LYS B 12 25.83 2.84 21.80
N PHE B 13 25.57 3.78 22.71
CA PHE B 13 25.82 5.18 22.43
C PHE B 13 27.30 5.41 22.08
N LYS B 14 28.20 4.92 22.93
CA LYS B 14 29.64 5.07 22.70
C LYS B 14 30.05 4.47 21.36
N GLU B 15 29.48 3.32 20.99
CA GLU B 15 29.84 2.68 19.73
C GLU B 15 29.26 3.43 18.54
N VAL B 16 28.06 4.01 18.69
CA VAL B 16 27.53 4.90 17.66
C VAL B 16 28.48 6.08 17.43
N LEU B 17 29.04 6.62 18.50
CA LEU B 17 30.00 7.72 18.38
C LEU B 17 31.27 7.26 17.65
N LYS B 18 31.92 6.23 18.18
CA LYS B 18 33.21 5.78 17.68
C LYS B 18 33.10 5.12 16.31
N SER B 19 31.89 4.83 15.83
CA SER B 19 31.72 4.51 14.43
C SER B 19 31.64 5.77 13.57
N GLU B 20 31.87 6.93 14.20
CA GLU B 20 31.97 8.19 13.49
C GLU B 20 33.35 8.85 13.63
N GLY B 21 34.28 8.25 14.39
CA GLY B 21 35.67 8.68 14.33
C GLY B 21 36.14 9.59 15.46
N VAL B 22 35.65 9.34 16.66
CA VAL B 22 35.83 10.25 17.78
C VAL B 22 36.63 9.54 18.87
N ARG B 23 37.64 10.23 19.44
CA ARG B 23 38.56 9.58 20.36
C ARG B 23 38.52 10.11 21.79
N GLU B 24 38.75 11.40 22.03
CA GLU B 24 38.90 11.91 23.40
C GLU B 24 38.21 13.25 23.59
N LEU B 25 38.10 13.63 24.85
CA LEU B 25 37.46 14.88 25.25
C LEU B 25 38.35 16.08 24.94
N LEU B 26 37.78 17.08 24.28
CA LEU B 26 38.43 18.37 24.18
C LEU B 26 38.44 19.05 25.55
N PRO B 27 39.40 19.93 25.81
CA PRO B 27 39.49 20.55 27.13
C PRO B 27 38.19 21.22 27.54
N VAL B 28 37.49 21.88 26.62
CA VAL B 28 36.20 22.47 26.93
C VAL B 28 35.25 21.40 27.45
N GLN B 29 35.23 20.24 26.80
CA GLN B 29 34.27 19.20 27.17
C GLN B 29 34.75 18.32 28.33
N SER B 30 36.05 18.08 28.48
CA SER B 30 36.54 17.49 29.73
C SER B 30 36.16 18.36 30.92
N LEU B 31 36.29 19.69 30.77
CA LEU B 31 35.92 20.61 31.84
C LEU B 31 34.42 20.53 32.12
N ALA B 32 33.60 20.51 31.07
CA ALA B 32 32.16 20.37 31.26
C ALA B 32 31.84 19.08 32.00
N VAL B 33 32.52 17.99 31.65
CA VAL B 33 32.27 16.70 32.30
C VAL B 33 32.59 16.77 33.79
N LYS B 34 33.81 17.23 34.13
CA LYS B 34 34.20 17.29 35.54
C LYS B 34 33.45 18.35 36.33
N ASN B 35 32.73 19.25 35.66
CA ASN B 35 31.79 20.13 36.35
C ASN B 35 30.41 19.51 36.52
N GLY B 36 30.31 18.18 36.43
CA GLY B 36 29.07 17.49 36.76
C GLY B 36 28.06 17.34 35.65
N LEU B 37 28.48 17.29 34.39
CA LEU B 37 27.53 17.28 33.29
C LEU B 37 26.64 16.04 33.33
N LEU B 38 27.22 14.86 33.55
CA LEU B 38 26.45 13.62 33.43
C LEU B 38 25.60 13.32 34.65
N ASP B 39 25.80 14.01 35.77
CA ASP B 39 24.95 13.80 36.93
C ASP B 39 23.61 14.49 36.77
N GLY B 40 23.52 15.48 35.90
CA GLY B 40 22.33 16.27 35.74
C GLY B 40 22.45 17.72 36.17
N GLU B 41 23.66 18.25 36.27
CA GLU B 41 23.85 19.63 36.71
C GLU B 41 23.47 20.62 35.61
N ASN B 42 23.02 21.80 36.03
CA ASN B 42 22.69 22.88 35.10
C ASN B 42 23.92 23.71 34.82
N LEU B 43 24.36 23.74 33.57
CA LEU B 43 25.69 24.21 33.22
C LEU B 43 25.65 25.30 32.14
N LEU B 44 26.72 26.11 32.12
CA LEU B 44 26.86 27.24 31.21
C LEU B 44 28.27 27.24 30.64
N VAL B 45 28.41 26.91 29.35
CA VAL B 45 29.71 26.85 28.67
C VAL B 45 29.94 28.15 27.92
N VAL B 46 31.06 28.82 28.21
CA VAL B 46 31.48 30.00 27.48
C VAL B 46 32.87 29.71 26.92
N SER B 47 32.92 29.46 25.61
CA SER B 47 34.18 29.23 24.91
C SER B 47 34.01 29.79 23.51
N ALA B 48 35.08 30.38 22.98
CA ALA B 48 35.03 30.98 21.65
C ALA B 48 34.58 29.94 20.63
N THR B 49 33.85 30.40 19.63
CA THR B 49 33.44 29.53 18.53
C THR B 49 34.66 28.92 17.86
N ALA B 50 34.40 27.93 17.01
CA ALA B 50 35.40 27.06 16.40
C ALA B 50 36.12 26.20 17.44
N SER B 51 35.50 26.03 18.62
CA SER B 51 35.95 25.02 19.58
C SER B 51 34.91 23.93 19.77
N GLY B 52 34.03 23.75 18.79
CA GLY B 52 33.03 22.69 18.86
C GLY B 52 32.16 22.78 20.09
N LYS B 53 31.70 23.99 20.43
CA LYS B 53 30.84 24.14 21.61
C LYS B 53 29.58 23.30 21.47
N THR B 54 28.96 23.33 20.29
CA THR B 54 27.67 22.68 20.03
C THR B 54 27.52 21.30 20.68
N LEU B 55 28.54 20.46 20.51
CA LEU B 55 28.52 19.07 20.97
C LEU B 55 28.11 18.94 22.44
N ILE B 56 28.54 19.87 23.28
CA ILE B 56 28.30 19.77 24.73
C ILE B 56 26.83 19.48 25.01
N GLY B 57 25.92 20.09 24.24
CA GLY B 57 24.51 19.87 24.52
C GLY B 57 24.12 18.41 24.47
N GLU B 58 24.52 17.72 23.41
CA GLU B 58 24.21 16.31 23.24
C GLU B 58 24.58 15.52 24.47
N LEU B 59 25.72 15.87 25.09
CA LEU B 59 26.25 15.05 26.16
C LEU B 59 25.24 14.90 27.29
N ALA B 60 24.35 15.88 27.45
CA ALA B 60 23.38 15.82 28.54
C ALA B 60 22.10 15.10 28.19
N GLY B 61 21.72 15.02 26.90
CA GLY B 61 20.35 14.67 26.59
C GLY B 61 20.05 13.36 25.89
N VAL B 62 21.03 12.81 25.17
CA VAL B 62 20.79 11.58 24.41
C VAL B 62 20.47 10.40 25.32
N PRO B 63 21.27 10.10 26.37
CA PRO B 63 20.86 8.98 27.25
C PRO B 63 19.47 9.17 27.82
N LYS B 64 19.15 10.40 28.23
CA LYS B 64 17.80 10.69 28.71
C LYS B 64 16.77 10.39 27.62
N ALA B 65 16.97 10.95 26.42
CA ALA B 65 16.11 10.62 25.30
C ALA B 65 16.17 9.14 24.95
N MET B 66 17.25 8.45 25.35
CA MET B 66 17.33 7.00 25.12
C MET B 66 16.33 6.23 25.96
N GLN B 67 15.96 6.77 27.13
CA GLN B 67 14.87 6.21 27.90
C GLN B 67 13.55 6.95 27.65
N GLY B 68 13.54 7.85 26.67
CA GLY B 68 12.36 8.60 26.31
C GLY B 68 12.34 10.04 26.74
N LYS B 69 13.34 10.49 27.52
CA LYS B 69 13.37 11.87 27.99
C LYS B 69 13.86 12.77 26.86
N LYS B 70 12.90 13.23 26.06
CA LYS B 70 13.17 13.96 24.82
C LYS B 70 14.13 15.11 25.07
N LEU B 71 14.90 15.44 24.03
CA LEU B 71 15.85 16.53 24.11
C LEU B 71 15.42 17.65 23.18
N LEU B 72 15.59 18.88 23.64
CA LEU B 72 15.28 20.09 22.90
C LEU B 72 16.54 20.92 22.68
N PHE B 73 16.75 21.34 21.42
CA PHE B 73 17.88 22.18 21.04
C PHE B 73 17.37 23.42 20.32
N LEU B 74 17.83 24.60 20.73
CA LEU B 74 17.41 25.87 20.14
C LEU B 74 18.60 26.63 19.58
N VAL B 75 18.40 27.24 18.40
CA VAL B 75 19.43 28.07 17.78
C VAL B 75 18.85 29.40 17.29
N PRO B 76 19.65 30.46 17.24
CA PRO B 76 19.14 31.73 16.72
C PRO B 76 18.80 31.68 15.23
N LEU B 77 19.74 31.19 14.44
CA LEU B 77 19.67 31.27 12.99
C LEU B 77 18.73 30.20 12.44
N VAL B 78 18.83 29.97 11.14
CA VAL B 78 17.98 29.02 10.43
C VAL B 78 18.83 27.90 9.81
N ALA B 79 19.84 28.25 9.02
CA ALA B 79 20.72 27.26 8.43
C ALA B 79 21.57 26.56 9.48
N LEU B 80 21.85 27.24 10.59
CA LEU B 80 22.42 26.54 11.73
C LEU B 80 21.47 25.43 12.19
N ALA B 81 20.17 25.75 12.29
CA ALA B 81 19.17 24.73 12.65
C ALA B 81 19.21 23.58 11.68
N ASN B 82 19.33 23.89 10.38
CA ASN B 82 19.34 22.84 9.37
C ASN B 82 20.58 21.99 9.49
N GLN B 83 21.76 22.63 9.59
CA GLN B 83 23.00 21.88 9.68
C GLN B 83 22.97 20.97 10.91
N LYS B 84 22.54 21.50 12.05
CA LYS B 84 22.49 20.66 13.25
C LYS B 84 21.47 19.56 13.11
N TYR B 85 20.27 19.87 12.59
CA TYR B 85 19.25 18.85 12.47
C TYR B 85 19.72 17.70 11.60
N GLU B 86 20.27 18.03 10.43
CA GLU B 86 20.74 16.98 9.53
C GLU B 86 21.86 16.17 10.16
N ASP B 87 22.85 16.87 10.75
CA ASP B 87 23.93 16.18 11.45
C ASP B 87 23.38 15.14 12.42
N PHE B 88 22.50 15.57 13.32
CA PHE B 88 22.18 14.72 14.46
C PHE B 88 21.21 13.61 14.07
N LYS B 89 20.24 13.89 13.20
CA LYS B 89 19.43 12.82 12.67
C LYS B 89 20.32 11.78 12.00
N ARG B 90 21.19 12.21 11.09
CA ARG B 90 22.02 11.28 10.34
C ARG B 90 22.95 10.48 11.25
N ARG B 91 23.46 11.10 12.31
CA ARG B 91 24.38 10.41 13.21
C ARG B 91 23.67 9.40 14.09
N TYR B 92 22.46 9.72 14.56
CA TYR B 92 21.87 9.05 15.71
C TYR B 92 20.61 8.26 15.42
N SER B 93 20.05 8.37 14.22
CA SER B 93 18.97 7.46 13.88
C SER B 93 19.41 6.00 13.90
N LYS B 94 20.71 5.73 13.94
CA LYS B 94 21.21 4.38 14.19
C LYS B 94 20.90 3.87 15.60
N LEU B 95 20.23 4.64 16.46
CA LEU B 95 19.92 4.17 17.82
C LEU B 95 18.43 3.97 18.10
N GLY B 96 17.54 4.69 17.41
CA GLY B 96 16.13 4.59 17.71
C GLY B 96 15.53 5.91 18.16
N LEU B 97 16.20 7.01 17.81
CA LEU B 97 15.87 8.35 18.31
C LEU B 97 15.21 9.15 17.20
N ARG B 98 13.89 9.31 17.31
CA ARG B 98 13.10 10.07 16.34
C ARG B 98 13.52 11.53 16.33
N VAL B 99 14.09 12.00 15.22
CA VAL B 99 14.61 13.37 15.13
C VAL B 99 13.71 14.21 14.24
N ALA B 100 13.39 15.41 14.71
CA ALA B 100 12.52 16.34 14.01
C ALA B 100 13.02 17.76 14.26
N ILE B 101 12.62 18.70 13.39
CA ILE B 101 13.05 20.08 13.49
C ILE B 101 11.83 21.01 13.37
N ARG B 102 11.82 22.06 14.20
CA ARG B 102 10.74 23.04 14.21
C ARG B 102 11.25 24.46 14.03
N VAL B 103 10.60 25.15 13.10
CA VAL B 103 10.74 26.58 12.88
C VAL B 103 9.35 27.14 12.64
N GLY B 104 9.26 28.46 12.49
CA GLY B 104 8.02 29.01 12.01
C GLY B 104 8.01 28.72 10.54
N MET B 105 7.40 27.57 10.19
CA MET B 105 7.73 26.83 8.97
C MET B 105 7.78 27.74 7.75
N SER B 106 8.69 27.41 6.83
CA SER B 106 8.83 28.18 5.60
C SER B 106 7.50 28.18 4.83
N ARG B 107 7.25 29.27 4.09
CA ARG B 107 5.91 29.49 3.55
C ARG B 107 5.87 29.75 2.03
N ILE B 108 6.94 30.31 1.43
CA ILE B 108 6.99 30.60 0.00
C ILE B 108 7.45 29.35 -0.77
N LYS B 109 7.13 29.29 -2.06
CA LYS B 109 7.33 28.09 -2.87
C LYS B 109 8.11 28.43 -4.14
N THR B 110 9.43 28.22 -4.08
CA THR B 110 10.29 28.33 -5.25
C THR B 110 11.28 27.18 -5.24
N LYS B 111 12.10 27.13 -6.29
CA LYS B 111 12.93 25.98 -6.58
C LYS B 111 14.28 26.00 -5.88
N ASP B 112 14.60 27.05 -5.12
CA ASP B 112 15.93 27.24 -4.56
C ASP B 112 16.01 27.06 -3.05
N GLU B 113 14.98 26.51 -2.39
CA GLU B 113 14.94 26.59 -0.93
C GLU B 113 14.54 25.24 -0.33
N LEU B 114 14.28 25.27 0.97
CA LEU B 114 14.19 24.10 1.84
C LEU B 114 12.78 23.87 2.37
N VAL B 115 12.36 22.61 2.36
CA VAL B 115 11.10 22.17 2.95
C VAL B 115 11.37 21.80 4.41
N VAL B 116 10.48 22.26 5.30
CA VAL B 116 10.63 22.01 6.74
C VAL B 116 9.93 20.68 7.04
N VAL B 117 10.69 19.60 6.91
CA VAL B 117 10.17 18.26 7.16
C VAL B 117 10.14 18.00 8.66
N ASP B 118 9.36 16.99 9.06
CA ASP B 118 9.47 16.39 10.39
C ASP B 118 9.26 17.43 11.48
N THR B 119 8.01 17.85 11.61
CA THR B 119 7.64 18.80 12.65
C THR B 119 6.75 18.09 13.67
N GLY B 120 7.13 16.88 14.05
CA GLY B 120 6.33 16.05 14.96
C GLY B 120 6.90 16.03 16.37
N ILE B 121 5.99 16.19 17.34
CA ILE B 121 6.39 16.39 18.74
C ILE B 121 6.82 15.06 19.35
N ASP B 122 6.14 13.96 19.02
CA ASP B 122 6.46 12.68 19.62
C ASP B 122 7.81 12.15 19.17
N ALA B 123 8.50 12.88 18.29
CA ALA B 123 9.89 12.59 18.00
C ALA B 123 10.76 12.91 19.21
N ASP B 124 11.66 11.99 19.56
CA ASP B 124 12.43 12.08 20.80
C ASP B 124 13.54 13.14 20.75
N ILE B 125 13.92 13.60 19.56
CA ILE B 125 14.92 14.65 19.38
C ILE B 125 14.25 15.80 18.64
N ILE B 126 14.36 17.01 19.20
CA ILE B 126 13.66 18.16 18.64
C ILE B 126 14.65 19.32 18.53
N VAL B 127 15.00 19.68 17.29
CA VAL B 127 15.79 20.86 16.97
C VAL B 127 14.80 22.00 16.65
N GLY B 128 15.25 23.24 16.82
CA GLY B 128 14.38 24.34 16.47
C GLY B 128 15.06 25.70 16.56
N THR B 129 14.42 26.68 15.95
CA THR B 129 14.90 28.05 16.09
C THR B 129 14.31 28.68 17.36
N TYR B 130 14.58 29.96 17.57
CA TYR B 130 14.05 30.64 18.74
C TYR B 130 12.61 31.11 18.52
N GLU B 131 12.36 31.87 17.45
CA GLU B 131 10.99 32.29 17.16
C GLU B 131 10.12 31.11 16.76
N GLY B 132 10.69 30.14 16.05
CA GLY B 132 9.89 28.99 15.62
C GLY B 132 9.37 28.14 16.76
N ILE B 133 9.92 28.32 17.96
CA ILE B 133 9.46 27.61 19.14
C ILE B 133 8.65 28.52 20.05
N ASP B 134 9.05 29.77 20.16
CA ASP B 134 8.25 30.74 20.89
C ASP B 134 6.89 30.93 20.22
N TYR B 135 6.81 30.71 18.90
CA TYR B 135 5.55 30.77 18.18
C TYR B 135 4.60 29.68 18.67
N LEU B 136 5.12 28.47 18.91
CA LEU B 136 4.28 27.38 19.37
C LEU B 136 3.93 27.51 20.84
N LEU B 137 4.88 27.96 21.65
CA LEU B 137 4.61 28.10 23.07
C LEU B 137 3.66 29.25 23.35
N ARG B 138 3.70 30.31 22.55
CA ARG B 138 2.70 31.37 22.67
C ARG B 138 1.32 30.91 22.27
N ALA B 139 1.21 29.75 21.62
CA ALA B 139 -0.08 29.10 21.41
C ALA B 139 -0.44 28.17 22.55
N GLY B 140 0.37 28.10 23.59
CA GLY B 140 0.06 27.24 24.72
C GLY B 140 0.27 25.76 24.47
N ARG B 141 1.15 25.39 23.54
CA ARG B 141 1.39 23.99 23.23
C ARG B 141 2.52 23.44 24.11
N LYS B 142 2.34 22.19 24.57
CA LYS B 142 3.32 21.51 25.41
C LYS B 142 4.08 20.46 24.61
N ILE B 143 5.34 20.24 25.00
CA ILE B 143 6.17 19.22 24.38
C ILE B 143 6.14 17.91 25.16
N GLY B 144 6.25 17.98 26.49
CA GLY B 144 6.06 16.82 27.31
C GLY B 144 7.30 16.19 27.92
N ASN B 145 7.72 15.07 27.33
CA ASN B 145 8.72 14.19 27.92
C ASN B 145 10.14 14.71 27.65
N VAL B 146 10.39 15.98 27.95
CA VAL B 146 11.66 16.63 27.65
C VAL B 146 12.55 16.59 28.89
N GLY B 147 13.71 15.93 28.78
CA GLY B 147 14.62 15.81 29.90
C GLY B 147 15.83 16.72 29.83
N THR B 148 16.09 17.29 28.66
CA THR B 148 17.27 18.10 28.47
C THR B 148 16.97 19.29 27.57
N ILE B 149 17.46 20.46 27.95
CA ILE B 149 17.17 21.71 27.25
C ILE B 149 18.47 22.44 26.98
N VAL B 150 18.76 22.67 25.70
CA VAL B 150 20.03 23.24 25.27
C VAL B 150 19.75 24.50 24.45
N ILE B 151 20.58 25.54 24.67
CA ILE B 151 20.47 26.79 23.92
C ILE B 151 21.85 27.14 23.38
N ASP B 152 22.07 26.88 22.09
CA ASP B 152 23.31 27.23 21.41
C ASP B 152 23.37 28.71 21.10
N GLU B 153 24.60 29.20 20.91
CA GLU B 153 24.90 30.56 20.49
C GLU B 153 23.94 31.53 21.16
N ILE B 154 23.98 31.47 22.49
CA ILE B 154 22.98 32.15 23.30
C ILE B 154 23.32 33.63 23.48
N HIS B 155 24.60 34.01 23.35
CA HIS B 155 25.04 35.40 23.56
C HIS B 155 24.28 36.39 22.68
N THR B 156 23.44 35.88 21.77
CA THR B 156 22.49 36.66 20.98
C THR B 156 21.55 37.44 21.89
N LEU B 157 21.68 37.24 23.20
CA LEU B 157 20.95 38.05 24.17
C LEU B 157 21.38 39.50 24.14
N ASP B 158 22.69 39.76 23.97
CA ASP B 158 23.12 41.16 23.89
C ASP B 158 22.51 41.83 22.67
N ASP B 159 22.34 41.09 21.58
CA ASP B 159 21.58 41.60 20.46
C ASP B 159 20.20 42.01 20.95
N GLU B 160 19.84 43.25 20.66
CA GLU B 160 18.74 43.93 21.32
C GLU B 160 17.39 43.71 20.64
N GLU B 161 17.34 42.85 19.61
CA GLU B 161 16.09 42.48 18.96
C GLU B 161 15.59 41.11 19.42
N ARG B 162 16.38 40.07 19.19
CA ARG B 162 15.97 38.72 19.57
C ARG B 162 16.28 38.42 21.03
N GLY B 163 17.21 39.15 21.63
CA GLY B 163 17.64 38.94 22.99
C GLY B 163 16.54 38.95 24.04
N PRO B 164 15.66 39.95 24.01
CA PRO B 164 14.61 40.01 25.06
C PRO B 164 13.57 38.92 24.92
N ARG B 165 13.13 38.65 23.68
CA ARG B 165 12.27 37.49 23.47
C ARG B 165 12.96 36.23 23.97
N LEU B 166 14.28 36.16 23.80
CA LEU B 166 15.05 35.02 24.29
C LEU B 166 15.02 34.92 25.81
N ASP B 167 15.18 36.04 26.50
CA ASP B 167 15.11 36.05 27.96
C ASP B 167 13.75 35.54 28.43
N GLY B 168 12.68 36.09 27.85
CA GLY B 168 11.34 35.66 28.26
C GLY B 168 11.07 34.20 27.95
N LEU B 169 11.47 33.75 26.76
CA LEU B 169 11.28 32.35 26.38
C LEU B 169 12.02 31.43 27.33
N ILE B 170 13.24 31.80 27.71
CA ILE B 170 14.02 30.95 28.60
C ILE B 170 13.42 30.93 30.00
N ALA B 171 12.93 32.07 30.48
CA ALA B 171 12.26 32.08 31.78
C ALA B 171 11.01 31.19 31.76
N ARG B 172 10.24 31.28 30.68
CA ARG B 172 9.07 30.42 30.53
C ARG B 172 9.48 28.95 30.53
N LEU B 173 10.56 28.61 29.83
CA LEU B 173 10.99 27.22 29.72
C LEU B 173 11.59 26.69 31.01
N ARG B 174 12.27 27.55 31.76
CA ARG B 174 12.69 27.18 33.11
C ARG B 174 11.47 26.89 33.97
N LYS B 175 10.40 27.67 33.79
CA LYS B 175 9.18 27.39 34.54
C LYS B 175 8.54 26.07 34.10
N LEU B 176 8.58 25.77 32.80
CA LEU B 176 7.90 24.58 32.28
C LEU B 176 8.59 23.29 32.71
N TYR B 177 9.87 23.13 32.34
CA TYR B 177 10.63 21.90 32.57
C TYR B 177 11.78 22.20 33.52
N PRO B 178 11.52 22.21 34.83
CA PRO B 178 12.58 22.55 35.79
C PRO B 178 13.47 21.35 36.09
N LYS B 179 12.87 20.15 36.02
CA LYS B 179 13.63 18.92 36.22
C LYS B 179 14.67 18.71 35.12
N ALA B 180 14.49 19.36 33.97
CA ALA B 180 15.37 19.17 32.83
C ALA B 180 16.77 19.69 33.12
N GLN B 181 17.77 19.09 32.45
CA GLN B 181 19.14 19.56 32.56
C GLN B 181 19.38 20.69 31.55
N PHE B 182 19.75 21.85 32.06
CA PHE B 182 19.88 23.06 31.26
C PHE B 182 21.33 23.28 30.85
N ILE B 183 21.56 23.49 29.56
CA ILE B 183 22.89 23.77 29.03
C ILE B 183 22.84 25.05 28.22
N GLY B 184 23.65 26.03 28.59
CA GLY B 184 23.74 27.25 27.81
C GLY B 184 25.06 27.40 27.08
N LEU B 185 25.03 27.33 25.76
CA LEU B 185 26.23 27.36 24.94
C LEU B 185 26.48 28.80 24.47
N SER B 186 27.72 29.25 24.59
CA SER B 186 28.03 30.59 24.12
C SER B 186 29.49 30.67 23.68
N ALA B 187 29.72 31.48 22.64
CA ALA B 187 31.04 32.02 22.41
C ALA B 187 31.43 32.94 23.55
N THR B 188 32.69 33.34 23.59
CA THR B 188 33.21 34.11 24.72
C THR B 188 32.54 35.48 24.80
N VAL B 189 32.23 35.91 26.04
CA VAL B 189 31.69 37.23 26.35
C VAL B 189 32.40 37.79 27.57
N GLY B 190 31.99 38.97 28.01
CA GLY B 190 32.76 39.74 28.97
C GLY B 190 32.50 39.53 30.45
N ASN B 191 31.29 39.09 30.81
CA ASN B 191 30.86 39.04 32.22
C ASN B 191 30.36 37.65 32.59
N PRO B 192 31.22 36.64 32.52
CA PRO B 192 30.73 35.27 32.79
C PRO B 192 30.34 35.04 34.23
N ASP B 193 31.08 35.62 35.17
CA ASP B 193 30.86 35.36 36.59
C ASP B 193 29.48 35.86 37.03
N GLU B 194 29.25 37.17 36.87
CA GLU B 194 27.98 37.76 37.32
C GLU B 194 26.79 37.19 36.57
N LEU B 195 26.92 36.97 35.26
CA LEU B 195 25.80 36.47 34.49
C LEU B 195 25.47 35.02 34.87
N ALA B 196 26.47 34.15 34.92
CA ALA B 196 26.25 32.80 35.40
C ALA B 196 25.61 32.81 36.78
N LYS B 197 26.00 33.78 37.63
CA LYS B 197 25.33 33.96 38.91
C LYS B 197 23.83 34.22 38.72
N GLU B 198 23.49 35.13 37.81
CA GLU B 198 22.08 35.49 37.62
C GLU B 198 21.23 34.36 36.97
N LEU B 199 21.76 33.16 36.74
CA LEU B 199 21.00 32.06 36.15
C LEU B 199 20.96 30.80 37.00
N GLY B 200 21.85 30.65 37.96
CA GLY B 200 21.98 29.38 38.65
C GLY B 200 22.63 28.31 37.80
N LEU B 201 23.67 28.66 37.05
CA LEU B 201 24.33 27.74 36.13
C LEU B 201 25.82 27.73 36.44
N LYS B 202 26.37 26.54 36.71
CA LYS B 202 27.79 26.41 36.97
C LYS B 202 28.57 26.82 35.73
N LEU B 203 29.60 27.62 35.93
CA LEU B 203 30.30 28.29 34.84
C LEU B 203 31.47 27.45 34.33
N VAL B 204 31.61 27.39 32.99
CA VAL B 204 32.71 26.69 32.34
C VAL B 204 33.40 27.71 31.43
N LEU B 205 34.52 28.25 31.91
CA LEU B 205 35.32 29.22 31.18
C LEU B 205 36.32 28.50 30.29
N TYR B 206 36.48 28.98 29.05
CA TYR B 206 37.60 28.51 28.22
C TYR B 206 38.09 29.68 27.37
N ASP B 207 39.14 30.36 27.87
CA ASP B 207 39.73 31.51 27.21
C ASP B 207 40.82 31.13 26.21
N GLU B 208 41.44 29.96 26.37
CA GLU B 208 42.48 29.53 25.46
C GLU B 208 41.95 29.46 24.03
N ARG B 209 42.81 29.81 23.07
CA ARG B 209 42.48 29.63 21.67
C ARG B 209 42.89 28.23 21.23
N PRO B 210 41.97 27.42 20.71
CA PRO B 210 42.38 26.09 20.20
C PRO B 210 43.44 26.17 19.11
N VAL B 211 43.38 27.17 18.23
CA VAL B 211 44.40 27.38 17.21
C VAL B 211 44.93 28.81 17.38
N ASP B 212 46.13 28.94 17.94
CA ASP B 212 46.73 30.26 18.16
C ASP B 212 47.27 30.80 16.84
N LEU B 213 46.71 31.92 16.37
CA LEU B 213 47.00 32.51 15.07
C LEU B 213 48.30 33.31 15.09
N GLU B 214 48.73 33.71 13.90
CA GLU B 214 49.85 34.63 13.71
C GLU B 214 49.29 35.91 13.08
N ARG B 215 49.46 37.04 13.75
CA ARG B 215 48.74 38.25 13.42
C ARG B 215 49.69 39.27 12.81
N HIS B 216 49.30 39.82 11.66
CA HIS B 216 50.09 40.81 10.94
C HIS B 216 49.20 41.99 10.55
N ILE B 217 49.82 43.16 10.39
CA ILE B 217 49.12 44.34 9.92
C ILE B 217 49.87 44.94 8.74
N ILE B 218 49.16 45.78 7.99
CA ILE B 218 49.72 46.61 6.93
C ILE B 218 49.09 47.98 7.07
N ILE B 219 49.75 48.99 6.50
CA ILE B 219 49.19 50.33 6.34
C ILE B 219 49.15 50.64 4.85
N VAL B 220 48.11 51.35 4.44
CA VAL B 220 47.98 51.84 3.07
C VAL B 220 47.59 53.30 3.14
N ARG B 221 47.91 54.02 2.06
CA ARG B 221 47.61 55.44 1.97
C ARG B 221 46.37 55.75 1.14
N ASN B 222 45.82 54.76 0.44
CA ASN B 222 44.56 54.94 -0.27
C ASN B 222 43.89 53.59 -0.44
N GLU B 223 42.73 53.61 -1.08
CA GLU B 223 41.99 52.37 -1.27
C GLU B 223 42.64 51.46 -2.32
N SER B 224 43.22 52.05 -3.38
CA SER B 224 43.72 51.23 -4.49
C SER B 224 44.99 50.46 -4.12
N GLU B 225 45.91 51.09 -3.39
CA GLU B 225 47.05 50.35 -2.87
C GLU B 225 46.59 49.25 -1.91
N LYS B 226 45.56 49.55 -1.12
CA LYS B 226 44.99 48.53 -0.23
C LYS B 226 44.54 47.29 -1.01
N TRP B 227 43.79 47.49 -2.10
CA TRP B 227 43.26 46.33 -2.80
C TRP B 227 44.34 45.64 -3.64
N ARG B 228 45.33 46.38 -4.13
CA ARG B 228 46.50 45.75 -4.73
C ARG B 228 47.20 44.83 -3.73
N HIS B 229 47.41 45.34 -2.52
CA HIS B 229 47.99 44.51 -1.47
C HIS B 229 47.12 43.30 -1.18
N ILE B 230 45.80 43.46 -1.29
CA ILE B 230 44.88 42.33 -1.06
C ILE B 230 45.11 41.24 -2.08
N ALA B 231 45.22 41.62 -3.35
CA ALA B 231 45.52 40.61 -4.38
C ALA B 231 46.86 39.94 -4.09
N ASN B 232 47.87 40.73 -3.71
CA ASN B 232 49.18 40.17 -3.41
C ASN B 232 49.12 39.20 -2.25
N LEU B 233 48.36 39.56 -1.21
CA LEU B 233 48.21 38.72 -0.03
C LEU B 233 47.54 37.40 -0.36
N CYS B 234 46.52 37.42 -1.23
CA CYS B 234 45.84 36.17 -1.54
C CYS B 234 46.68 35.26 -2.43
N ARG B 235 47.45 35.85 -3.36
CA ARG B 235 48.40 35.08 -4.14
C ARG B 235 49.47 34.45 -3.27
N ALA B 236 49.96 35.20 -2.28
CA ALA B 236 50.98 34.69 -1.38
C ALA B 236 50.41 33.60 -0.46
N GLU B 237 49.20 33.80 0.04
CA GLU B 237 48.54 32.76 0.82
C GLU B 237 48.32 31.50 0.00
N ALA B 238 48.10 31.64 -1.31
CA ALA B 238 47.99 30.50 -2.21
C ALA B 238 49.27 29.64 -2.26
N MET B 239 50.37 30.11 -1.68
CA MET B 239 51.67 29.42 -1.67
C MET B 239 51.92 28.74 -0.32
N ARG B 240 51.68 27.43 -0.29
CA ARG B 240 51.99 26.57 0.86
C ARG B 240 52.36 25.19 0.32
N LYS B 241 53.02 24.41 1.17
CA LYS B 241 53.39 23.03 0.81
C LYS B 241 53.41 22.20 2.08
N SER B 242 54.18 21.10 2.04
CA SER B 242 54.64 20.26 3.14
C SER B 242 53.90 18.92 3.09
N LYS B 243 53.02 18.67 4.05
CA LYS B 243 52.16 17.49 3.93
C LYS B 243 51.45 17.53 2.59
N GLN B 244 50.79 18.64 2.30
CA GLN B 244 50.41 18.99 0.94
C GLN B 244 50.56 20.49 0.72
N GLY B 245 50.06 21.28 1.68
CA GLY B 245 49.97 22.74 1.63
C GLY B 245 49.68 23.27 0.24
N TYR B 246 49.18 22.38 -0.60
CA TYR B 246 49.08 22.57 -2.04
C TYR B 246 48.29 23.80 -2.47
N LYS B 247 47.53 24.44 -1.58
CA LYS B 247 47.07 25.79 -1.87
C LYS B 247 46.99 26.59 -0.58
N GLY B 248 46.36 27.75 -0.69
CA GLY B 248 46.11 28.66 0.41
C GLY B 248 44.73 29.29 0.36
N GLN B 249 44.10 29.50 1.52
CA GLN B 249 42.70 29.94 1.54
C GLN B 249 42.63 31.31 2.19
N SER B 250 41.78 32.17 1.65
CA SER B 250 41.81 33.55 2.08
C SER B 250 40.40 34.06 2.22
N ILE B 251 40.18 34.88 3.24
CA ILE B 251 38.88 35.52 3.46
C ILE B 251 39.08 37.03 3.49
N VAL B 252 38.08 37.76 3.04
CA VAL B 252 38.07 39.22 3.04
C VAL B 252 36.80 39.70 3.72
N PHE B 253 36.92 40.30 4.90
CA PHE B 253 35.79 40.93 5.56
C PHE B 253 35.77 42.40 5.19
N THR B 254 34.93 42.73 4.23
CA THR B 254 34.71 44.10 3.83
C THR B 254 33.53 44.64 4.64
N PHE B 255 32.91 45.75 4.20
CA PHE B 255 31.86 46.38 4.98
C PHE B 255 30.45 46.37 4.35
N SER B 256 30.32 46.25 3.03
CA SER B 256 29.00 46.13 2.41
C SER B 256 29.02 45.00 1.38
N ARG B 257 27.83 44.62 0.91
CA ARG B 257 27.72 43.51 -0.03
C ARG B 257 28.16 43.93 -1.44
N LYS B 258 27.77 45.13 -1.84
CA LYS B 258 28.29 45.70 -3.08
C LYS B 258 29.81 45.67 -3.11
N ARG B 259 30.44 45.89 -1.94
CA ARG B 259 31.91 45.81 -1.85
C ARG B 259 32.42 44.38 -2.01
N THR B 260 31.71 43.38 -1.46
CA THR B 260 32.13 41.99 -1.70
C THR B 260 32.14 41.71 -3.19
N HIS B 261 31.11 42.18 -3.90
CA HIS B 261 31.07 41.98 -5.34
C HIS B 261 32.25 42.66 -6.03
N GLU B 262 32.48 43.93 -5.69
CA GLU B 262 33.57 44.68 -6.32
C GLU B 262 34.91 43.97 -6.12
N LEU B 263 35.22 43.60 -4.87
CA LEU B 263 36.50 42.96 -4.59
C LEU B 263 36.60 41.60 -5.29
N ALA B 264 35.51 40.83 -5.29
CA ALA B 264 35.55 39.47 -5.84
C ALA B 264 35.78 39.49 -7.35
N ALA B 265 35.06 40.34 -8.09
CA ALA B 265 35.30 40.41 -9.52
C ALA B 265 36.66 41.03 -9.83
N TYR B 266 37.12 41.98 -9.01
CA TYR B 266 38.45 42.54 -9.19
C TYR B 266 39.53 41.47 -9.09
N LEU B 267 39.49 40.69 -8.01
CA LEU B 267 40.48 39.63 -7.85
C LEU B 267 40.28 38.47 -8.84
N THR B 268 39.07 38.29 -9.37
CA THR B 268 38.91 37.39 -10.52
C THR B 268 39.71 37.92 -11.71
N SER B 269 39.69 39.26 -11.92
CA SER B 269 40.49 39.90 -12.97
C SER B 269 41.99 39.78 -12.73
N LYS B 270 42.39 39.59 -11.48
CA LYS B 270 43.76 39.19 -11.20
C LYS B 270 43.97 37.69 -11.32
N GLY B 271 43.12 36.99 -12.08
CA GLY B 271 43.26 35.57 -12.29
C GLY B 271 42.99 34.70 -11.09
N LEU B 272 42.83 35.28 -9.90
CA LEU B 272 42.58 34.50 -8.70
C LEU B 272 41.19 33.87 -8.76
N LYS B 273 41.09 32.63 -8.30
CA LYS B 273 39.80 31.94 -8.19
C LYS B 273 39.11 32.50 -6.96
N ALA B 274 38.36 33.60 -7.17
CA ALA B 274 37.77 34.38 -6.08
C ALA B 274 36.29 34.60 -6.31
N LYS B 275 35.51 34.58 -5.23
CA LYS B 275 34.07 34.78 -5.33
C LYS B 275 33.54 35.40 -4.02
N PRO B 276 32.36 36.03 -4.07
CA PRO B 276 31.75 36.59 -2.86
C PRO B 276 30.75 35.65 -2.17
N TYR B 277 30.29 36.08 -0.98
CA TYR B 277 29.40 35.25 -0.16
C TYR B 277 28.67 36.12 0.85
N HIS B 278 27.34 36.09 0.84
CA HIS B 278 26.52 36.72 1.87
C HIS B 278 25.08 36.26 1.66
N SER B 279 24.18 36.74 2.54
CA SER B 279 22.82 36.22 2.57
C SER B 279 22.05 36.52 1.29
N GLY B 280 22.20 37.73 0.76
CA GLY B 280 21.33 38.22 -0.29
C GLY B 280 21.46 37.49 -1.61
N LEU B 281 22.12 36.30 -1.60
CA LEU B 281 22.40 35.43 -2.73
C LEU B 281 21.44 34.24 -2.79
N PRO B 282 21.10 33.78 -3.99
CA PRO B 282 20.30 32.55 -4.11
C PRO B 282 21.01 31.40 -3.44
N TYR B 283 20.26 30.61 -2.67
CA TYR B 283 20.89 29.55 -1.87
C TYR B 283 21.70 28.61 -2.76
N LYS B 284 21.26 28.42 -4.00
CA LYS B 284 21.92 27.61 -5.02
C LYS B 284 23.42 27.88 -5.11
N GLN B 285 23.80 29.07 -5.55
CA GLN B 285 25.20 29.40 -5.74
C GLN B 285 25.91 29.64 -4.41
N ARG B 286 25.19 29.99 -3.34
CA ARG B 286 25.80 30.20 -2.03
C ARG B 286 26.39 28.90 -1.47
N LYS B 287 25.57 27.86 -1.32
CA LYS B 287 26.14 26.61 -0.85
C LYS B 287 27.01 25.96 -1.93
N LEU B 288 26.74 26.27 -3.20
CA LEU B 288 27.66 25.89 -4.27
C LEU B 288 29.07 26.42 -3.97
N THR B 289 29.18 27.68 -3.60
CA THR B 289 30.49 28.27 -3.34
C THR B 289 31.07 27.78 -2.02
N GLU B 290 30.23 27.51 -1.03
CA GLU B 290 30.73 26.87 0.19
C GLU B 290 31.50 25.59 -0.17
N MET B 291 30.87 24.69 -0.94
CA MET B 291 31.55 23.45 -1.30
C MET B 291 32.78 23.70 -2.18
N GLU B 292 32.70 24.66 -3.13
CA GLU B 292 33.84 24.89 -4.03
C GLU B 292 35.09 25.36 -3.27
N PHE B 293 34.91 26.30 -2.32
CA PHE B 293 36.03 26.75 -1.50
C PHE B 293 36.54 25.60 -0.62
N LEU B 294 35.63 24.79 -0.07
CA LEU B 294 36.05 23.65 0.76
C LEU B 294 36.99 22.72 -0.01
N ALA B 295 36.71 22.48 -1.29
CA ALA B 295 37.39 21.44 -2.05
C ALA B 295 38.66 21.92 -2.73
N GLN B 296 39.32 22.93 -2.18
CA GLN B 296 40.61 23.43 -2.66
C GLN B 296 40.52 23.96 -4.08
N ARG B 297 39.32 24.38 -4.49
CA ARG B 297 39.09 24.94 -5.81
C ARG B 297 39.20 26.47 -5.80
N LEU B 298 38.48 27.13 -4.91
CA LEU B 298 38.58 28.57 -4.80
C LEU B 298 39.81 28.97 -3.99
N ASP B 299 40.19 30.24 -4.13
CA ASP B 299 41.28 30.86 -3.40
C ASP B 299 40.81 31.91 -2.41
N VAL B 300 39.84 32.74 -2.80
CA VAL B 300 39.45 33.93 -2.05
C VAL B 300 37.94 33.96 -1.89
N VAL B 301 37.48 34.24 -0.67
CA VAL B 301 36.07 34.45 -0.40
C VAL B 301 35.88 35.84 0.20
N VAL B 302 35.08 36.68 -0.47
CA VAL B 302 34.85 38.06 -0.05
C VAL B 302 33.46 38.13 0.58
N THR B 303 33.40 38.47 1.86
CA THR B 303 32.18 38.34 2.62
C THR B 303 32.06 39.50 3.60
N THR B 304 30.96 39.49 4.37
CA THR B 304 30.73 40.38 5.49
C THR B 304 30.70 39.55 6.77
N ALA B 305 30.47 40.21 7.90
CA ALA B 305 30.34 39.46 9.14
C ALA B 305 29.04 38.69 9.23
N ALA B 306 28.24 38.69 8.15
CA ALA B 306 27.00 37.93 8.02
C ALA B 306 27.24 36.42 8.03
N LEU B 307 28.49 36.03 8.26
CA LEU B 307 28.90 34.64 8.40
C LEU B 307 28.48 34.11 9.77
N GLY B 308 27.21 33.73 9.85
CA GLY B 308 26.71 33.07 11.04
C GLY B 308 27.22 31.65 11.12
N ALA B 309 26.75 30.96 12.15
CA ALA B 309 27.11 29.57 12.32
C ALA B 309 26.45 28.74 11.22
N GLY B 310 26.71 27.43 11.23
CA GLY B 310 26.27 26.56 10.17
C GLY B 310 27.08 26.66 8.91
N VAL B 311 27.82 27.75 8.72
CA VAL B 311 28.71 27.89 7.58
C VAL B 311 30.03 27.25 7.99
N ASP B 312 30.24 26.00 7.58
CA ASP B 312 31.48 25.30 7.90
C ASP B 312 32.49 25.78 6.87
N PHE B 313 33.35 26.71 7.29
CA PHE B 313 34.22 27.44 6.36
C PHE B 313 35.62 27.61 6.94
N PRO B 314 36.59 26.82 6.49
CA PRO B 314 37.95 26.92 7.01
C PRO B 314 38.83 27.84 6.17
N ALA B 315 39.56 28.76 6.80
CA ALA B 315 40.52 29.57 6.07
C ALA B 315 41.86 29.55 6.78
N SER B 316 42.94 29.60 5.99
CA SER B 316 44.29 29.73 6.51
C SER B 316 44.69 31.18 6.74
N GLN B 317 43.93 32.12 6.20
CA GLN B 317 44.32 33.53 6.28
C GLN B 317 43.09 34.40 6.13
N VAL B 318 42.99 35.39 7.02
CA VAL B 318 41.88 36.34 7.00
C VAL B 318 42.47 37.71 6.69
N ILE B 319 41.70 38.53 5.98
CA ILE B 319 42.09 39.88 5.61
C ILE B 319 40.89 40.80 5.81
N PHE B 320 41.12 41.94 6.42
CA PHE B 320 40.08 42.92 6.69
C PHE B 320 40.35 44.17 5.87
N GLU B 321 39.64 44.30 4.75
CA GLU B 321 39.68 45.54 3.99
C GLU B 321 39.21 46.72 4.83
N SER B 322 38.22 46.47 5.68
CA SER B 322 37.66 47.51 6.52
C SER B 322 37.15 46.85 7.79
N LEU B 323 36.80 47.70 8.76
CA LEU B 323 36.35 47.25 10.07
C LEU B 323 34.95 47.75 10.37
N ALA B 324 34.14 47.90 9.34
CA ALA B 324 32.78 48.38 9.52
C ALA B 324 31.82 47.34 9.00
N MET B 325 30.56 47.47 9.41
CA MET B 325 29.43 46.68 8.88
C MET B 325 28.34 47.71 8.61
N GLY B 326 28.30 48.21 7.39
CA GLY B 326 27.50 49.39 7.07
C GLY B 326 28.33 50.66 7.22
N ASN B 327 27.94 51.51 8.18
CA ASN B 327 28.78 52.62 8.63
C ASN B 327 29.04 52.54 10.14
N LYS B 328 28.98 51.33 10.69
CA LYS B 328 29.18 51.05 12.11
C LYS B 328 30.50 50.31 12.26
N TRP B 329 31.38 50.83 13.10
CA TRP B 329 32.61 50.07 13.39
C TRP B 329 32.27 48.76 14.09
N LEU B 330 33.02 47.72 13.76
CA LEU B 330 32.83 46.38 14.34
C LEU B 330 32.94 46.41 15.86
N SER B 331 32.38 45.39 16.47
CA SER B 331 32.57 45.14 17.89
C SER B 331 33.76 44.20 18.11
N VAL B 332 34.31 44.24 19.33
CA VAL B 332 35.45 43.38 19.65
C VAL B 332 35.04 41.92 19.56
N ARG B 333 33.85 41.58 20.07
CA ARG B 333 33.34 40.22 19.93
C ARG B 333 33.16 39.85 18.46
N GLU B 334 32.62 40.78 17.67
CA GLU B 334 32.47 40.54 16.23
C GLU B 334 33.81 40.28 15.58
N PHE B 335 34.78 41.15 15.85
CA PHE B 335 36.10 41.00 15.28
C PHE B 335 36.72 39.67 15.70
N HIS B 336 36.56 39.32 16.98
CA HIS B 336 37.10 38.06 17.49
C HIS B 336 36.47 36.87 16.77
N GLN B 337 35.15 36.87 16.58
CA GLN B 337 34.52 35.76 15.86
C GLN B 337 34.95 35.74 14.40
N MET B 338 35.33 36.90 13.86
CA MET B 338 35.86 36.97 12.49
C MET B 338 37.23 36.31 12.40
N LEU B 339 38.04 36.45 13.45
CA LEU B 339 39.30 35.71 13.50
C LEU B 339 39.09 34.23 13.81
N GLY B 340 37.99 33.89 14.49
CA GLY B 340 37.63 32.52 14.80
C GLY B 340 37.25 31.69 13.60
N ARG B 341 37.21 32.32 12.43
CA ARG B 341 37.14 31.66 11.13
C ARG B 341 38.48 31.73 10.39
N ALA B 342 39.55 32.07 11.11
CA ALA B 342 40.91 31.73 10.75
C ALA B 342 41.37 30.59 11.65
N GLY B 343 42.55 30.05 11.36
CA GLY B 343 43.12 29.00 12.19
C GLY B 343 42.56 27.61 11.93
N ARG B 344 41.40 27.52 11.30
CA ARG B 344 40.71 26.31 10.83
C ARG B 344 41.23 25.57 9.59
N PRO B 345 42.17 26.08 8.77
CA PRO B 345 42.40 25.47 7.46
C PRO B 345 42.85 24.03 7.55
N LEU B 346 42.37 23.23 6.59
CA LEU B 346 42.71 21.82 6.35
C LEU B 346 43.55 21.15 7.42
N TYR B 347 44.77 20.80 7.06
CA TYR B 347 45.79 20.31 7.97
C TYR B 347 46.91 21.34 8.09
N HIS B 348 46.59 22.60 7.84
CA HIS B 348 47.55 23.68 7.91
C HIS B 348 47.70 24.15 9.35
N GLU B 349 48.81 24.82 9.64
CA GLU B 349 49.11 25.18 11.02
C GLU B 349 49.15 26.68 11.29
N LYS B 350 50.07 27.42 10.67
CA LYS B 350 50.24 28.80 11.09
C LYS B 350 49.19 29.66 10.39
N GLY B 351 48.11 30.01 11.11
CA GLY B 351 47.14 30.91 10.55
C GLY B 351 47.73 32.30 10.43
N LYS B 352 47.27 33.05 9.43
CA LYS B 352 47.75 34.39 9.20
C LYS B 352 46.58 35.36 9.10
N VAL B 353 46.79 36.56 9.62
CA VAL B 353 45.77 37.59 9.66
C VAL B 353 46.39 38.89 9.18
N TYR B 354 45.66 39.61 8.33
CA TYR B 354 46.11 40.91 7.84
C TYR B 354 44.95 41.88 7.84
N LEU B 355 45.14 43.03 8.46
CA LEU B 355 44.15 44.08 8.45
C LEU B 355 44.76 45.26 7.74
N LEU B 356 44.00 45.88 6.84
CA LEU B 356 44.55 46.94 6.01
C LEU B 356 43.95 48.27 6.43
N VAL B 357 44.83 49.25 6.67
CA VAL B 357 44.54 50.48 7.41
C VAL B 357 44.90 51.68 6.55
N GLU B 358 43.90 52.53 6.29
CA GLU B 358 44.11 53.87 5.76
C GLU B 358 44.06 54.84 6.93
N PRO B 359 45.13 55.58 7.22
CA PRO B 359 45.15 56.40 8.44
C PRO B 359 44.08 57.48 8.42
N GLY B 360 43.40 57.64 9.56
CA GLY B 360 42.34 58.61 9.68
C GLY B 360 41.12 58.33 8.84
N ARG B 361 41.07 57.20 8.13
CA ARG B 361 40.02 56.95 7.15
C ARG B 361 38.72 56.57 7.87
N LYS B 362 37.72 57.44 7.74
CA LYS B 362 36.34 57.10 8.09
C LYS B 362 35.58 56.93 6.78
N TYR B 363 35.17 55.70 6.49
CA TYR B 363 34.37 55.42 5.30
C TYR B 363 32.99 56.06 5.35
N SER B 364 32.65 56.69 6.46
CA SER B 364 31.43 57.49 6.62
C SER B 364 31.81 58.72 7.44
N ALA B 365 30.82 59.39 8.02
CA ALA B 365 31.09 60.53 8.87
C ALA B 365 30.56 60.41 10.30
N GLN B 366 29.63 59.50 10.58
CA GLN B 366 29.06 59.35 11.92
C GLN B 366 29.75 58.31 12.77
N MET B 367 30.70 57.57 12.19
CA MET B 367 31.55 56.66 12.95
C MET B 367 32.31 57.43 14.03
N GLU B 368 32.59 56.74 15.14
CA GLU B 368 33.16 57.34 16.34
C GLU B 368 34.58 56.83 16.52
N GLY B 369 35.54 57.48 15.86
CA GLY B 369 36.91 56.99 15.81
C GLY B 369 37.29 56.60 14.39
N THR B 370 38.55 56.84 14.03
CA THR B 370 39.02 56.50 12.70
C THR B 370 39.57 55.06 12.68
N GLU B 371 39.93 54.58 11.49
CA GLU B 371 40.23 53.16 11.33
C GLU B 371 41.39 52.75 12.23
N ASP B 372 42.33 53.66 12.47
CA ASP B 372 43.44 53.35 13.37
C ASP B 372 42.94 53.14 14.80
N GLU B 373 42.11 54.07 15.29
CA GLU B 373 41.64 53.97 16.67
C GLU B 373 40.80 52.71 16.87
N VAL B 374 39.92 52.41 15.90
CA VAL B 374 39.10 51.20 15.98
C VAL B 374 39.98 49.95 15.92
N ALA B 375 41.07 50.02 15.15
CA ALA B 375 41.99 48.89 15.08
C ALA B 375 42.62 48.61 16.44
N PHE B 376 43.11 49.66 17.10
CA PHE B 376 43.72 49.48 18.41
C PHE B 376 42.70 48.93 19.42
N LYS B 377 41.50 49.49 19.42
CA LYS B 377 40.41 49.00 20.26
C LYS B 377 40.20 47.50 20.07
N LEU B 378 39.93 47.08 18.83
CA LEU B 378 39.60 45.69 18.55
C LEU B 378 40.74 44.77 18.97
N LEU B 379 41.98 45.19 18.73
CA LEU B 379 43.09 44.27 18.95
C LEU B 379 43.38 44.08 20.44
N THR B 380 43.35 45.15 21.22
CA THR B 380 43.78 45.05 22.61
C THR B 380 42.63 45.05 23.62
N ALA B 381 41.40 45.22 23.17
CA ALA B 381 40.31 45.19 24.13
C ALA B 381 39.95 43.76 24.51
N PRO B 382 39.35 43.60 25.67
CA PRO B 382 38.57 42.38 25.94
C PRO B 382 37.15 42.54 25.40
N ILE B 383 36.39 41.45 25.51
CA ILE B 383 35.07 41.35 24.91
C ILE B 383 34.05 42.04 25.80
N GLU B 384 33.06 42.67 25.18
CA GLU B 384 32.07 43.46 25.91
C GLU B 384 31.15 42.55 26.70
N PRO B 385 30.54 43.08 27.76
CA PRO B 385 29.53 42.30 28.49
C PRO B 385 28.20 42.30 27.76
N VAL B 386 27.55 41.13 27.74
CA VAL B 386 26.23 41.04 27.16
C VAL B 386 25.26 41.86 27.99
N GLN B 387 24.41 42.63 27.33
CA GLN B 387 23.48 43.52 28.00
C GLN B 387 22.06 43.20 27.58
N VAL B 388 21.24 42.81 28.55
CA VAL B 388 19.81 42.54 28.35
C VAL B 388 19.04 43.56 29.18
N GLU B 389 18.40 44.50 28.48
CA GLU B 389 17.49 45.46 29.08
C GLU B 389 16.24 45.51 28.22
N TRP B 390 15.08 45.26 28.84
CA TRP B 390 13.82 45.15 28.11
C TRP B 390 13.23 46.52 27.89
N SER B 391 13.16 46.96 26.63
CA SER B 391 12.34 48.12 26.31
C SER B 391 10.89 47.79 26.65
N ASP B 392 10.12 48.84 26.95
CA ASP B 392 8.75 48.69 27.44
C ASP B 392 7.97 47.65 26.66
N GLU B 393 8.04 47.71 25.33
CA GLU B 393 7.22 46.85 24.49
C GLU B 393 7.75 45.42 24.42
N LEU B 394 9.07 45.23 24.51
CA LEU B 394 9.61 43.87 24.64
C LEU B 394 9.18 43.24 25.95
N GLU B 395 9.21 44.01 27.03
CA GLU B 395 8.68 43.54 28.30
C GLU B 395 7.21 43.16 28.16
N GLN B 396 6.43 44.00 27.47
CA GLN B 396 5.00 43.74 27.30
C GLN B 396 4.75 42.45 26.52
N ASP B 397 5.49 42.24 25.42
CA ASP B 397 5.27 41.04 24.62
C ASP B 397 5.71 39.79 25.38
N ASN B 398 6.81 39.88 26.15
CA ASN B 398 7.21 38.71 26.93
C ASN B 398 6.19 38.40 28.03
N VAL B 399 5.61 39.45 28.63
CA VAL B 399 4.56 39.23 29.62
C VAL B 399 3.34 38.58 28.98
N LEU B 400 2.92 39.08 27.82
CA LEU B 400 1.78 38.47 27.15
C LEU B 400 2.08 37.04 26.76
N ALA B 401 3.33 36.73 26.43
CA ALA B 401 3.70 35.35 26.16
C ALA B 401 3.62 34.49 27.42
N HIS B 402 4.04 35.04 28.56
CA HIS B 402 3.81 34.38 29.84
C HIS B 402 2.33 34.03 29.98
N SER B 403 1.45 35.00 29.66
CA SER B 403 0.02 34.78 29.77
C SER B 403 -0.45 33.65 28.85
N CYS B 404 0.04 33.67 27.61
CA CYS B 404 -0.33 32.62 26.66
C CYS B 404 0.14 31.26 27.12
N VAL B 405 1.21 31.21 27.90
CA VAL B 405 1.69 29.94 28.45
C VAL B 405 1.00 29.63 29.76
N PHE B 406 1.20 30.48 30.76
CA PHE B 406 0.76 30.22 32.12
C PHE B 406 -0.52 30.97 32.44
N ASN B 407 -1.31 30.38 33.34
CA ASN B 407 -2.64 30.88 33.63
C ASN B 407 -2.76 31.66 34.92
N ARG B 408 -1.82 31.52 35.85
CA ARG B 408 -1.98 32.02 37.20
C ARG B 408 -1.00 33.15 37.46
N LEU B 409 -1.51 34.25 38.05
CA LEU B 409 -0.72 35.45 38.20
C LEU B 409 0.51 35.23 39.09
N ASP B 410 0.43 34.32 40.07
CA ASP B 410 1.60 34.02 40.90
C ASP B 410 2.71 33.40 40.06
N VAL B 411 2.34 32.48 39.17
CA VAL B 411 3.31 31.90 38.25
C VAL B 411 3.92 32.99 37.36
N ILE B 412 3.10 33.92 36.87
CA ILE B 412 3.56 34.96 35.95
C ILE B 412 4.56 35.90 36.64
N GLU B 413 4.21 36.33 37.85
CA GLU B 413 5.14 37.16 38.62
C GLU B 413 6.43 36.41 38.89
N GLU B 414 6.33 35.10 39.17
CA GLU B 414 7.52 34.30 39.42
C GLU B 414 8.44 34.27 38.20
N VAL B 415 7.87 34.00 37.03
CA VAL B 415 8.67 33.93 35.79
C VAL B 415 9.28 35.29 35.49
N GLN B 416 8.55 36.37 35.78
CA GLN B 416 9.10 37.70 35.53
C GLN B 416 10.27 38.00 36.47
N SER B 417 10.17 37.57 37.73
CA SER B 417 11.29 37.71 38.66
C SER B 417 12.49 36.89 38.19
N MET B 418 12.24 35.76 37.54
CA MET B 418 13.32 34.96 36.97
C MET B 418 13.97 35.62 35.76
N CYS B 419 13.41 36.72 35.28
CA CYS B 419 13.96 37.43 34.13
C CYS B 419 15.02 38.42 34.58
N LEU B 420 16.07 38.55 33.76
CA LEU B 420 17.21 39.42 34.06
C LEU B 420 17.06 40.80 33.45
N GLY B 421 16.43 40.90 32.28
CA GLY B 421 16.03 42.20 31.79
C GLY B 421 14.78 42.74 32.44
N ALA B 422 14.25 42.03 33.44
CA ALA B 422 13.03 42.44 34.11
C ALA B 422 13.27 43.75 34.86
N ASN B 423 12.70 44.84 34.36
CA ASN B 423 12.74 46.12 35.06
C ASN B 423 11.47 46.41 35.84
N GLN B 424 10.37 45.77 35.49
CA GLN B 424 9.08 45.99 36.13
C GLN B 424 8.52 44.68 36.63
N SER B 425 7.27 44.69 37.05
CA SER B 425 6.62 43.48 37.51
C SER B 425 5.76 42.92 36.38
N ALA B 426 5.01 41.87 36.70
CA ALA B 426 4.05 41.31 35.75
C ALA B 426 2.64 41.85 35.92
N GLU B 427 2.23 42.19 37.14
CA GLU B 427 0.89 42.75 37.34
C GLU B 427 0.73 44.11 36.65
N LYS B 428 1.79 44.92 36.59
CA LYS B 428 1.74 46.17 35.84
C LYS B 428 1.30 45.92 34.41
N VAL B 429 2.12 45.15 33.68
CA VAL B 429 1.87 44.90 32.28
C VAL B 429 0.56 44.13 32.10
N LEU B 430 0.15 43.37 33.10
CA LEU B 430 -1.10 42.61 32.97
C LEU B 430 -2.32 43.52 33.08
N GLU B 431 -2.28 44.54 33.95
CA GLU B 431 -3.33 45.56 33.89
C GLU B 431 -3.25 46.32 32.57
N LYS B 432 -2.03 46.57 32.08
CA LYS B 432 -1.85 47.26 30.81
C LYS B 432 -2.50 46.51 29.65
N LEU B 433 -2.41 45.17 29.66
CA LEU B 433 -3.03 44.35 28.63
C LEU B 433 -4.53 44.13 28.87
N GLU B 434 -4.96 44.12 30.14
CA GLU B 434 -6.39 44.11 30.42
C GLU B 434 -7.08 45.35 29.87
N GLU B 435 -6.33 46.46 29.76
CA GLU B 435 -6.88 47.66 29.12
C GLU B 435 -7.31 47.37 27.68
N PHE B 436 -6.51 46.61 26.95
CA PHE B 436 -6.84 46.27 25.57
C PHE B 436 -7.74 45.06 25.46
N ASP B 437 -8.03 44.39 26.57
CA ASP B 437 -8.76 43.12 26.58
C ASP B 437 -8.01 42.05 25.80
N PHE B 438 -6.68 42.13 25.81
CA PHE B 438 -5.88 41.01 25.31
C PHE B 438 -5.84 39.89 26.34
N VAL B 439 -5.79 40.28 27.62
CA VAL B 439 -6.03 39.39 28.75
C VAL B 439 -6.98 40.12 29.69
N LYS B 440 -7.56 39.36 30.61
CA LYS B 440 -8.49 39.93 31.58
C LYS B 440 -8.16 39.43 32.99
N MET B 441 -8.35 40.31 33.97
CA MET B 441 -7.90 40.06 35.34
C MET B 441 -9.08 39.64 36.21
N LYS B 442 -9.08 38.38 36.64
CA LYS B 442 -10.00 37.87 37.65
C LYS B 442 -9.10 37.40 38.79
N ARG B 443 -8.74 38.33 39.66
CA ARG B 443 -7.67 38.12 40.63
C ARG B 443 -7.93 36.87 41.47
N PRO B 444 -6.91 36.02 41.71
CA PRO B 444 -5.52 36.20 41.27
C PRO B 444 -5.13 35.41 40.01
N ILE B 445 -6.00 35.39 39.00
CA ILE B 445 -5.75 34.67 37.75
C ILE B 445 -5.95 35.62 36.57
N VAL B 446 -5.18 35.39 35.52
CA VAL B 446 -5.25 36.18 34.29
C VAL B 446 -5.72 35.26 33.17
N GLU B 447 -6.85 35.62 32.56
CA GLU B 447 -7.42 34.86 31.45
C GLU B 447 -6.91 35.38 30.11
N VAL B 448 -6.42 34.47 29.29
CA VAL B 448 -5.84 34.81 27.99
C VAL B 448 -6.97 34.79 26.97
N THR B 449 -7.43 35.99 26.59
CA THR B 449 -8.47 36.11 25.59
C THR B 449 -7.93 35.69 24.23
N PRO B 450 -8.80 35.24 23.32
CA PRO B 450 -8.35 34.89 21.97
C PRO B 450 -7.67 36.04 21.24
N TYR B 451 -8.06 37.29 21.49
CA TYR B 451 -7.38 38.41 20.87
C TYR B 451 -5.93 38.49 21.32
N GLY B 452 -5.70 38.48 22.64
CA GLY B 452 -4.34 38.46 23.14
C GLY B 452 -3.59 37.24 22.64
N ARG B 453 -4.29 36.11 22.56
CA ARG B 453 -3.68 34.89 22.06
C ARG B 453 -3.15 35.07 20.64
N ALA B 454 -3.99 35.59 19.74
CA ALA B 454 -3.57 35.77 18.36
C ALA B 454 -2.43 36.78 18.24
N VAL B 455 -2.52 37.92 18.93
CA VAL B 455 -1.50 38.97 18.79
C VAL B 455 -0.14 38.49 19.30
N SER B 456 -0.10 37.84 20.46
CA SER B 456 1.18 37.31 20.95
C SER B 456 1.70 36.20 20.05
N MET B 457 0.82 35.27 19.63
CA MET B 457 1.25 34.20 18.73
C MET B 457 1.83 34.75 17.44
N SER B 458 1.42 35.96 17.06
CA SER B 458 1.94 36.61 15.87
C SER B 458 3.17 37.48 16.14
N PHE B 459 3.69 37.51 17.38
CA PHE B 459 4.92 38.23 17.69
C PHE B 459 4.81 39.70 17.32
N LEU B 460 3.65 40.29 17.54
CA LEU B 460 3.39 41.61 17.02
C LEU B 460 3.62 42.67 18.09
N LEU B 461 4.02 43.86 17.64
CA LEU B 461 4.14 44.97 18.56
C LEU B 461 2.74 45.41 18.99
N PRO B 462 2.60 46.00 20.17
CA PRO B 462 1.28 46.56 20.54
C PRO B 462 0.80 47.58 19.54
N LYS B 463 1.74 48.36 19.01
CA LYS B 463 1.42 49.34 17.98
C LYS B 463 0.85 48.65 16.75
N GLU B 464 1.47 47.55 16.32
CA GLU B 464 0.97 46.81 15.17
C GLU B 464 -0.44 46.27 15.43
N ALA B 465 -0.67 45.70 16.62
CA ALA B 465 -1.99 45.12 16.92
C ALA B 465 -3.08 46.18 16.90
N THR B 466 -2.83 47.34 17.54
CA THR B 466 -3.85 48.38 17.53
C THR B 466 -4.04 49.00 16.15
N PHE B 467 -2.98 49.13 15.34
CA PHE B 467 -3.14 49.68 14.00
C PHE B 467 -4.01 48.76 13.13
N ILE B 468 -3.75 47.45 13.17
CA ILE B 468 -4.57 46.51 12.41
C ILE B 468 -6.01 46.53 12.92
N ARG B 469 -6.17 46.59 14.25
CA ARG B 469 -7.50 46.68 14.85
C ARG B 469 -8.26 47.89 14.30
N GLY B 470 -7.59 49.03 14.17
CA GLY B 470 -8.26 50.23 13.70
C GLY B 470 -8.56 50.24 12.22
N ASN B 471 -7.63 49.76 11.40
CA ASN B 471 -7.77 49.81 9.95
C ASN B 471 -8.27 48.51 9.36
N LEU B 472 -9.03 47.72 10.13
CA LEU B 472 -9.63 46.50 9.58
C LEU B 472 -10.77 46.86 8.64
N GLY B 473 -10.76 46.29 7.44
CA GLY B 473 -11.79 46.56 6.46
C GLY B 473 -11.68 47.86 5.70
N LYS B 474 -11.40 48.95 6.42
CA LYS B 474 -11.23 50.25 5.78
C LYS B 474 -10.04 50.28 4.84
N ARG B 475 -9.11 49.33 4.97
CA ARG B 475 -7.92 49.22 4.14
C ARG B 475 -7.77 47.78 3.64
N GLU B 476 -7.04 47.65 2.53
CA GLU B 476 -6.70 46.34 1.99
C GLU B 476 -5.77 45.58 2.93
N ALA B 477 -5.62 44.27 2.68
CA ALA B 477 -4.62 43.49 3.39
C ALA B 477 -3.22 43.93 2.99
N ARG B 478 -3.05 44.21 1.69
CA ARG B 478 -1.77 44.66 1.15
C ARG B 478 -1.33 45.96 1.79
N TRP B 479 -2.21 46.96 1.82
CA TRP B 479 -1.84 48.24 2.39
C TRP B 479 -1.41 48.10 3.84
N ILE B 480 -2.16 47.32 4.63
CA ILE B 480 -1.84 47.15 6.04
C ILE B 480 -0.48 46.47 6.21
N ALA B 481 -0.34 45.27 5.65
CA ALA B 481 0.89 44.51 5.85
C ALA B 481 2.10 45.19 5.23
N VAL B 482 1.90 46.03 4.21
CA VAL B 482 3.00 46.80 3.66
C VAL B 482 3.38 47.94 4.59
N LYS B 483 2.39 48.66 5.14
CA LYS B 483 2.69 49.69 6.12
C LYS B 483 3.42 49.12 7.32
N LEU B 484 3.12 47.88 7.69
CA LEU B 484 3.79 47.25 8.81
C LEU B 484 5.17 46.76 8.43
N LEU B 485 5.34 46.27 7.19
CA LEU B 485 6.60 45.69 6.73
C LEU B 485 6.86 46.09 5.28
N PRO B 486 7.56 47.21 5.06
CA PRO B 486 8.02 47.58 3.73
C PRO B 486 9.44 47.07 3.47
N PHE B 487 9.88 47.21 2.23
CA PHE B 487 11.20 46.76 1.85
C PHE B 487 12.22 47.88 2.01
N GLU B 488 13.43 47.51 2.43
CA GLU B 488 14.46 48.47 2.77
C GLU B 488 15.83 48.19 2.16
N ASN B 489 16.12 46.95 1.79
CA ASN B 489 17.49 46.56 1.41
C ASN B 489 17.62 46.59 -0.11
N ILE B 490 17.63 47.82 -0.64
CA ILE B 490 17.83 48.08 -2.06
C ILE B 490 18.88 49.18 -2.20
N TYR B 491 19.77 49.03 -3.18
CA TYR B 491 20.95 49.87 -3.29
C TYR B 491 21.16 50.32 -4.74
N LEU B 492 22.22 51.09 -4.98
CA LEU B 492 22.53 51.70 -6.26
C LEU B 492 23.55 50.90 -7.04
N SER B 493 23.45 50.96 -8.36
CA SER B 493 24.49 50.43 -9.22
C SER B 493 25.78 51.20 -8.98
N GLY B 494 26.91 50.48 -9.10
CA GLY B 494 28.20 51.09 -8.78
C GLY B 494 28.45 52.37 -9.55
N THR B 495 28.18 52.37 -10.86
CA THR B 495 28.34 53.57 -11.67
C THR B 495 27.60 54.74 -11.05
N LEU B 496 26.36 54.52 -10.67
CA LEU B 496 25.55 55.62 -10.15
C LEU B 496 26.02 56.06 -8.77
N GLN B 497 26.38 55.11 -7.90
CA GLN B 497 26.86 55.52 -6.58
C GLN B 497 28.13 56.35 -6.67
N ARG B 498 29.06 55.96 -7.55
CA ARG B 498 30.31 56.74 -7.64
C ARG B 498 30.12 58.05 -8.41
N GLU B 499 29.21 58.09 -9.38
CA GLU B 499 28.85 59.36 -10.00
C GLU B 499 28.24 60.32 -9.00
N LEU B 500 27.53 59.80 -7.99
CA LEU B 500 26.97 60.67 -6.94
C LEU B 500 27.95 60.98 -5.81
N GLU B 501 28.95 60.14 -5.55
CA GLU B 501 30.03 60.52 -4.63
C GLU B 501 30.88 61.64 -5.22
N GLY B 502 31.08 61.62 -6.54
CA GLY B 502 31.85 62.68 -7.17
C GLY B 502 31.04 63.90 -7.60
N ALA B 503 29.71 63.76 -7.74
CA ALA B 503 28.88 64.86 -8.23
C ALA B 503 28.28 65.73 -7.13
N VAL B 504 28.34 65.34 -5.85
CA VAL B 504 27.76 66.14 -4.77
C VAL B 504 28.82 66.74 -3.85
N ARG B 505 30.10 66.52 -4.12
CA ARG B 505 31.20 67.01 -3.28
C ARG B 505 31.08 66.54 -1.84
N GLY B 506 30.23 65.55 -1.58
CA GLY B 506 30.12 64.98 -0.26
C GLY B 506 30.04 63.47 -0.38
N ARG B 507 30.13 62.81 0.77
CA ARG B 507 30.07 61.36 0.78
C ARG B 507 28.63 60.87 0.71
N LEU B 508 28.40 59.88 -0.13
CA LEU B 508 27.07 59.36 -0.40
C LEU B 508 26.89 57.98 0.22
N SER B 509 25.72 57.76 0.79
CA SER B 509 25.33 56.44 1.25
C SER B 509 24.94 55.56 0.08
N ALA B 510 25.30 54.28 0.18
CA ALA B 510 25.02 53.34 -0.90
C ALA B 510 23.52 53.09 -1.05
N ASN B 511 22.78 53.13 0.05
CA ASN B 511 21.36 52.84 0.01
C ASN B 511 20.58 54.02 -0.55
N VAL B 512 19.34 53.74 -0.91
CA VAL B 512 18.47 54.71 -1.59
C VAL B 512 17.60 55.51 -0.61
N PHE B 513 17.40 55.01 0.62
CA PHE B 513 16.55 55.69 1.60
C PHE B 513 17.36 56.57 2.54
N SER B 514 18.57 57.02 2.11
CA SER B 514 19.47 57.82 2.93
C SER B 514 19.28 59.31 2.67
N PRO B 515 19.51 60.13 3.70
CA PRO B 515 19.45 61.59 3.50
C PRO B 515 20.49 62.09 2.51
N SER B 516 21.64 61.41 2.41
CA SER B 516 22.61 61.73 1.37
C SER B 516 21.99 61.58 -0.01
N PHE B 517 20.94 60.78 -0.11
CA PHE B 517 20.19 60.63 -1.35
C PHE B 517 19.11 61.68 -1.50
N ALA B 518 18.41 61.99 -0.41
CA ALA B 518 17.35 63.00 -0.47
C ALA B 518 17.91 64.38 -0.81
N SER B 519 19.12 64.70 -0.34
CA SER B 519 19.74 65.96 -0.69
C SER B 519 19.91 66.08 -2.21
N ILE B 520 20.35 64.99 -2.85
CA ILE B 520 20.45 64.98 -4.31
C ILE B 520 19.07 65.17 -4.93
N LEU B 521 18.07 64.48 -4.38
CA LEU B 521 16.74 64.48 -4.98
C LEU B 521 16.10 65.86 -4.95
N GLU B 522 16.23 66.59 -3.85
CA GLU B 522 15.61 67.91 -3.78
C GLU B 522 16.27 68.94 -4.70
N GLU B 523 17.34 68.57 -5.40
CA GLU B 523 18.13 69.47 -6.25
C GLU B 523 18.26 68.93 -7.67
N LEU B 524 17.12 68.61 -8.27
CA LEU B 524 17.09 68.14 -9.66
C LEU B 524 17.80 69.12 -10.60
N ASP B 525 17.27 70.34 -10.71
CA ASP B 525 17.76 71.32 -11.70
C ASP B 525 19.21 71.73 -11.44
N LYS B 526 19.81 71.21 -10.38
CA LYS B 526 21.17 71.56 -9.99
C LYS B 526 22.13 70.39 -9.99
N VAL B 527 21.71 69.24 -9.46
CA VAL B 527 22.59 68.07 -9.47
C VAL B 527 22.52 67.34 -10.80
N ILE B 528 21.34 67.32 -11.41
CA ILE B 528 21.15 66.61 -12.68
C ILE B 528 22.15 67.02 -13.74
N PRO B 529 22.35 68.32 -14.05
CA PRO B 529 23.14 68.65 -15.24
C PRO B 529 24.62 68.35 -15.07
N GLU B 530 24.95 67.13 -14.66
CA GLU B 530 26.34 66.72 -14.47
C GLU B 530 26.65 65.32 -14.95
N LEU B 531 25.69 64.60 -15.51
CA LEU B 531 25.79 63.15 -15.63
C LEU B 531 25.91 62.71 -17.08
N SER B 532 26.17 61.41 -17.23
CA SER B 532 26.05 60.74 -18.51
C SER B 532 24.59 60.71 -18.94
N PRO B 533 24.33 60.58 -20.24
CA PRO B 533 22.93 60.40 -20.69
C PRO B 533 22.24 59.24 -20.03
N ASN B 534 22.87 58.06 -20.01
CA ASN B 534 22.21 56.90 -19.44
C ASN B 534 22.02 57.04 -17.94
N ALA B 535 23.03 57.56 -17.24
CA ALA B 535 22.94 57.72 -15.79
C ALA B 535 21.82 58.68 -15.42
N ALA B 536 21.77 59.83 -16.09
CA ALA B 536 20.71 60.80 -15.84
C ALA B 536 19.33 60.24 -16.21
N GLU B 537 19.26 59.45 -17.29
CA GLU B 537 17.98 58.83 -17.67
C GLU B 537 17.46 57.93 -16.56
N ARG B 538 18.29 57.01 -16.08
CA ARG B 538 17.84 56.10 -15.03
C ARG B 538 17.52 56.84 -13.74
N LEU B 539 18.32 57.86 -13.41
CA LEU B 539 18.04 58.68 -12.23
C LEU B 539 16.66 59.33 -12.30
N PHE B 540 16.35 59.99 -13.42
CA PHE B 540 15.05 60.63 -13.50
C PHE B 540 13.92 59.60 -13.52
N THR B 541 14.15 58.45 -14.17
CA THR B 541 13.14 57.39 -14.17
C THR B 541 12.82 56.95 -12.75
N ILE B 542 13.84 56.87 -11.90
CA ILE B 542 13.62 56.47 -10.51
C ILE B 542 12.88 57.57 -9.75
N TYR B 543 13.32 58.83 -9.89
CA TYR B 543 12.57 59.92 -9.26
C TYR B 543 11.11 59.86 -9.67
N GLN B 544 10.86 59.59 -10.95
CA GLN B 544 9.50 59.42 -11.43
C GLN B 544 8.77 58.34 -10.66
N GLU B 545 9.28 57.11 -10.74
CA GLU B 545 8.52 55.95 -10.27
C GLU B 545 8.34 55.94 -8.76
N PHE B 546 9.19 56.64 -8.00
CA PHE B 546 9.12 56.50 -6.55
C PHE B 546 9.10 57.80 -5.75
N PHE B 547 9.44 58.94 -6.35
CA PHE B 547 9.51 60.18 -5.58
C PHE B 547 8.72 61.32 -6.20
N MET B 548 7.98 61.06 -7.29
CA MET B 548 7.00 62.02 -7.79
C MET B 548 5.87 61.99 -6.76
N CYS B 549 6.12 62.66 -5.62
CA CYS B 549 5.34 62.51 -4.41
C CYS B 549 4.50 63.75 -4.15
N PRO B 550 3.18 63.61 -3.96
CA PRO B 550 2.35 64.80 -3.64
C PRO B 550 2.74 65.48 -2.34
N GLU B 551 3.48 64.80 -1.47
CA GLU B 551 4.07 65.40 -0.28
C GLU B 551 5.53 65.74 -0.52
N GLU B 552 5.99 66.75 0.21
CA GLU B 552 7.38 67.20 0.09
C GLU B 552 8.38 66.15 0.57
N ASP B 553 7.98 65.31 1.53
CA ASP B 553 8.79 64.17 1.96
C ASP B 553 8.31 62.92 1.24
N CYS B 554 9.26 62.19 0.65
CA CYS B 554 8.94 61.10 -0.26
C CYS B 554 9.46 59.73 0.19
N THR B 555 9.97 59.62 1.43
CA THR B 555 10.67 58.41 1.85
C THR B 555 9.73 57.20 1.92
N GLU B 556 8.67 57.30 2.74
CA GLU B 556 7.76 56.17 2.88
C GLU B 556 6.98 55.88 1.60
N TYR B 557 6.69 56.91 0.82
CA TYR B 557 6.09 56.69 -0.49
C TYR B 557 7.00 55.81 -1.34
N ALA B 558 8.31 56.10 -1.33
CA ALA B 558 9.26 55.25 -2.05
C ALA B 558 9.24 53.82 -1.52
N MET B 559 9.29 53.67 -0.20
CA MET B 559 9.33 52.33 0.39
C MET B 559 8.09 51.52 0.00
N GLU B 560 6.91 52.13 0.09
CA GLU B 560 5.68 51.41 -0.25
C GLU B 560 5.58 51.10 -1.74
N ARG B 561 6.00 52.04 -2.60
CA ARG B 561 5.99 51.75 -4.03
C ARG B 561 6.88 50.56 -4.34
N VAL B 562 8.05 50.50 -3.69
CA VAL B 562 8.95 49.35 -3.83
C VAL B 562 8.24 48.07 -3.43
N SER B 563 7.61 48.08 -2.25
CA SER B 563 6.94 46.89 -1.75
C SER B 563 5.84 46.42 -2.69
N ASN B 564 5.04 47.37 -3.19
CA ASN B 564 3.95 47.04 -4.10
C ASN B 564 4.47 46.46 -5.41
N LEU B 565 5.57 47.01 -5.94
CA LEU B 565 6.15 46.44 -7.14
C LEU B 565 6.62 45.01 -6.90
N ILE B 566 7.29 44.76 -5.77
CA ILE B 566 7.71 43.41 -5.44
C ILE B 566 6.52 42.45 -5.42
N ILE B 567 5.44 42.88 -4.76
CA ILE B 567 4.24 42.04 -4.69
C ILE B 567 3.71 41.74 -6.08
N GLU B 568 3.48 42.79 -6.87
CA GLU B 568 2.87 42.60 -8.18
C GLU B 568 3.75 41.74 -9.08
N LEU B 569 5.06 41.76 -8.87
CA LEU B 569 5.91 40.83 -9.58
C LEU B 569 5.68 39.39 -9.11
N ARG B 570 5.58 39.18 -7.79
CA ARG B 570 5.41 37.81 -7.32
C ARG B 570 4.07 37.21 -7.76
N ARG B 571 3.00 38.01 -7.76
CA ARG B 571 1.70 37.47 -8.14
C ARG B 571 1.60 37.19 -9.63
N SER B 572 2.28 37.98 -10.46
CA SER B 572 2.22 37.79 -11.90
C SER B 572 2.84 36.47 -12.33
N GLY B 573 3.67 35.85 -11.49
CA GLY B 573 4.26 34.57 -11.80
C GLY B 573 5.77 34.55 -11.72
N LYS B 574 6.37 35.62 -11.20
CA LYS B 574 7.82 35.79 -11.20
C LYS B 574 8.44 35.27 -9.90
N HIS B 575 9.69 34.83 -10.03
CA HIS B 575 10.70 34.25 -9.15
C HIS B 575 11.63 35.36 -8.64
N PRO B 576 12.23 35.21 -7.46
CA PRO B 576 13.14 36.28 -6.97
C PRO B 576 14.21 36.67 -7.96
N THR B 577 14.73 35.67 -8.68
CA THR B 577 15.74 35.93 -9.72
C THR B 577 15.23 36.95 -10.71
N GLN B 578 14.08 36.67 -11.31
CA GLN B 578 13.50 37.57 -12.31
C GLN B 578 13.11 38.91 -11.69
N ILE B 579 12.75 38.91 -10.41
CA ILE B 579 12.37 40.15 -9.73
C ILE B 579 13.58 41.09 -9.61
N ALA B 580 14.66 40.60 -9.00
CA ALA B 580 15.87 41.41 -8.87
C ALA B 580 16.48 41.75 -10.22
N GLU B 581 16.38 40.83 -11.18
CA GLU B 581 16.91 41.06 -12.52
C GLU B 581 16.17 42.20 -13.20
N HIS B 582 14.84 42.20 -13.12
CA HIS B 582 14.05 43.29 -13.66
C HIS B 582 14.39 44.61 -12.97
N PHE B 583 14.53 44.60 -11.65
CA PHE B 583 14.90 45.84 -10.96
C PHE B 583 16.20 46.39 -11.52
N ARG B 584 17.20 45.53 -11.67
CA ARG B 584 18.45 45.98 -12.25
C ARG B 584 18.25 46.50 -13.67
N LYS B 585 17.47 45.77 -14.48
CA LYS B 585 17.36 46.10 -15.90
C LYS B 585 16.71 47.46 -16.10
N VAL B 586 15.62 47.71 -15.38
CA VAL B 586 14.89 48.95 -15.64
C VAL B 586 15.62 50.15 -15.05
N TYR B 587 16.14 50.02 -13.84
CA TYR B 587 16.65 51.19 -13.12
C TYR B 587 18.14 51.15 -12.81
N GLY B 588 18.79 50.00 -12.94
CA GLY B 588 20.14 49.89 -12.46
C GLY B 588 20.17 49.90 -10.94
N LEU B 589 19.27 49.12 -10.33
CA LEU B 589 19.11 49.08 -8.89
C LEU B 589 19.38 47.68 -8.35
N ILE B 590 20.19 47.62 -7.30
CA ILE B 590 20.70 46.37 -6.78
C ILE B 590 19.74 45.89 -5.69
N VAL B 591 19.03 44.81 -5.97
CA VAL B 591 18.14 44.18 -5.00
C VAL B 591 18.50 42.71 -4.92
N TYR B 592 18.31 42.11 -3.73
CA TYR B 592 18.87 40.80 -3.46
C TYR B 592 17.80 39.72 -3.37
N PRO B 593 17.97 38.60 -4.09
CA PRO B 593 16.96 37.52 -4.02
C PRO B 593 16.78 36.93 -2.64
N GLY B 594 17.86 36.83 -1.85
CA GLY B 594 17.68 36.42 -0.46
C GLY B 594 16.82 37.41 0.30
N ASP B 595 17.08 38.72 0.13
CA ASP B 595 16.23 39.74 0.73
C ASP B 595 14.80 39.65 0.20
N VAL B 596 14.64 39.46 -1.12
CA VAL B 596 13.30 39.46 -1.72
C VAL B 596 12.47 38.30 -1.17
N PHE B 597 13.07 37.11 -1.15
CA PHE B 597 12.38 35.95 -0.61
C PHE B 597 12.09 36.12 0.87
N THR B 598 13.07 36.64 1.63
CA THR B 598 12.84 36.81 3.05
C THR B 598 11.70 37.79 3.31
N TRP B 599 11.61 38.86 2.52
CA TRP B 599 10.56 39.87 2.73
C TRP B 599 9.19 39.37 2.27
N LEU B 600 9.13 38.61 1.18
CA LEU B 600 7.85 38.01 0.82
C LEU B 600 7.41 36.98 1.86
N ASP B 601 8.36 36.23 2.41
CA ASP B 601 8.06 35.30 3.50
C ASP B 601 7.50 36.03 4.72
N GLY B 602 8.13 37.13 5.11
CA GLY B 602 7.63 37.93 6.21
C GLY B 602 6.27 38.54 5.89
N ILE B 603 6.03 38.88 4.62
CA ILE B 603 4.74 39.42 4.23
C ILE B 603 3.66 38.36 4.36
N VAL B 604 3.98 37.10 4.02
CA VAL B 604 3.03 36.00 4.22
C VAL B 604 2.80 35.74 5.72
N ARG B 605 3.85 35.84 6.53
CA ARG B 605 3.69 35.73 7.98
C ARG B 605 2.75 36.81 8.51
N LYS B 606 2.97 38.07 8.10
CA LYS B 606 2.08 39.16 8.50
C LYS B 606 0.68 38.95 7.98
N LEU B 607 0.53 38.36 6.80
CA LEU B 607 -0.79 38.10 6.25
C LEU B 607 -1.51 37.03 7.05
N GLU B 608 -0.78 36.02 7.54
CA GLU B 608 -1.36 35.06 8.48
C GLU B 608 -1.75 35.73 9.80
N ALA B 609 -0.97 36.72 10.24
CA ALA B 609 -1.32 37.43 11.47
C ALA B 609 -2.59 38.24 11.29
N ILE B 610 -2.68 39.02 10.21
CA ILE B 610 -3.88 39.81 9.92
C ILE B 610 -5.07 38.87 9.73
N GLU B 611 -4.83 37.72 9.10
CA GLU B 611 -5.84 36.69 8.95
C GLU B 611 -6.36 36.24 10.30
N ARG B 612 -5.45 35.99 11.25
CA ARG B 612 -5.84 35.58 12.59
C ARG B 612 -6.70 36.66 13.27
N ILE B 613 -6.28 37.92 13.18
CA ILE B 613 -7.01 39.00 13.85
C ILE B 613 -8.39 39.18 13.23
N ALA B 614 -8.46 39.27 11.91
CA ALA B 614 -9.74 39.42 11.24
C ALA B 614 -10.65 38.24 11.50
N ARG B 615 -10.07 37.05 11.68
CA ARG B 615 -10.85 35.86 11.99
C ARG B 615 -11.37 35.89 13.42
N VAL B 616 -10.65 36.57 14.31
CA VAL B 616 -11.10 36.69 15.70
C VAL B 616 -12.44 37.45 15.77
N PHE B 617 -12.56 38.55 15.03
CA PHE B 617 -13.71 39.46 15.14
C PHE B 617 -14.82 39.21 14.13
N ARG B 618 -14.71 38.16 13.32
CA ARG B 618 -15.61 37.87 12.19
C ARG B 618 -15.48 38.92 11.07
N VAL B 619 -14.28 39.46 10.88
CA VAL B 619 -14.01 40.44 9.81
C VAL B 619 -13.71 39.65 8.54
N ARG B 620 -14.72 39.47 7.69
CA ARG B 620 -14.59 38.51 6.61
C ARG B 620 -13.97 39.09 5.35
N LYS B 621 -14.12 40.40 5.12
CA LYS B 621 -13.46 41.02 3.98
C LYS B 621 -11.95 40.80 4.04
N THR B 622 -11.32 41.33 5.09
CA THR B 622 -9.89 41.19 5.26
C THR B 622 -9.49 39.73 5.46
N GLU B 623 -10.34 38.93 6.10
CA GLU B 623 -9.99 37.52 6.29
C GLU B 623 -9.86 36.78 4.96
N GLU B 624 -10.90 36.84 4.12
CA GLU B 624 -10.82 36.09 2.88
C GLU B 624 -9.88 36.77 1.88
N GLY B 625 -9.74 38.10 1.94
CA GLY B 625 -8.75 38.77 1.10
C GLY B 625 -7.30 38.44 1.46
N ALA B 626 -7.00 38.37 2.76
CA ALA B 626 -5.67 37.98 3.20
C ALA B 626 -5.40 36.52 2.92
N LYS B 627 -6.42 35.65 3.01
CA LYS B 627 -6.25 34.26 2.58
C LYS B 627 -5.91 34.17 1.09
N ILE B 628 -6.70 34.86 0.26
CA ILE B 628 -6.47 34.86 -1.19
C ILE B 628 -5.07 35.36 -1.52
N LEU B 629 -4.67 36.47 -0.90
CA LEU B 629 -3.36 37.05 -1.21
C LEU B 629 -2.22 36.19 -0.66
N LYS B 630 -2.39 35.59 0.52
CA LYS B 630 -1.41 34.63 1.03
C LYS B 630 -1.15 33.53 0.02
N ARG B 631 -2.22 32.98 -0.56
CA ARG B 631 -2.01 31.92 -1.56
C ARG B 631 -1.40 32.48 -2.85
N GLU B 632 -1.88 33.65 -3.31
CA GLU B 632 -1.37 34.26 -4.54
C GLU B 632 0.11 34.63 -4.44
N ILE B 633 0.63 34.82 -3.24
CA ILE B 633 2.04 35.09 -3.06
C ILE B 633 2.83 33.80 -2.84
N GLU B 634 2.27 32.83 -2.10
CA GLU B 634 2.94 31.53 -1.94
C GLU B 634 3.16 30.87 -3.29
N GLU B 635 2.11 30.76 -4.10
CA GLU B 635 2.19 30.07 -5.38
C GLU B 635 2.60 30.99 -6.52
N GLY B 636 2.50 32.30 -6.34
CA GLY B 636 2.81 33.24 -7.41
C GLY B 636 1.71 33.31 -8.45
N LYS C 1 -52.16 0.32 -11.06
CA LYS C 1 -50.73 0.06 -11.02
C LYS C 1 -49.98 1.05 -11.88
N ILE C 2 -49.24 1.93 -11.22
CA ILE C 2 -48.47 2.97 -11.92
C ILE C 2 -47.20 2.35 -12.48
N LYS C 3 -46.94 2.57 -13.76
CA LYS C 3 -45.72 2.08 -14.36
C LYS C 3 -44.51 2.84 -13.82
N VAL C 4 -43.33 2.29 -14.11
CA VAL C 4 -42.09 2.89 -13.60
C VAL C 4 -41.84 4.24 -14.25
N ASP C 5 -41.98 4.32 -15.59
CA ASP C 5 -41.60 5.51 -16.32
C ASP C 5 -42.41 6.74 -15.93
N GLU C 6 -43.58 6.56 -15.32
CA GLU C 6 -44.48 7.65 -14.96
C GLU C 6 -44.20 8.25 -13.59
N LEU C 7 -42.97 8.15 -13.09
CA LEU C 7 -42.63 8.57 -11.73
C LEU C 7 -41.55 9.65 -11.72
N PRO C 8 -41.72 10.74 -10.95
CA PRO C 8 -40.75 11.87 -10.92
C PRO C 8 -39.55 11.62 -10.01
N VAL C 9 -38.68 10.71 -10.42
CA VAL C 9 -37.48 10.36 -9.68
C VAL C 9 -36.31 10.23 -10.65
N PRO C 10 -35.08 10.30 -10.14
CA PRO C 10 -33.92 10.18 -11.04
C PRO C 10 -33.93 8.86 -11.80
N GLU C 11 -33.39 8.90 -13.01
CA GLU C 11 -33.52 7.78 -13.94
C GLU C 11 -32.48 6.68 -13.74
N LYS C 12 -31.27 7.02 -13.27
CA LYS C 12 -30.35 5.95 -12.86
C LYS C 12 -30.94 5.15 -11.71
N PHE C 13 -31.73 5.81 -10.85
CA PHE C 13 -32.52 5.11 -9.84
C PHE C 13 -33.49 4.13 -10.48
N LYS C 14 -34.31 4.59 -11.44
CA LYS C 14 -35.25 3.71 -12.11
C LYS C 14 -34.55 2.55 -12.79
N GLU C 15 -33.36 2.80 -13.34
CA GLU C 15 -32.63 1.76 -14.04
C GLU C 15 -32.04 0.73 -13.08
N VAL C 16 -31.58 1.18 -11.91
CA VAL C 16 -31.18 0.24 -10.87
C VAL C 16 -32.37 -0.63 -10.48
N LEU C 17 -33.57 -0.04 -10.43
CA LEU C 17 -34.77 -0.81 -10.10
C LEU C 17 -35.04 -1.88 -11.15
N LYS C 18 -35.23 -1.46 -12.40
CA LYS C 18 -35.64 -2.40 -13.42
C LYS C 18 -34.52 -3.37 -13.82
N SER C 19 -33.29 -3.14 -13.37
CA SER C 19 -32.25 -4.17 -13.51
C SER C 19 -32.29 -5.21 -12.40
N GLU C 20 -33.31 -5.13 -11.54
CA GLU C 20 -33.55 -6.15 -10.52
C GLU C 20 -34.92 -6.82 -10.69
N GLY C 21 -35.68 -6.44 -11.72
CA GLY C 21 -36.87 -7.19 -12.08
C GLY C 21 -38.18 -6.56 -11.69
N VAL C 22 -38.25 -5.23 -11.79
CA VAL C 22 -39.37 -4.48 -11.28
C VAL C 22 -40.09 -3.80 -12.43
N ARG C 23 -41.41 -3.95 -12.46
CA ARG C 23 -42.23 -3.41 -13.54
C ARG C 23 -43.24 -2.38 -13.06
N GLU C 24 -44.07 -2.73 -12.08
CA GLU C 24 -45.18 -1.88 -11.72
C GLU C 24 -45.31 -1.83 -10.20
N LEU C 25 -46.08 -0.83 -9.74
CA LEU C 25 -46.32 -0.64 -8.32
C LEU C 25 -47.31 -1.66 -7.78
N LEU C 26 -46.97 -2.24 -6.64
CA LEU C 26 -47.93 -3.04 -5.91
C LEU C 26 -49.07 -2.13 -5.45
N PRO C 27 -50.27 -2.67 -5.26
CA PRO C 27 -51.40 -1.80 -4.87
C PRO C 27 -51.10 -0.97 -3.64
N VAL C 28 -50.41 -1.55 -2.64
CA VAL C 28 -50.00 -0.79 -1.47
C VAL C 28 -49.16 0.40 -1.86
N GLN C 29 -48.23 0.22 -2.81
CA GLN C 29 -47.33 1.30 -3.15
C GLN C 29 -47.91 2.29 -4.14
N SER C 30 -48.79 1.86 -5.07
CA SER C 30 -49.56 2.83 -5.85
C SER C 30 -50.37 3.73 -4.93
N LEU C 31 -51.00 3.15 -3.91
CA LEU C 31 -51.78 3.93 -2.95
C LEU C 31 -50.90 4.92 -2.19
N ALA C 32 -49.77 4.44 -1.68
CA ALA C 32 -48.85 5.33 -0.97
C ALA C 32 -48.39 6.48 -1.87
N VAL C 33 -48.08 6.20 -3.13
CA VAL C 33 -47.64 7.24 -4.05
C VAL C 33 -48.75 8.27 -4.25
N LYS C 34 -49.95 7.79 -4.55
CA LYS C 34 -51.09 8.67 -4.79
C LYS C 34 -51.52 9.42 -3.55
N ASN C 35 -51.05 9.02 -2.37
CA ASN C 35 -51.20 9.81 -1.15
C ASN C 35 -50.08 10.83 -0.95
N GLY C 36 -49.36 11.18 -2.00
CA GLY C 36 -48.38 12.26 -1.93
C GLY C 36 -47.01 11.87 -1.45
N LEU C 37 -46.58 10.61 -1.67
CA LEU C 37 -45.30 10.15 -1.15
C LEU C 37 -44.14 10.95 -1.73
N LEU C 38 -44.18 11.23 -3.03
CA LEU C 38 -43.05 11.84 -3.71
C LEU C 38 -42.94 13.34 -3.46
N ASP C 39 -43.96 13.98 -2.90
CA ASP C 39 -43.85 15.39 -2.57
C ASP C 39 -43.09 15.62 -1.27
N GLY C 40 -43.01 14.62 -0.41
CA GLY C 40 -42.41 14.77 0.89
C GLY C 40 -43.38 14.64 2.06
N GLU C 41 -44.55 14.05 1.85
CA GLU C 41 -45.56 13.96 2.90
C GLU C 41 -45.17 12.90 3.94
N ASN C 42 -45.64 13.10 5.17
CA ASN C 42 -45.43 12.16 6.27
C ASN C 42 -46.56 11.14 6.29
N LEU C 43 -46.23 9.86 6.12
CA LEU C 43 -47.21 8.83 5.80
C LEU C 43 -47.11 7.65 6.78
N LEU C 44 -48.22 6.92 6.86
CA LEU C 44 -48.36 5.76 7.76
C LEU C 44 -49.00 4.61 6.99
N VAL C 45 -48.23 3.57 6.72
CA VAL C 45 -48.68 2.41 5.96
C VAL C 45 -49.13 1.32 6.92
N VAL C 46 -50.38 0.89 6.78
CA VAL C 46 -50.93 -0.24 7.52
C VAL C 46 -51.39 -1.25 6.48
N SER C 47 -50.58 -2.28 6.27
CA SER C 47 -50.92 -3.32 5.30
C SER C 47 -50.32 -4.62 5.80
N ALA C 48 -51.04 -5.72 5.59
CA ALA C 48 -50.55 -7.01 6.03
C ALA C 48 -49.18 -7.27 5.44
N THR C 49 -48.32 -7.92 6.22
CA THR C 49 -47.01 -8.31 5.73
C THR C 49 -47.16 -9.21 4.51
N ALA C 50 -46.04 -9.45 3.83
CA ALA C 50 -46.02 -10.14 2.54
C ALA C 50 -46.77 -9.36 1.48
N SER C 51 -46.98 -8.07 1.71
CA SER C 51 -47.43 -7.15 0.68
C SER C 51 -46.34 -6.13 0.35
N GLY C 52 -45.09 -6.48 0.60
CA GLY C 52 -43.95 -5.63 0.31
C GLY C 52 -44.00 -4.27 0.97
N LYS C 53 -44.37 -4.24 2.26
CA LYS C 53 -44.41 -2.98 2.98
C LYS C 53 -43.04 -2.32 3.00
N THR C 54 -42.01 -3.11 3.33
CA THR C 54 -40.65 -2.62 3.49
C THR C 54 -40.24 -1.63 2.40
N LEU C 55 -40.47 -2.01 1.14
CA LEU C 55 -40.00 -1.24 0.00
C LEU C 55 -40.42 0.22 0.08
N ILE C 56 -41.64 0.49 0.59
CA ILE C 56 -42.19 1.84 0.59
C ILE C 56 -41.18 2.84 1.15
N GLY C 57 -40.45 2.44 2.20
CA GLY C 57 -39.53 3.37 2.82
C GLY C 57 -38.51 3.91 1.84
N GLU C 58 -37.87 3.02 1.09
CA GLU C 58 -36.87 3.44 0.11
C GLU C 58 -37.42 4.49 -0.82
N LEU C 59 -38.68 4.33 -1.22
CA LEU C 59 -39.26 5.19 -2.23
C LEU C 59 -39.26 6.64 -1.79
N ALA C 60 -39.28 6.88 -0.48
CA ALA C 60 -39.34 8.26 -0.02
C ALA C 60 -37.96 8.89 0.11
N GLY C 61 -36.91 8.09 0.29
CA GLY C 61 -35.66 8.65 0.75
C GLY C 61 -34.51 8.59 -0.23
N VAL C 62 -34.57 7.65 -1.18
CA VAL C 62 -33.45 7.47 -2.11
C VAL C 62 -33.18 8.72 -2.95
N PRO C 63 -34.19 9.34 -3.58
CA PRO C 63 -33.88 10.60 -4.28
C PRO C 63 -33.25 11.62 -3.36
N LYS C 64 -33.75 11.72 -2.14
CA LYS C 64 -33.18 12.64 -1.15
C LYS C 64 -31.71 12.31 -0.90
N ALA C 65 -31.42 11.04 -0.59
CA ALA C 65 -30.03 10.63 -0.41
C ALA C 65 -29.19 10.81 -1.65
N MET C 66 -29.81 10.86 -2.84
CA MET C 66 -29.03 11.10 -4.05
C MET C 66 -28.47 12.51 -4.09
N GLN C 67 -29.12 13.46 -3.41
CA GLN C 67 -28.57 14.79 -3.23
C GLN C 67 -27.82 14.92 -1.92
N GLY C 68 -27.63 13.82 -1.19
CA GLY C 68 -26.93 13.84 0.07
C GLY C 68 -27.80 13.76 1.31
N LYS C 69 -29.13 13.78 1.16
CA LYS C 69 -30.04 13.76 2.30
C LYS C 69 -30.10 12.35 2.85
N LYS C 70 -29.19 12.05 3.78
CA LYS C 70 -29.02 10.69 4.29
C LYS C 70 -30.36 10.15 4.78
N LEU C 71 -30.54 8.85 4.61
CA LEU C 71 -31.77 8.18 5.00
C LEU C 71 -31.48 7.18 6.13
N LEU C 72 -32.38 7.13 7.10
CA LEU C 72 -32.29 6.22 8.23
C LEU C 72 -33.45 5.24 8.20
N PHE C 73 -33.14 3.96 8.36
CA PHE C 73 -34.12 2.89 8.42
C PHE C 73 -33.94 2.18 9.74
N LEU C 74 -35.03 2.01 10.49
CA LEU C 74 -34.97 1.38 11.80
C LEU C 74 -35.85 0.13 11.81
N VAL C 75 -35.33 -0.93 12.41
CA VAL C 75 -36.09 -2.17 12.52
C VAL C 75 -36.05 -2.66 13.96
N PRO C 76 -37.06 -3.38 14.41
CA PRO C 76 -37.01 -3.91 15.78
C PRO C 76 -35.92 -4.95 15.93
N LEU C 77 -35.88 -5.89 15.01
CA LEU C 77 -35.04 -7.07 15.14
C LEU C 77 -33.60 -6.72 14.82
N VAL C 78 -32.77 -7.75 14.66
CA VAL C 78 -31.36 -7.59 14.35
C VAL C 78 -31.01 -8.24 13.01
N ALA C 79 -31.39 -9.50 12.82
CA ALA C 79 -31.18 -10.18 11.53
C ALA C 79 -32.10 -9.59 10.45
N LEU C 80 -33.25 -9.03 10.84
CA LEU C 80 -33.99 -8.21 9.90
C LEU C 80 -33.15 -7.03 9.43
N ALA C 81 -32.47 -6.36 10.38
CA ALA C 81 -31.59 -5.26 10.03
C ALA C 81 -30.50 -5.73 9.08
N ASN C 82 -29.92 -6.90 9.34
CA ASN C 82 -28.85 -7.40 8.49
C ASN C 82 -29.35 -7.78 7.11
N GLN C 83 -30.44 -8.55 7.03
CA GLN C 83 -30.97 -8.93 5.72
C GLN C 83 -31.36 -7.71 4.91
N LYS C 84 -32.08 -6.77 5.52
CA LYS C 84 -32.47 -5.57 4.78
C LYS C 84 -31.26 -4.71 4.45
N TYR C 85 -30.33 -4.56 5.39
CA TYR C 85 -29.14 -3.77 5.12
C TYR C 85 -28.37 -4.33 3.94
N GLU C 86 -28.10 -5.64 3.92
CA GLU C 86 -27.36 -6.21 2.80
C GLU C 86 -28.15 -6.10 1.51
N ASP C 87 -29.46 -6.39 1.54
CA ASP C 87 -30.29 -6.18 0.35
C ASP C 87 -30.04 -4.80 -0.23
N PHE C 88 -30.18 -3.77 0.59
CA PHE C 88 -30.24 -2.40 0.10
C PHE C 88 -28.85 -1.90 -0.26
N LYS C 89 -27.85 -2.28 0.53
CA LYS C 89 -26.47 -2.04 0.17
C LYS C 89 -26.18 -2.60 -1.22
N ARG C 90 -26.49 -3.88 -1.43
CA ARG C 90 -26.18 -4.51 -2.71
C ARG C 90 -26.94 -3.85 -3.85
N ARG C 91 -28.19 -3.45 -3.60
CA ARG C 91 -28.97 -2.84 -4.68
C ARG C 91 -28.43 -1.47 -5.04
N TYR C 92 -28.04 -0.67 -4.05
CA TYR C 92 -27.90 0.76 -4.24
C TYR C 92 -26.50 1.31 -4.11
N SER C 93 -25.58 0.56 -3.52
CA SER C 93 -24.19 0.98 -3.57
C SER C 93 -23.70 0.98 -5.01
N LYS C 94 -24.43 0.32 -5.91
CA LYS C 94 -24.20 0.43 -7.34
C LYS C 94 -24.52 1.81 -7.88
N LEU C 95 -24.93 2.76 -7.03
CA LEU C 95 -25.23 4.12 -7.45
C LEU C 95 -24.24 5.17 -6.94
N GLY C 96 -23.55 4.92 -5.83
CA GLY C 96 -22.64 5.89 -5.23
C GLY C 96 -23.05 6.28 -3.82
N LEU C 97 -23.86 5.43 -3.20
CA LEU C 97 -24.48 5.68 -1.89
C LEU C 97 -23.82 4.78 -0.86
N ARG C 98 -23.02 5.38 0.02
CA ARG C 98 -22.37 4.65 1.11
C ARG C 98 -23.43 4.08 2.05
N VAL C 99 -23.50 2.75 2.15
CA VAL C 99 -24.49 2.08 3.00
C VAL C 99 -23.79 1.52 4.23
N ALA C 100 -24.37 1.77 5.39
CA ALA C 100 -23.80 1.38 6.67
C ALA C 100 -24.90 0.91 7.61
N ILE C 101 -24.52 0.14 8.63
CA ILE C 101 -25.47 -0.46 9.56
C ILE C 101 -25.02 -0.17 10.99
N ARG C 102 -25.98 0.19 11.85
CA ARG C 102 -25.70 0.42 13.26
C ARG C 102 -26.63 -0.41 14.13
N VAL C 103 -26.03 -1.12 15.07
CA VAL C 103 -26.73 -1.86 16.10
C VAL C 103 -26.00 -1.63 17.41
N GLY C 104 -26.53 -2.19 18.50
CA GLY C 104 -25.80 -2.22 19.74
C GLY C 104 -24.76 -3.31 19.57
N MET C 105 -23.65 -2.96 18.90
CA MET C 105 -22.86 -3.91 18.13
C MET C 105 -22.52 -5.18 18.90
N SER C 106 -22.48 -6.28 18.15
CA SER C 106 -22.19 -7.58 18.73
C SER C 106 -20.83 -7.56 19.41
N ARG C 107 -20.70 -8.37 20.47
CA ARG C 107 -19.52 -8.27 21.34
C ARG C 107 -18.81 -9.60 21.58
N ILE C 108 -19.53 -10.74 21.53
CA ILE C 108 -18.92 -12.05 21.75
C ILE C 108 -18.37 -12.60 20.43
N LYS C 109 -17.42 -13.54 20.55
CA LYS C 109 -16.60 -13.99 19.43
C LYS C 109 -16.61 -15.51 19.32
N THR C 110 -17.44 -16.04 18.42
CA THR C 110 -17.42 -17.46 18.07
C THR C 110 -17.51 -17.59 16.56
N LYS C 111 -17.42 -18.83 16.09
CA LYS C 111 -17.24 -19.12 14.67
C LYS C 111 -18.55 -19.27 13.90
N ASP C 112 -19.71 -19.17 14.56
CA ASP C 112 -20.99 -19.48 13.94
C ASP C 112 -21.88 -18.27 13.70
N GLU C 113 -21.33 -17.06 13.78
CA GLU C 113 -22.18 -15.88 13.91
C GLU C 113 -21.86 -14.71 12.98
N LEU C 114 -22.44 -13.56 13.27
CA LEU C 114 -22.55 -12.44 12.35
C LEU C 114 -21.61 -11.31 12.76
N VAL C 115 -20.84 -10.80 11.81
CA VAL C 115 -20.00 -9.63 12.04
C VAL C 115 -20.79 -8.39 11.62
N VAL C 116 -20.84 -7.40 12.51
CA VAL C 116 -21.50 -6.11 12.27
C VAL C 116 -20.42 -5.12 11.83
N VAL C 117 -20.11 -5.12 10.53
CA VAL C 117 -19.08 -4.24 9.98
C VAL C 117 -19.64 -2.85 9.70
N ASP C 118 -18.72 -1.89 9.55
CA ASP C 118 -19.01 -0.63 8.86
C ASP C 118 -20.15 0.18 9.46
N THR C 119 -19.88 0.82 10.59
CA THR C 119 -20.91 1.60 11.29
C THR C 119 -20.67 3.10 11.23
N GLY C 120 -20.38 3.65 10.06
CA GLY C 120 -19.97 5.05 9.92
C GLY C 120 -21.10 6.00 9.50
N ILE C 121 -21.11 7.19 10.13
CA ILE C 121 -22.22 8.14 10.02
C ILE C 121 -22.22 8.86 8.68
N ASP C 122 -21.04 9.20 8.14
CA ASP C 122 -21.01 9.95 6.90
C ASP C 122 -21.48 9.13 5.71
N ALA C 123 -21.85 7.87 5.93
CA ALA C 123 -22.52 7.07 4.92
C ALA C 123 -23.93 7.62 4.67
N ASP C 124 -24.30 7.74 3.39
CA ASP C 124 -25.57 8.36 3.01
C ASP C 124 -26.77 7.47 3.26
N ILE C 125 -26.57 6.17 3.45
CA ILE C 125 -27.64 5.22 3.75
C ILE C 125 -27.33 4.54 5.08
N ILE C 126 -28.26 4.57 6.03
CA ILE C 126 -28.01 4.06 7.36
C ILE C 126 -29.15 3.14 7.80
N VAL C 127 -28.85 1.85 7.93
CA VAL C 127 -29.76 0.87 8.51
C VAL C 127 -29.43 0.79 9.99
N GLY C 128 -30.41 0.39 10.79
CA GLY C 128 -30.13 0.24 12.22
C GLY C 128 -31.27 -0.39 12.98
N THR C 129 -30.93 -0.87 14.18
CA THR C 129 -31.95 -1.37 15.07
C THR C 129 -32.54 -0.25 15.91
N TYR C 130 -33.44 -0.60 16.83
CA TYR C 130 -34.00 0.40 17.73
C TYR C 130 -33.06 0.68 18.89
N GLU C 131 -32.60 -0.39 19.56
CA GLU C 131 -31.64 -0.24 20.66
C GLU C 131 -30.30 0.27 20.14
N GLY C 132 -29.88 -0.18 18.97
CA GLY C 132 -28.62 0.26 18.41
C GLY C 132 -28.57 1.73 18.07
N ILE C 133 -29.73 2.40 18.02
CA ILE C 133 -29.79 3.83 17.73
C ILE C 133 -30.10 4.64 18.98
N ASP C 134 -30.98 4.14 19.85
CA ASP C 134 -31.20 4.79 21.13
C ASP C 134 -29.92 4.74 21.97
N TYR C 135 -29.08 3.74 21.75
CA TYR C 135 -27.78 3.64 22.44
C TYR C 135 -26.87 4.82 22.09
N LEU C 136 -26.86 5.24 20.83
CA LEU C 136 -26.05 6.38 20.41
C LEU C 136 -26.69 7.71 20.77
N LEU C 137 -28.01 7.81 20.61
CA LEU C 137 -28.70 9.07 20.86
C LEU C 137 -28.74 9.42 22.34
N ARG C 138 -28.82 8.41 23.21
CA ARG C 138 -28.72 8.67 24.65
C ARG C 138 -27.34 9.16 25.05
N ALA C 139 -26.37 9.08 24.15
CA ALA C 139 -25.09 9.75 24.34
C ALA C 139 -25.09 11.17 23.81
N GLY C 140 -26.22 11.66 23.31
CA GLY C 140 -26.30 13.03 22.81
C GLY C 140 -25.62 13.25 21.47
N ARG C 141 -25.53 12.22 20.64
CA ARG C 141 -24.84 12.29 19.36
C ARG C 141 -25.78 12.73 18.24
N LYS C 142 -25.26 13.52 17.31
CA LYS C 142 -26.00 13.94 16.13
C LYS C 142 -25.51 13.17 14.90
N ILE C 143 -26.45 12.88 13.99
CA ILE C 143 -26.15 12.23 12.74
C ILE C 143 -25.99 13.24 11.60
N GLY C 144 -26.88 14.23 11.55
CA GLY C 144 -26.73 15.33 10.62
C GLY C 144 -27.68 15.35 9.43
N ASN C 145 -27.18 14.93 8.28
CA ASN C 145 -27.83 15.16 7.00
C ASN C 145 -28.95 14.17 6.73
N VAL C 146 -29.88 14.01 7.67
CA VAL C 146 -30.95 13.03 7.57
C VAL C 146 -32.20 13.69 7.01
N GLY C 147 -32.63 13.25 5.82
CA GLY C 147 -33.80 13.82 5.17
C GLY C 147 -35.03 12.94 5.21
N THR C 148 -34.86 11.67 5.55
CA THR C 148 -35.96 10.71 5.54
C THR C 148 -35.79 9.73 6.69
N ILE C 149 -36.90 9.44 7.38
CA ILE C 149 -36.88 8.57 8.56
C ILE C 149 -37.97 7.51 8.40
N VAL C 150 -37.56 6.24 8.39
CA VAL C 150 -38.45 5.11 8.15
C VAL C 150 -38.39 4.15 9.32
N ILE C 151 -39.54 3.65 9.75
CA ILE C 151 -39.64 2.71 10.88
C ILE C 151 -40.41 1.49 10.41
N ASP C 152 -39.70 0.40 10.12
CA ASP C 152 -40.37 -0.84 9.78
C ASP C 152 -40.91 -1.48 11.06
N GLU C 153 -41.91 -2.34 10.87
CA GLU C 153 -42.52 -3.13 11.94
C GLU C 153 -42.67 -2.28 13.21
N ILE C 154 -43.43 -1.21 13.04
CA ILE C 154 -43.56 -0.21 14.09
C ILE C 154 -44.56 -0.66 15.15
N HIS C 155 -45.53 -1.50 14.78
CA HIS C 155 -46.56 -1.99 15.69
C HIS C 155 -45.99 -2.70 16.92
N THR C 156 -44.68 -2.95 16.94
CA THR C 156 -43.95 -3.46 18.10
C THR C 156 -44.11 -2.51 19.29
N LEU C 157 -44.76 -1.37 19.06
CA LEU C 157 -45.12 -0.48 20.16
C LEU C 157 -46.09 -1.14 21.12
N ASP C 158 -47.04 -1.93 20.59
CA ASP C 158 -47.98 -2.59 21.51
C ASP C 158 -47.24 -3.51 22.46
N ASP C 159 -46.17 -4.15 22.00
CA ASP C 159 -45.30 -4.88 22.90
C ASP C 159 -44.85 -3.95 24.02
N GLU C 160 -45.04 -4.38 25.25
CA GLU C 160 -44.96 -3.51 26.41
C GLU C 160 -43.54 -3.42 26.95
N GLU C 161 -42.57 -4.00 26.26
CA GLU C 161 -41.16 -3.84 26.61
C GLU C 161 -40.48 -2.83 25.71
N ARG C 162 -40.50 -3.07 24.40
CA ARG C 162 -39.85 -2.17 23.46
C ARG C 162 -40.72 -0.98 23.09
N GLY C 163 -42.04 -1.10 23.21
CA GLY C 163 -42.96 -0.07 22.80
C GLY C 163 -42.70 1.31 23.38
N PRO C 164 -42.50 1.39 24.69
CA PRO C 164 -42.30 2.73 25.28
C PRO C 164 -40.97 3.38 24.92
N ARG C 165 -39.87 2.62 24.94
CA ARG C 165 -38.59 3.16 24.47
C ARG C 165 -38.71 3.64 23.03
N LEU C 166 -39.46 2.91 22.20
CA LEU C 166 -39.69 3.33 20.83
C LEU C 166 -40.50 4.62 20.75
N ASP C 167 -41.54 4.74 21.55
CA ASP C 167 -42.32 5.98 21.56
C ASP C 167 -41.45 7.18 21.92
N GLY C 168 -40.66 7.06 22.99
CA GLY C 168 -39.79 8.16 23.40
C GLY C 168 -38.75 8.47 22.34
N LEU C 169 -38.13 7.43 21.77
CA LEU C 169 -37.14 7.64 20.72
C LEU C 169 -37.75 8.37 19.54
N ILE C 170 -38.99 8.02 19.17
CA ILE C 170 -39.62 8.64 18.01
C ILE C 170 -39.94 10.10 18.30
N ALA C 171 -40.37 10.42 19.53
CA ALA C 171 -40.59 11.82 19.86
C ALA C 171 -39.27 12.60 19.77
N ARG C 172 -38.18 12.02 20.28
CA ARG C 172 -36.88 12.65 20.17
C ARG C 172 -36.48 12.86 18.71
N LEU C 173 -36.73 11.87 17.86
CA LEU C 173 -36.31 11.94 16.45
C LEU C 173 -37.15 12.92 15.64
N ARG C 174 -38.45 13.04 15.95
CA ARG C 174 -39.27 14.09 15.35
C ARG C 174 -38.74 15.46 15.74
N LYS C 175 -38.32 15.61 17.00
CA LYS C 175 -37.78 16.88 17.41
C LYS C 175 -36.44 17.18 16.73
N LEU C 176 -35.60 16.15 16.55
CA LEU C 176 -34.25 16.37 16.01
C LEU C 176 -34.28 16.80 14.56
N TYR C 177 -34.82 15.95 13.70
CA TYR C 177 -34.82 16.16 12.25
C TYR C 177 -36.28 16.32 11.84
N PRO C 178 -36.81 17.51 11.96
CA PRO C 178 -38.24 17.72 11.70
C PRO C 178 -38.58 17.89 10.23
N LYS C 179 -37.65 18.43 9.43
CA LYS C 179 -37.91 18.54 8.00
C LYS C 179 -38.04 17.18 7.32
N ALA C 180 -37.53 16.13 7.96
CA ALA C 180 -37.45 14.82 7.32
C ALA C 180 -38.84 14.28 7.01
N GLN C 181 -38.90 13.45 5.96
CA GLN C 181 -40.14 12.77 5.59
C GLN C 181 -40.26 11.49 6.42
N PHE C 182 -41.34 11.39 7.19
CA PHE C 182 -41.54 10.27 8.11
C PHE C 182 -42.41 9.21 7.46
N ILE C 183 -41.94 7.96 7.51
CA ILE C 183 -42.67 6.81 6.99
C ILE C 183 -42.78 5.80 8.13
N GLY C 184 -44.02 5.45 8.48
CA GLY C 184 -44.19 4.38 9.45
C GLY C 184 -44.77 3.14 8.83
N LEU C 185 -43.97 2.08 8.76
CA LEU C 185 -44.40 0.84 8.11
C LEU C 185 -45.00 -0.06 9.18
N SER C 186 -46.14 -0.66 8.86
CA SER C 186 -46.74 -1.57 9.81
C SER C 186 -47.56 -2.62 9.09
N ALA C 187 -47.53 -3.83 9.62
CA ALA C 187 -48.58 -4.78 9.31
C ALA C 187 -49.92 -4.26 9.85
N THR C 188 -51.00 -4.90 9.42
CA THR C 188 -52.33 -4.41 9.76
C THR C 188 -52.55 -4.46 11.27
N VAL C 189 -53.22 -3.44 11.81
CA VAL C 189 -53.61 -3.35 13.21
C VAL C 189 -55.05 -2.86 13.31
N GLY C 190 -55.53 -2.69 14.55
CA GLY C 190 -56.93 -2.49 14.81
C GLY C 190 -57.43 -1.06 14.82
N ASN C 191 -56.55 -0.11 15.12
CA ASN C 191 -56.94 1.28 15.35
C ASN C 191 -56.13 2.23 14.46
N PRO C 192 -56.25 2.09 13.14
CA PRO C 192 -55.43 2.95 12.27
C PRO C 192 -55.88 4.40 12.26
N ASP C 193 -57.19 4.65 12.27
CA ASP C 193 -57.71 6.01 12.14
C ASP C 193 -57.31 6.86 13.34
N GLU C 194 -57.71 6.44 14.54
CA GLU C 194 -57.44 7.22 15.74
C GLU C 194 -55.94 7.36 15.99
N LEU C 195 -55.17 6.29 15.76
CA LEU C 195 -53.73 6.36 16.02
C LEU C 195 -53.04 7.30 15.04
N ALA C 196 -53.32 7.17 13.74
CA ALA C 196 -52.79 8.12 12.77
C ALA C 196 -53.14 9.55 13.15
N LYS C 197 -54.36 9.77 13.67
CA LYS C 197 -54.70 11.08 14.22
C LYS C 197 -53.72 11.47 15.32
N GLU C 198 -53.44 10.54 16.23
CA GLU C 198 -52.54 10.83 17.34
C GLU C 198 -51.09 11.00 16.89
N LEU C 199 -50.81 10.95 15.59
CA LEU C 199 -49.47 11.17 15.05
C LEU C 199 -49.38 12.27 14.01
N GLY C 200 -50.49 12.67 13.41
CA GLY C 200 -50.45 13.57 12.28
C GLY C 200 -49.93 12.92 11.01
N LEU C 201 -50.36 11.70 10.71
CA LEU C 201 -49.85 10.94 9.57
C LEU C 201 -51.00 10.49 8.69
N LYS C 202 -50.90 10.80 7.39
CA LYS C 202 -51.86 10.34 6.41
C LYS C 202 -51.86 8.82 6.33
N LEU C 203 -53.06 8.23 6.34
CA LEU C 203 -53.22 6.79 6.50
C LEU C 203 -53.28 6.09 5.14
N VAL C 204 -52.63 4.93 5.04
CA VAL C 204 -52.66 4.09 3.85
C VAL C 204 -53.13 2.71 4.28
N LEU C 205 -54.43 2.43 4.07
CA LEU C 205 -55.05 1.16 4.42
C LEU C 205 -54.92 0.11 3.31
N TYR C 206 -54.56 -1.11 3.70
CA TYR C 206 -54.68 -2.24 2.78
C TYR C 206 -55.05 -3.47 3.61
N ASP C 207 -56.36 -3.73 3.70
CA ASP C 207 -56.85 -4.86 4.47
C ASP C 207 -56.95 -6.12 3.64
N GLU C 208 -57.06 -5.98 2.32
CA GLU C 208 -57.15 -7.14 1.45
C GLU C 208 -55.94 -8.05 1.60
N ARG C 209 -56.17 -9.34 1.47
CA ARG C 209 -55.08 -10.29 1.34
C ARG C 209 -54.72 -10.42 -0.14
N PRO C 210 -53.48 -10.12 -0.54
CA PRO C 210 -53.11 -10.35 -1.95
C PRO C 210 -53.28 -11.80 -2.40
N VAL C 211 -53.04 -12.77 -1.50
CA VAL C 211 -53.22 -14.18 -1.79
C VAL C 211 -54.23 -14.71 -0.77
N ASP C 212 -55.47 -14.94 -1.22
CA ASP C 212 -56.52 -15.45 -0.35
C ASP C 212 -56.38 -16.96 -0.14
N LEU C 213 -56.14 -17.35 1.10
CA LEU C 213 -55.86 -18.74 1.47
C LEU C 213 -57.15 -19.55 1.52
N GLU C 214 -57.01 -20.88 1.63
CA GLU C 214 -58.12 -21.80 1.81
C GLU C 214 -58.03 -22.44 3.20
N ARG C 215 -59.06 -22.26 4.01
CA ARG C 215 -58.99 -22.55 5.43
C ARG C 215 -59.84 -23.75 5.80
N HIS C 216 -59.24 -24.70 6.54
CA HIS C 216 -59.89 -25.90 7.03
C HIS C 216 -59.55 -26.08 8.50
N ILE C 217 -60.40 -26.82 9.20
CA ILE C 217 -60.12 -27.19 10.59
C ILE C 217 -60.25 -28.70 10.69
N ILE C 218 -59.71 -29.25 11.78
CA ILE C 218 -59.86 -30.65 12.12
C ILE C 218 -60.12 -30.73 13.61
N ILE C 219 -60.71 -31.86 14.02
CA ILE C 219 -60.92 -32.18 15.43
C ILE C 219 -60.16 -33.47 15.74
N VAL C 220 -59.58 -33.54 16.94
CA VAL C 220 -58.96 -34.75 17.43
C VAL C 220 -59.43 -34.95 18.86
N ARG C 221 -59.39 -36.21 19.30
CA ARG C 221 -59.84 -36.59 20.63
C ARG C 221 -58.70 -36.72 21.62
N ASN C 222 -57.45 -36.71 21.14
CA ASN C 222 -56.27 -36.66 21.99
C ASN C 222 -55.14 -36.08 21.14
N GLU C 223 -53.98 -35.94 21.77
CA GLU C 223 -52.83 -35.41 21.06
C GLU C 223 -52.26 -36.40 20.05
N SER C 224 -52.31 -37.70 20.36
CA SER C 224 -51.64 -38.68 19.49
C SER C 224 -52.35 -38.83 18.15
N GLU C 225 -53.69 -38.89 18.16
CA GLU C 225 -54.41 -38.83 16.89
C GLU C 225 -54.16 -37.50 16.19
N LYS C 226 -54.03 -36.42 16.97
CA LYS C 226 -53.68 -35.13 16.39
C LYS C 226 -52.42 -35.22 15.55
N TRP C 227 -51.37 -35.82 16.11
CA TRP C 227 -50.10 -35.87 15.39
C TRP C 227 -50.15 -36.91 14.26
N ARG C 228 -50.96 -37.95 14.40
CA ARG C 228 -51.23 -38.83 13.25
C ARG C 228 -51.79 -38.03 12.09
N HIS C 229 -52.79 -37.19 12.38
CA HIS C 229 -53.36 -36.34 11.35
C HIS C 229 -52.31 -35.38 10.80
N ILE C 230 -51.40 -34.90 11.65
CA ILE C 230 -50.37 -33.98 11.16
C ILE C 230 -49.46 -34.69 10.15
N ALA C 231 -49.03 -35.90 10.46
CA ALA C 231 -48.22 -36.66 9.50
C ALA C 231 -48.98 -36.87 8.20
N ASN C 232 -50.26 -37.25 8.29
CA ASN C 232 -51.06 -37.46 7.08
C ASN C 232 -51.17 -36.17 6.27
N LEU C 233 -51.38 -35.04 6.96
CA LEU C 233 -51.51 -33.76 6.28
C LEU C 233 -50.22 -33.39 5.56
N CYS C 234 -49.08 -33.67 6.18
CA CYS C 234 -47.82 -33.32 5.56
C CYS C 234 -47.51 -34.23 4.38
N ARG C 235 -47.89 -35.50 4.46
CA ARG C 235 -47.81 -36.35 3.27
C ARG C 235 -48.70 -35.81 2.16
N ALA C 236 -49.90 -35.36 2.51
CA ALA C 236 -50.86 -34.91 1.50
C ALA C 236 -50.40 -33.63 0.82
N GLU C 237 -49.93 -32.65 1.58
CA GLU C 237 -49.35 -31.47 0.96
C GLU C 237 -48.10 -31.84 0.18
N ALA C 238 -47.39 -32.87 0.63
CA ALA C 238 -46.25 -33.36 -0.13
C ALA C 238 -46.63 -33.94 -1.50
N MET C 239 -47.90 -34.27 -1.75
CA MET C 239 -48.32 -34.82 -3.05
C MET C 239 -49.09 -33.77 -3.86
N ARG C 240 -48.33 -32.94 -4.57
CA ARG C 240 -48.80 -32.03 -5.60
C ARG C 240 -47.67 -31.71 -6.57
N LYS C 241 -48.05 -31.32 -7.79
CA LYS C 241 -47.12 -30.80 -8.78
C LYS C 241 -48.00 -29.96 -9.70
N SER C 242 -47.96 -28.65 -9.55
CA SER C 242 -48.64 -27.83 -10.52
C SER C 242 -47.90 -27.87 -11.85
N LYS C 243 -48.47 -27.14 -12.82
CA LYS C 243 -47.84 -26.93 -14.11
C LYS C 243 -46.40 -26.50 -13.91
N GLN C 244 -46.17 -25.66 -12.91
CA GLN C 244 -44.85 -25.22 -12.48
C GLN C 244 -43.96 -26.38 -12.04
N GLY C 245 -44.49 -27.61 -12.07
CA GLY C 245 -43.68 -28.77 -11.75
C GLY C 245 -43.14 -28.84 -10.33
N TYR C 246 -43.88 -28.30 -9.36
CA TYR C 246 -43.43 -28.20 -7.98
C TYR C 246 -43.84 -29.46 -7.20
N LYS C 247 -43.87 -29.32 -5.88
CA LYS C 247 -44.50 -30.22 -4.91
C LYS C 247 -45.10 -29.29 -3.86
N GLY C 248 -45.46 -29.78 -2.69
CA GLY C 248 -46.03 -28.92 -1.66
C GLY C 248 -45.33 -29.10 -0.32
N GLN C 249 -45.06 -27.98 0.33
CA GLN C 249 -44.24 -27.92 1.53
C GLN C 249 -45.02 -27.24 2.64
N SER C 250 -44.73 -27.63 3.88
CA SER C 250 -45.61 -27.32 4.99
C SER C 250 -44.84 -26.79 6.19
N ILE C 251 -45.52 -25.94 6.96
CA ILE C 251 -45.00 -25.40 8.20
C ILE C 251 -45.93 -25.81 9.34
N VAL C 252 -45.37 -25.99 10.53
CA VAL C 252 -46.12 -26.38 11.72
C VAL C 252 -45.79 -25.40 12.83
N PHE C 253 -46.78 -24.64 13.28
CA PHE C 253 -46.64 -23.73 14.42
C PHE C 253 -47.13 -24.45 15.66
N THR C 254 -46.19 -24.91 16.47
CA THR C 254 -46.47 -25.51 17.76
C THR C 254 -46.42 -24.40 18.82
N PHE C 255 -46.30 -24.77 20.10
CA PHE C 255 -46.34 -23.78 21.16
C PHE C 255 -45.05 -23.64 21.97
N SER C 256 -44.20 -24.67 22.02
CA SER C 256 -42.90 -24.57 22.70
C SER C 256 -41.83 -25.19 21.81
N ARG C 257 -40.57 -24.98 22.20
CA ARG C 257 -39.45 -25.47 21.40
C ARG C 257 -39.26 -26.98 21.52
N LYS C 258 -39.41 -27.51 22.73
CA LYS C 258 -39.43 -28.96 22.91
C LYS C 258 -40.44 -29.63 22.00
N ARG C 259 -41.61 -28.99 21.79
CA ARG C 259 -42.61 -29.58 20.91
C ARG C 259 -42.18 -29.52 19.44
N THR C 260 -41.49 -28.44 19.02
CA THR C 260 -40.94 -28.44 17.66
C THR C 260 -40.01 -29.63 17.46
N HIS C 261 -39.14 -29.87 18.44
CA HIS C 261 -38.19 -30.97 18.32
C HIS C 261 -38.90 -32.32 18.29
N GLU C 262 -39.80 -32.57 19.25
CA GLU C 262 -40.51 -33.85 19.29
C GLU C 262 -41.27 -34.09 17.99
N LEU C 263 -42.04 -33.10 17.54
CA LEU C 263 -42.83 -33.26 16.34
C LEU C 263 -41.95 -33.47 15.11
N ALA C 264 -40.83 -32.73 15.02
CA ALA C 264 -39.96 -32.81 13.85
C ALA C 264 -39.28 -34.17 13.73
N ALA C 265 -38.77 -34.70 14.84
CA ALA C 265 -38.19 -36.04 14.75
C ALA C 265 -39.27 -37.10 14.51
N TYR C 266 -40.49 -36.90 15.04
CA TYR C 266 -41.58 -37.82 14.75
C TYR C 266 -41.87 -37.89 13.25
N LEU C 267 -42.06 -36.73 12.62
CA LEU C 267 -42.32 -36.72 11.20
C LEU C 267 -41.11 -37.13 10.39
N THR C 268 -39.90 -37.01 10.95
CA THR C 268 -38.75 -37.66 10.36
C THR C 268 -38.93 -39.17 10.35
N SER C 269 -39.45 -39.72 11.46
CA SER C 269 -39.72 -41.15 11.58
C SER C 269 -40.83 -41.62 10.65
N LYS C 270 -41.69 -40.70 10.22
CA LYS C 270 -42.66 -41.00 9.17
C LYS C 270 -42.06 -40.83 7.77
N GLY C 271 -40.74 -40.93 7.64
CA GLY C 271 -40.05 -40.81 6.38
C GLY C 271 -40.01 -39.42 5.78
N LEU C 272 -40.77 -38.46 6.30
CA LEU C 272 -40.76 -37.11 5.77
C LEU C 272 -39.45 -36.40 6.08
N LYS C 273 -38.95 -35.62 5.12
CA LYS C 273 -37.78 -34.77 5.32
C LYS C 273 -38.23 -33.55 6.11
N ALA C 274 -38.14 -33.64 7.43
CA ALA C 274 -38.70 -32.63 8.32
C ALA C 274 -37.63 -32.17 9.30
N LYS C 275 -37.66 -30.89 9.66
CA LYS C 275 -36.69 -30.35 10.60
C LYS C 275 -37.32 -29.19 11.37
N PRO C 276 -36.75 -28.82 12.53
CA PRO C 276 -37.28 -27.68 13.28
C PRO C 276 -36.54 -26.37 12.99
N TYR C 277 -37.10 -25.27 13.52
CA TYR C 277 -36.56 -23.93 13.29
C TYR C 277 -37.08 -22.97 14.35
N HIS C 278 -36.17 -22.27 15.03
CA HIS C 278 -36.50 -21.16 15.91
C HIS C 278 -35.20 -20.44 16.27
N SER C 279 -35.32 -19.40 17.08
CA SER C 279 -34.18 -18.51 17.34
C SER C 279 -33.08 -19.22 18.12
N GLY C 280 -33.43 -20.01 19.12
CA GLY C 280 -32.46 -20.52 20.06
C GLY C 280 -31.47 -21.52 19.50
N LEU C 281 -31.43 -21.62 18.15
CA LEU C 281 -30.62 -22.51 17.33
C LEU C 281 -29.40 -21.78 16.77
N PRO C 282 -28.26 -22.47 16.60
CA PRO C 282 -27.08 -21.81 16.02
C PRO C 282 -27.36 -21.21 14.65
N TYR C 283 -26.90 -19.97 14.46
CA TYR C 283 -27.18 -19.28 13.21
C TYR C 283 -26.67 -20.08 12.03
N LYS C 284 -25.56 -20.79 12.21
CA LYS C 284 -25.01 -21.69 11.21
C LYS C 284 -26.09 -22.61 10.66
N GLN C 285 -26.62 -23.49 11.52
CA GLN C 285 -27.61 -24.46 11.07
C GLN C 285 -28.98 -23.82 10.79
N ARG C 286 -29.27 -22.68 11.42
CA ARG C 286 -30.54 -22.00 11.16
C ARG C 286 -30.62 -21.53 9.72
N LYS C 287 -29.66 -20.72 9.29
CA LYS C 287 -29.70 -20.25 7.90
C LYS C 287 -29.37 -21.37 6.94
N LEU C 288 -28.63 -22.39 7.39
CA LEU C 288 -28.50 -23.62 6.60
C LEU C 288 -29.87 -24.21 6.27
N THR C 289 -30.73 -24.34 7.27
CA THR C 289 -32.04 -24.93 7.05
C THR C 289 -32.98 -23.98 6.32
N GLU C 290 -32.84 -22.68 6.55
CA GLU C 290 -33.55 -21.70 5.70
C GLU C 290 -33.27 -22.00 4.24
N MET C 291 -31.99 -22.12 3.90
CA MET C 291 -31.59 -22.38 2.52
C MET C 291 -32.12 -23.72 2.02
N GLU C 292 -32.06 -24.77 2.85
CA GLU C 292 -32.49 -26.11 2.41
C GLU C 292 -33.99 -26.17 2.13
N PHE C 293 -34.81 -25.56 2.99
CA PHE C 293 -36.24 -25.52 2.74
C PHE C 293 -36.55 -24.70 1.50
N LEU C 294 -35.83 -23.59 1.30
CA LEU C 294 -36.07 -22.76 0.13
C LEU C 294 -35.93 -23.57 -1.16
N ALA C 295 -34.91 -24.41 -1.25
CA ALA C 295 -34.51 -25.03 -2.51
C ALA C 295 -35.24 -26.32 -2.80
N GLN C 296 -36.45 -26.49 -2.26
CA GLN C 296 -37.32 -27.63 -2.54
C GLN C 296 -36.69 -28.94 -2.07
N ARG C 297 -35.80 -28.87 -1.08
CA ARG C 297 -35.21 -30.08 -0.54
C ARG C 297 -35.99 -30.59 0.68
N LEU C 298 -36.22 -29.73 1.66
CA LEU C 298 -36.98 -30.15 2.82
C LEU C 298 -38.47 -30.16 2.50
N ASP C 299 -39.23 -30.84 3.36
CA ASP C 299 -40.69 -30.93 3.27
C ASP C 299 -41.42 -30.18 4.37
N VAL C 300 -40.96 -30.28 5.62
CA VAL C 300 -41.70 -29.76 6.77
C VAL C 300 -40.78 -28.93 7.65
N VAL C 301 -41.26 -27.75 8.09
CA VAL C 301 -40.53 -26.91 9.03
C VAL C 301 -41.37 -26.70 10.28
N VAL C 302 -40.82 -27.07 11.43
CA VAL C 302 -41.55 -26.99 12.70
C VAL C 302 -41.00 -25.81 13.50
N THR C 303 -41.83 -24.83 13.76
CA THR C 303 -41.36 -23.57 14.34
C THR C 303 -42.37 -23.05 15.34
N THR C 304 -42.04 -21.89 15.92
CA THR C 304 -42.95 -21.11 16.76
C THR C 304 -43.21 -19.77 16.09
N ALA C 305 -43.96 -18.91 16.76
CA ALA C 305 -44.21 -17.58 16.23
C ALA C 305 -42.98 -16.70 16.28
N ALA C 306 -41.84 -17.24 16.70
CA ALA C 306 -40.55 -16.56 16.68
C ALA C 306 -40.09 -16.24 15.29
N LEU C 307 -40.93 -16.50 14.28
CA LEU C 307 -40.64 -16.14 12.90
C LEU C 307 -40.85 -14.64 12.72
N GLY C 308 -39.85 -13.89 13.13
CA GLY C 308 -39.80 -12.47 12.87
C GLY C 308 -39.49 -12.17 11.42
N ALA C 309 -39.40 -10.88 11.13
CA ALA C 309 -39.05 -10.47 9.78
C ALA C 309 -37.59 -10.83 9.49
N GLY C 310 -37.17 -10.53 8.26
CA GLY C 310 -35.87 -10.95 7.77
C GLY C 310 -35.81 -12.41 7.38
N VAL C 311 -36.74 -13.22 7.87
CA VAL C 311 -36.82 -14.62 7.47
C VAL C 311 -37.67 -14.67 6.22
N ASP C 312 -37.01 -14.77 5.07
CA ASP C 312 -37.71 -14.86 3.79
C ASP C 312 -38.14 -16.31 3.63
N PHE C 313 -39.42 -16.59 3.89
CA PHE C 313 -39.89 -17.97 3.99
C PHE C 313 -41.23 -18.22 3.32
N PRO C 314 -41.22 -18.88 2.15
CA PRO C 314 -42.46 -19.21 1.47
C PRO C 314 -42.99 -20.60 1.81
N ALA C 315 -44.26 -20.69 2.19
CA ALA C 315 -44.88 -21.99 2.40
C ALA C 315 -46.20 -22.04 1.64
N SER C 316 -46.52 -23.23 1.10
CA SER C 316 -47.79 -23.49 0.45
C SER C 316 -48.87 -23.95 1.42
N GLN C 317 -48.50 -24.32 2.64
CA GLN C 317 -49.48 -24.85 3.58
C GLN C 317 -48.97 -24.66 5.00
N VAL C 318 -49.85 -24.19 5.87
CA VAL C 318 -49.54 -23.98 7.27
C VAL C 318 -50.43 -24.89 8.12
N ILE C 319 -49.89 -25.33 9.28
CA ILE C 319 -50.59 -26.19 10.22
C ILE C 319 -50.33 -25.66 11.62
N PHE C 320 -51.37 -25.58 12.44
CA PHE C 320 -51.26 -25.13 13.82
C PHE C 320 -51.55 -26.31 14.73
N GLU C 321 -50.48 -26.91 15.25
CA GLU C 321 -50.65 -27.96 16.26
C GLU C 321 -51.33 -27.40 17.49
N SER C 322 -51.05 -26.15 17.82
CA SER C 322 -51.58 -25.53 19.03
C SER C 322 -51.71 -24.04 18.78
N LEU C 323 -52.35 -23.36 19.74
CA LEU C 323 -52.62 -21.94 19.67
C LEU C 323 -51.94 -21.19 20.80
N ALA C 324 -50.81 -21.70 21.27
CA ALA C 324 -50.12 -21.07 22.39
C ALA C 324 -48.70 -20.72 21.98
N MET C 325 -48.11 -19.83 22.78
CA MET C 325 -46.68 -19.49 22.77
C MET C 325 -46.26 -19.45 24.24
N GLY C 326 -45.78 -20.58 24.72
CA GLY C 326 -45.59 -20.78 26.15
C GLY C 326 -46.85 -21.41 26.75
N ASN C 327 -47.51 -20.68 27.65
CA ASN C 327 -48.85 -21.04 28.08
C ASN C 327 -49.83 -19.90 27.82
N LYS C 328 -49.51 -19.06 26.83
CA LYS C 328 -50.32 -17.90 26.47
C LYS C 328 -51.02 -18.18 25.16
N TRP C 329 -52.34 -18.03 25.15
CA TRP C 329 -53.07 -18.18 23.90
C TRP C 329 -52.62 -17.12 22.92
N LEU C 330 -52.53 -17.51 21.64
CA LEU C 330 -52.06 -16.60 20.60
C LEU C 330 -52.89 -15.33 20.56
N SER C 331 -52.31 -14.27 20.00
CA SER C 331 -53.07 -13.07 19.71
C SER C 331 -53.60 -13.16 18.28
N VAL C 332 -54.66 -12.39 18.01
CA VAL C 332 -55.27 -12.39 16.69
C VAL C 332 -54.30 -11.85 15.65
N ARG C 333 -53.59 -10.77 15.99
CA ARG C 333 -52.56 -10.24 15.11
C ARG C 333 -51.47 -11.26 14.87
N GLU C 334 -51.06 -11.95 15.93
CA GLU C 334 -50.05 -13.01 15.81
C GLU C 334 -50.52 -14.09 14.84
N PHE C 335 -51.74 -14.57 15.03
CA PHE C 335 -52.29 -15.59 14.16
C PHE C 335 -52.36 -15.11 12.71
N HIS C 336 -52.78 -13.87 12.51
CA HIS C 336 -52.89 -13.33 11.16
C HIS C 336 -51.53 -13.31 10.45
N GLN C 337 -50.49 -12.81 11.12
CA GLN C 337 -49.17 -12.78 10.48
C GLN C 337 -48.57 -14.17 10.31
N MET C 338 -48.97 -15.12 11.18
CA MET C 338 -48.58 -16.51 10.98
C MET C 338 -49.21 -17.08 9.72
N LEU C 339 -50.42 -16.62 9.39
CA LEU C 339 -50.96 -16.90 8.06
C LEU C 339 -50.25 -16.08 6.99
N GLY C 340 -49.73 -14.92 7.39
CA GLY C 340 -48.95 -14.02 6.54
C GLY C 340 -47.59 -14.53 6.13
N ARG C 341 -47.17 -15.67 6.68
CA ARG C 341 -46.09 -16.43 6.07
C ARG C 341 -46.61 -17.68 5.36
N ALA C 342 -47.93 -17.76 5.18
CA ALA C 342 -48.56 -18.49 4.10
C ALA C 342 -49.02 -17.52 3.02
N GLY C 343 -49.06 -16.22 3.37
CA GLY C 343 -49.28 -15.13 2.46
C GLY C 343 -48.19 -15.01 1.42
N ARG C 344 -47.05 -15.66 1.67
CA ARG C 344 -46.01 -15.85 0.68
C ARG C 344 -46.09 -17.31 0.29
N PRO C 345 -47.14 -17.73 -0.40
CA PRO C 345 -47.31 -19.16 -0.68
C PRO C 345 -46.23 -19.63 -1.63
N LEU C 346 -46.08 -20.95 -1.70
CA LEU C 346 -45.21 -21.50 -2.73
C LEU C 346 -45.90 -21.35 -4.08
N TYR C 347 -45.11 -21.11 -5.12
CA TYR C 347 -45.57 -20.31 -6.26
C TYR C 347 -46.01 -18.97 -5.65
N HIS C 348 -47.04 -18.40 -6.24
CA HIS C 348 -47.94 -17.37 -5.70
C HIS C 348 -49.37 -17.79 -6.01
N GLU C 349 -49.70 -19.04 -5.65
CA GLU C 349 -50.99 -19.70 -5.89
C GLU C 349 -51.63 -19.98 -4.52
N LYS C 350 -52.82 -20.57 -4.53
CA LYS C 350 -53.68 -20.56 -3.34
C LYS C 350 -53.23 -21.55 -2.27
N GLY C 351 -52.62 -21.01 -1.22
CA GLY C 351 -52.19 -21.79 -0.06
C GLY C 351 -53.35 -22.33 0.74
N LYS C 352 -53.05 -23.37 1.53
CA LYS C 352 -54.01 -24.04 2.38
C LYS C 352 -53.54 -24.06 3.83
N VAL C 353 -54.51 -24.02 4.75
CA VAL C 353 -54.24 -23.91 6.18
C VAL C 353 -55.05 -24.94 6.94
N TYR C 354 -54.43 -25.57 7.95
CA TYR C 354 -55.11 -26.57 8.78
C TYR C 354 -54.76 -26.35 10.24
N LEU C 355 -55.79 -26.30 11.09
CA LEU C 355 -55.60 -26.17 12.54
C LEU C 355 -56.15 -27.39 13.25
N LEU C 356 -55.39 -27.89 14.22
CA LEU C 356 -55.78 -29.11 14.91
C LEU C 356 -56.15 -28.81 16.36
N VAL C 357 -57.32 -29.29 16.76
CA VAL C 357 -58.04 -28.85 17.97
C VAL C 357 -58.37 -30.06 18.84
N GLU C 358 -57.91 -30.03 20.08
CA GLU C 358 -58.38 -30.93 21.11
C GLU C 358 -59.43 -30.20 21.93
N PRO C 359 -60.69 -30.64 21.93
CA PRO C 359 -61.75 -29.87 22.61
C PRO C 359 -61.51 -29.79 24.11
N GLY C 360 -61.73 -28.61 24.67
CA GLY C 360 -61.48 -28.37 26.08
C GLY C 360 -60.03 -28.38 26.50
N ARG C 361 -59.09 -28.50 25.56
CA ARG C 361 -57.68 -28.70 25.88
C ARG C 361 -57.05 -27.42 26.42
N LYS C 362 -56.65 -27.45 27.67
CA LYS C 362 -55.76 -26.44 28.21
C LYS C 362 -54.38 -27.06 28.30
N TYR C 363 -53.47 -26.62 27.43
CA TYR C 363 -52.10 -27.08 27.49
C TYR C 363 -51.39 -26.64 28.76
N SER C 364 -52.05 -25.84 29.58
CA SER C 364 -51.61 -25.44 30.91
C SER C 364 -52.85 -25.43 31.81
N ALA C 365 -52.76 -24.77 32.96
CA ALA C 365 -53.91 -24.62 33.83
C ALA C 365 -54.32 -23.18 34.08
N GLN C 366 -53.45 -22.20 33.82
CA GLN C 366 -53.78 -20.79 34.05
C GLN C 366 -54.32 -20.10 32.81
N MET C 367 -54.32 -20.76 31.65
CA MET C 367 -55.01 -20.22 30.49
C MET C 367 -56.48 -20.04 30.82
N GLU C 368 -57.08 -18.98 30.27
CA GLU C 368 -58.46 -18.61 30.59
C GLU C 368 -59.31 -18.77 29.33
N GLY C 369 -59.84 -19.98 29.16
CA GLY C 369 -60.51 -20.40 27.95
C GLY C 369 -59.79 -21.56 27.28
N THR C 370 -60.55 -22.53 26.77
CA THR C 370 -59.99 -23.70 26.10
C THR C 370 -59.81 -23.44 24.60
N GLU C 371 -59.23 -24.44 23.91
CA GLU C 371 -58.79 -24.27 22.53
C GLU C 371 -59.93 -23.92 21.58
N ASP C 372 -61.14 -24.40 21.87
CA ASP C 372 -62.29 -24.11 21.00
C ASP C 372 -62.64 -22.63 21.00
N GLU C 373 -62.77 -22.05 22.20
CA GLU C 373 -63.11 -20.64 22.32
C GLU C 373 -62.04 -19.75 21.69
N VAL C 374 -60.77 -20.09 21.93
CA VAL C 374 -59.66 -19.34 21.33
C VAL C 374 -59.71 -19.47 19.80
N ALA C 375 -60.12 -20.63 19.29
CA ALA C 375 -60.23 -20.82 17.85
C ALA C 375 -61.26 -19.89 17.23
N PHE C 376 -62.47 -19.86 17.81
CA PHE C 376 -63.47 -18.96 17.27
C PHE C 376 -63.04 -17.49 17.37
N LYS C 377 -62.51 -17.10 18.54
CA LYS C 377 -62.00 -15.74 18.71
C LYS C 377 -61.04 -15.37 17.59
N LEU C 378 -59.99 -16.19 17.41
CA LEU C 378 -58.97 -15.88 16.40
C LEU C 378 -59.59 -15.78 15.01
N LEU C 379 -60.58 -16.63 14.70
CA LEU C 379 -61.07 -16.58 13.34
C LEU C 379 -61.97 -15.38 13.07
N THR C 380 -62.83 -15.01 14.03
CA THR C 380 -63.85 -14.00 13.75
C THR C 380 -63.54 -12.64 14.32
N ALA C 381 -62.46 -12.50 15.08
CA ALA C 381 -62.14 -11.20 15.62
C ALA C 381 -61.49 -10.31 14.58
N PRO C 382 -61.57 -9.01 14.79
CA PRO C 382 -60.64 -8.09 14.13
C PRO C 382 -59.34 -7.99 14.93
N ILE C 383 -58.41 -7.25 14.38
CA ILE C 383 -57.07 -7.15 14.96
C ILE C 383 -57.10 -6.18 16.13
N GLU C 384 -56.29 -6.46 17.15
CA GLU C 384 -56.32 -5.67 18.37
C GLU C 384 -55.69 -4.28 18.15
N PRO C 385 -56.07 -3.30 18.97
CA PRO C 385 -55.41 -1.98 18.89
C PRO C 385 -54.08 -1.97 19.62
N VAL C 386 -53.08 -1.33 18.98
CA VAL C 386 -51.78 -1.19 19.64
C VAL C 386 -51.92 -0.26 20.83
N GLN C 387 -51.36 -0.68 21.97
CA GLN C 387 -51.47 0.07 23.22
C GLN C 387 -50.09 0.40 23.77
N VAL C 388 -49.79 1.69 23.89
CA VAL C 388 -48.56 2.17 24.50
C VAL C 388 -48.97 2.96 25.74
N GLU C 389 -48.66 2.42 26.91
CA GLU C 389 -48.87 3.05 28.20
C GLU C 389 -47.58 2.93 28.98
N TRP C 390 -47.05 4.05 29.46
CA TRP C 390 -45.73 4.09 30.09
C TRP C 390 -45.82 3.72 31.56
N SER C 391 -45.25 2.56 31.92
CA SER C 391 -45.02 2.24 33.32
C SER C 391 -44.09 3.30 33.91
N ASP C 392 -44.20 3.48 35.24
CA ASP C 392 -43.48 4.55 35.93
C ASP C 392 -42.03 4.66 35.46
N GLU C 393 -41.32 3.53 35.46
CA GLU C 393 -39.90 3.56 35.16
C GLU C 393 -39.61 3.72 33.67
N LEU C 394 -40.50 3.23 32.80
CA LEU C 394 -40.36 3.51 31.37
C LEU C 394 -40.50 5.00 31.09
N GLU C 395 -41.48 5.64 31.73
CA GLU C 395 -41.63 7.08 31.65
C GLU C 395 -40.37 7.79 32.13
N GLN C 396 -39.81 7.31 33.26
CA GLN C 396 -38.62 7.92 33.81
C GLN C 396 -37.43 7.83 32.85
N ASP C 397 -37.21 6.65 32.26
CA ASP C 397 -36.05 6.48 31.38
C ASP C 397 -36.22 7.27 30.09
N ASN C 398 -37.44 7.37 29.55
CA ASN C 398 -37.63 8.22 28.38
C ASN C 398 -37.37 9.68 28.70
N VAL C 399 -37.77 10.12 29.89
CA VAL C 399 -37.45 11.48 30.30
C VAL C 399 -35.94 11.69 30.38
N LEU C 400 -35.23 10.74 30.98
CA LEU C 400 -33.79 10.85 31.06
C LEU C 400 -33.14 10.83 29.68
N ALA C 401 -33.70 10.07 28.75
CA ALA C 401 -33.19 10.11 27.38
C ALA C 401 -33.44 11.46 26.73
N HIS C 402 -34.60 12.05 26.98
CA HIS C 402 -34.84 13.44 26.56
C HIS C 402 -33.71 14.34 27.04
N SER C 403 -33.36 14.22 28.33
CA SER C 403 -32.33 15.06 28.92
C SER C 403 -30.98 14.84 28.26
N CYS C 404 -30.60 13.58 28.06
CA CYS C 404 -29.32 13.28 27.43
C CYS C 404 -29.25 13.81 26.01
N VAL C 405 -30.40 13.93 25.34
CA VAL C 405 -30.42 14.48 23.99
C VAL C 405 -30.46 16.00 24.01
N PHE C 406 -31.53 16.56 24.56
CA PHE C 406 -31.78 18.00 24.52
C PHE C 406 -31.38 18.64 25.83
N ASN C 407 -30.99 19.91 25.75
CA ASN C 407 -30.45 20.57 26.93
C ASN C 407 -31.44 21.50 27.62
N ARG C 408 -32.52 21.90 26.95
CA ARG C 408 -33.38 22.95 27.46
C ARG C 408 -34.76 22.41 27.81
N LEU C 409 -35.26 22.85 28.97
CA LEU C 409 -36.51 22.29 29.51
C LEU C 409 -37.71 22.55 28.60
N ASP C 410 -37.71 23.65 27.85
CA ASP C 410 -38.80 23.88 26.90
C ASP C 410 -38.81 22.79 25.83
N VAL C 411 -37.63 22.47 25.31
CA VAL C 411 -37.50 21.39 24.34
C VAL C 411 -37.97 20.06 24.94
N ILE C 412 -37.59 19.79 26.19
CA ILE C 412 -37.92 18.52 26.83
C ILE C 412 -39.42 18.38 27.03
N GLU C 413 -40.06 19.42 27.55
CA GLU C 413 -41.51 19.40 27.70
C GLU C 413 -42.19 19.22 26.35
N GLU C 414 -41.64 19.86 25.31
CA GLU C 414 -42.22 19.74 23.98
C GLU C 414 -42.18 18.30 23.49
N VAL C 415 -41.03 17.64 23.64
CA VAL C 415 -40.88 16.25 23.19
C VAL C 415 -41.80 15.33 24.01
N GLN C 416 -41.96 15.63 25.30
CA GLN C 416 -42.86 14.80 26.12
C GLN C 416 -44.32 14.98 25.72
N SER C 417 -44.73 16.22 25.38
CA SER C 417 -46.08 16.42 24.86
C SER C 417 -46.26 15.69 23.55
N MET C 418 -45.18 15.55 22.77
CA MET C 418 -45.23 14.78 21.53
C MET C 418 -45.37 13.28 21.77
N CYS C 419 -45.28 12.81 23.01
CA CYS C 419 -45.40 11.40 23.33
C CYS C 419 -46.86 11.02 23.57
N LEU C 420 -47.21 9.81 23.13
CA LEU C 420 -48.58 9.30 23.22
C LEU C 420 -48.82 8.49 24.49
N GLY C 421 -47.81 7.79 24.99
CA GLY C 421 -47.88 7.22 26.32
C GLY C 421 -47.62 8.22 27.42
N ALA C 422 -47.47 9.49 27.07
CA ALA C 422 -47.19 10.54 28.03
C ALA C 422 -48.39 10.74 28.95
N ASN C 423 -48.24 10.32 30.21
CA ASN C 423 -49.24 10.58 31.25
C ASN C 423 -48.85 11.73 32.17
N GLN C 424 -47.56 12.05 32.26
CA GLN C 424 -47.06 13.06 33.18
C GLN C 424 -46.21 14.10 32.46
N SER C 425 -45.57 14.98 33.23
CA SER C 425 -44.73 16.04 32.70
C SER C 425 -43.25 15.66 32.78
N ALA C 426 -42.39 16.62 32.45
CA ALA C 426 -40.94 16.49 32.58
C ALA C 426 -40.39 17.08 33.87
N GLU C 427 -41.01 18.12 34.43
CA GLU C 427 -40.53 18.69 35.69
C GLU C 427 -40.60 17.67 36.81
N LYS C 428 -41.65 16.84 36.82
CA LYS C 428 -41.82 15.77 37.78
C LYS C 428 -40.59 14.86 37.80
N VAL C 429 -40.37 14.16 36.68
CA VAL C 429 -39.30 13.18 36.59
C VAL C 429 -37.94 13.86 36.72
N LEU C 430 -37.83 15.12 36.32
CA LEU C 430 -36.54 15.79 36.38
C LEU C 430 -36.15 16.15 37.81
N GLU C 431 -37.11 16.58 38.64
CA GLU C 431 -36.84 16.69 40.08
C GLU C 431 -36.56 15.32 40.68
N LYS C 432 -37.27 14.28 40.21
CA LYS C 432 -37.03 12.93 40.72
C LYS C 432 -35.60 12.48 40.47
N LEU C 433 -35.05 12.83 39.31
CA LEU C 433 -33.66 12.49 39.01
C LEU C 433 -32.68 13.45 39.68
N GLU C 434 -33.10 14.69 39.93
CA GLU C 434 -32.30 15.59 40.76
C GLU C 434 -32.12 15.02 42.16
N GLU C 435 -33.09 14.26 42.64
CA GLU C 435 -32.92 13.55 43.90
C GLU C 435 -31.77 12.57 43.84
N PHE C 436 -31.67 11.84 42.74
CA PHE C 436 -30.60 10.87 42.54
C PHE C 436 -29.33 11.49 41.98
N ASP C 437 -29.36 12.77 41.60
CA ASP C 437 -28.24 13.44 40.94
C ASP C 437 -27.92 12.80 39.58
N PHE C 438 -28.93 12.27 38.89
CA PHE C 438 -28.73 11.85 37.51
C PHE C 438 -28.70 13.06 36.58
N VAL C 439 -29.56 14.04 36.86
CA VAL C 439 -29.52 15.36 36.26
C VAL C 439 -29.70 16.38 37.36
N LYS C 440 -29.36 17.63 37.03
CA LYS C 440 -29.46 18.75 37.96
C LYS C 440 -30.19 19.91 37.29
N MET C 441 -31.02 20.62 38.06
CA MET C 441 -31.95 21.61 37.52
C MET C 441 -31.44 23.02 37.77
N LYS C 442 -31.08 23.72 36.68
CA LYS C 442 -30.79 25.15 36.72
C LYS C 442 -31.79 25.80 35.78
N ARG C 443 -32.99 26.09 36.28
CA ARG C 443 -34.11 26.46 35.43
C ARG C 443 -33.75 27.64 34.52
N PRO C 444 -34.10 27.59 33.22
CA PRO C 444 -34.84 26.51 32.54
C PRO C 444 -33.99 25.50 31.74
N ILE C 445 -32.86 25.08 32.28
CA ILE C 445 -31.98 24.11 31.64
C ILE C 445 -31.69 22.97 32.60
N VAL C 446 -31.51 21.77 32.05
CA VAL C 446 -31.20 20.57 32.81
C VAL C 446 -29.82 20.08 32.42
N GLU C 447 -28.92 19.99 33.41
CA GLU C 447 -27.57 19.52 33.20
C GLU C 447 -27.50 18.01 33.44
N VAL C 448 -26.96 17.28 32.46
CA VAL C 448 -26.88 15.83 32.53
C VAL C 448 -25.55 15.45 33.18
N THR C 449 -25.61 15.00 34.43
CA THR C 449 -24.42 14.58 35.13
C THR C 449 -23.86 13.31 34.47
N PRO C 450 -22.55 13.07 34.63
CA PRO C 450 -21.97 11.83 34.06
C PRO C 450 -22.66 10.58 34.55
N TYR C 451 -23.19 10.60 35.77
CA TYR C 451 -23.99 9.50 36.29
C TYR C 451 -25.26 9.31 35.45
N GLY C 452 -26.03 10.40 35.28
CA GLY C 452 -27.22 10.30 34.46
C GLY C 452 -26.92 9.90 33.03
N ARG C 453 -25.85 10.46 32.45
CA ARG C 453 -25.48 10.13 31.08
C ARG C 453 -25.16 8.65 30.93
N ALA C 454 -24.30 8.12 31.80
CA ALA C 454 -23.92 6.71 31.67
C ALA C 454 -25.12 5.79 31.88
N VAL C 455 -25.95 6.08 32.89
CA VAL C 455 -27.08 5.19 33.19
C VAL C 455 -28.08 5.18 32.04
N SER C 456 -28.36 6.35 31.44
CA SER C 456 -29.27 6.37 30.30
C SER C 456 -28.67 5.63 29.12
N MET C 457 -27.38 5.84 28.84
CA MET C 457 -26.74 5.10 27.75
C MET C 457 -26.83 3.60 27.94
N SER C 458 -26.90 3.13 29.19
CA SER C 458 -27.00 1.70 29.46
C SER C 458 -28.43 1.20 29.60
N PHE C 459 -29.44 2.05 29.38
CA PHE C 459 -30.85 1.62 29.33
C PHE C 459 -31.29 0.96 30.63
N LEU C 460 -30.82 1.46 31.75
CA LEU C 460 -31.00 0.78 33.03
C LEU C 460 -32.11 1.41 33.87
N LEU C 461 -32.75 0.56 34.69
CA LEU C 461 -33.77 1.00 35.62
C LEU C 461 -33.15 1.80 36.77
N PRO C 462 -33.94 2.68 37.40
CA PRO C 462 -33.41 3.39 38.58
C PRO C 462 -32.97 2.43 39.68
N LYS C 463 -33.74 1.35 39.87
CA LYS C 463 -33.39 0.34 40.86
C LYS C 463 -32.06 -0.32 40.53
N GLU C 464 -31.85 -0.68 39.26
CA GLU C 464 -30.56 -1.26 38.87
C GLU C 464 -29.43 -0.27 39.09
N ALA C 465 -29.62 0.99 38.71
CA ALA C 465 -28.56 1.99 38.86
C ALA C 465 -28.19 2.18 40.33
N THR C 466 -29.18 2.26 41.20
CA THR C 466 -28.89 2.42 42.62
C THR C 466 -28.24 1.17 43.21
N PHE C 467 -28.64 -0.03 42.74
CA PHE C 467 -27.97 -1.24 43.22
C PHE C 467 -26.49 -1.23 42.85
N ILE C 468 -26.18 -0.87 41.60
CA ILE C 468 -24.78 -0.82 41.16
C ILE C 468 -24.01 0.22 41.95
N ARG C 469 -24.60 1.41 42.16
CA ARG C 469 -23.95 2.43 42.97
C ARG C 469 -23.63 1.91 44.37
N GLY C 470 -24.58 1.19 44.99
CA GLY C 470 -24.38 0.72 46.35
C GLY C 470 -23.38 -0.40 46.49
N ASN C 471 -23.39 -1.36 45.56
CA ASN C 471 -22.54 -2.53 45.62
C ASN C 471 -21.25 -2.37 44.83
N LEU C 472 -20.80 -1.12 44.60
CA LEU C 472 -19.54 -0.89 43.93
C LEU C 472 -18.38 -1.20 44.86
N GLY C 473 -17.44 -2.02 44.40
CA GLY C 473 -16.28 -2.38 45.19
C GLY C 473 -16.52 -3.44 46.23
N LYS C 474 -17.63 -3.32 46.98
CA LYS C 474 -18.01 -4.30 47.98
C LYS C 474 -18.29 -5.67 47.37
N ARG C 475 -18.57 -5.72 46.07
CA ARG C 475 -18.83 -6.95 45.33
C ARG C 475 -18.03 -6.98 44.05
N GLU C 476 -17.73 -8.18 43.58
CA GLU C 476 -17.07 -8.31 42.30
C GLU C 476 -18.01 -7.87 41.18
N ALA C 477 -17.44 -7.72 39.98
CA ALA C 477 -18.26 -7.44 38.81
C ALA C 477 -19.16 -8.62 38.46
N ARG C 478 -18.66 -9.84 38.61
CA ARG C 478 -19.44 -11.03 38.28
C ARG C 478 -20.69 -11.13 39.15
N TRP C 479 -20.53 -11.02 40.47
CA TRP C 479 -21.67 -11.13 41.36
C TRP C 479 -22.72 -10.06 41.05
N ILE C 480 -22.27 -8.82 40.82
CA ILE C 480 -23.20 -7.73 40.54
C ILE C 480 -23.98 -8.01 39.27
N ALA C 481 -23.28 -8.18 38.15
CA ALA C 481 -23.98 -8.37 36.87
C ALA C 481 -24.79 -9.67 36.83
N VAL C 482 -24.43 -10.67 37.63
CA VAL C 482 -25.24 -11.88 37.73
C VAL C 482 -26.54 -11.59 38.44
N LYS C 483 -26.45 -10.83 39.54
CA LYS C 483 -27.67 -10.37 40.20
C LYS C 483 -28.51 -9.52 39.24
N LEU C 484 -27.86 -8.83 38.30
CA LEU C 484 -28.57 -7.95 37.37
C LEU C 484 -29.27 -8.73 36.26
N LEU C 485 -28.61 -9.76 35.73
CA LEU C 485 -29.12 -10.51 34.58
C LEU C 485 -28.77 -11.99 34.70
N PRO C 486 -29.67 -12.78 35.27
CA PRO C 486 -29.47 -14.24 35.28
C PRO C 486 -30.12 -14.89 34.07
N PHE C 487 -29.79 -16.17 33.90
CA PHE C 487 -30.26 -16.94 32.76
C PHE C 487 -31.54 -17.68 33.11
N GLU C 488 -32.42 -17.82 32.12
CA GLU C 488 -33.77 -18.33 32.35
C GLU C 488 -34.23 -19.41 31.39
N ASN C 489 -33.63 -19.55 30.21
CA ASN C 489 -34.18 -20.38 29.13
C ASN C 489 -33.51 -21.75 29.08
N ILE C 490 -33.83 -22.55 30.10
CA ILE C 490 -33.38 -23.93 30.21
C ILE C 490 -34.56 -24.80 30.59
N TYR C 491 -34.64 -25.99 30.01
CA TYR C 491 -35.80 -26.87 30.13
C TYR C 491 -35.36 -28.29 30.45
N LEU C 492 -36.34 -29.18 30.55
CA LEU C 492 -36.14 -30.56 30.98
C LEU C 492 -36.00 -31.49 29.79
N SER C 493 -35.23 -32.56 29.98
CA SER C 493 -35.18 -33.61 28.98
C SER C 493 -36.57 -34.21 28.79
N GLY C 494 -36.89 -34.57 27.55
CA GLY C 494 -38.23 -35.06 27.26
C GLY C 494 -38.61 -36.23 28.15
N THR C 495 -37.70 -37.19 28.28
CA THR C 495 -37.91 -38.33 29.18
C THR C 495 -38.27 -37.84 30.57
N LEU C 496 -37.51 -36.88 31.09
CA LEU C 496 -37.75 -36.42 32.44
C LEU C 496 -39.03 -35.61 32.54
N GLN C 497 -39.32 -34.76 31.55
CA GLN C 497 -40.57 -34.00 31.65
C GLN C 497 -41.77 -34.92 31.67
N ARG C 498 -41.77 -35.96 30.83
CA ARG C 498 -42.95 -36.82 30.85
C ARG C 498 -42.96 -37.76 32.05
N GLU C 499 -41.77 -38.19 32.53
CA GLU C 499 -41.71 -38.93 33.78
C GLU C 499 -42.24 -38.10 34.95
N LEU C 500 -42.09 -36.77 34.89
CA LEU C 500 -42.63 -35.91 35.93
C LEU C 500 -44.08 -35.50 35.68
N GLU C 501 -44.56 -35.53 34.43
CA GLU C 501 -45.99 -35.39 34.19
C GLU C 501 -46.75 -36.58 34.74
N GLY C 502 -46.18 -37.77 34.60
CA GLY C 502 -46.82 -38.97 35.12
C GLY C 502 -46.50 -39.32 36.56
N ALA C 503 -45.40 -38.78 37.10
CA ALA C 503 -44.97 -39.10 38.45
C ALA C 503 -45.55 -38.16 39.49
N VAL C 504 -46.20 -37.08 39.09
CA VAL C 504 -46.83 -36.14 40.01
C VAL C 504 -48.35 -36.21 39.96
N ARG C 505 -48.92 -37.10 39.14
CA ARG C 505 -50.36 -37.26 38.96
C ARG C 505 -51.05 -35.98 38.53
N GLY C 506 -50.28 -34.97 38.11
CA GLY C 506 -50.83 -33.73 37.59
C GLY C 506 -50.02 -33.28 36.40
N ARG C 507 -50.51 -32.26 35.73
CA ARG C 507 -49.82 -31.75 34.55
C ARG C 507 -48.70 -30.82 34.98
N LEU C 508 -47.55 -30.97 34.33
CA LEU C 508 -46.32 -30.29 34.71
C LEU C 508 -45.97 -29.21 33.70
N SER C 509 -45.46 -28.08 34.21
CA SER C 509 -44.94 -27.02 33.37
C SER C 509 -43.61 -27.44 32.77
N ALA C 510 -43.38 -27.07 31.50
CA ALA C 510 -42.20 -27.53 30.78
C ALA C 510 -40.90 -26.94 31.32
N ASN C 511 -40.93 -25.68 31.76
CA ASN C 511 -39.71 -25.05 32.21
C ASN C 511 -39.34 -25.53 33.61
N VAL C 512 -38.11 -25.19 34.02
CA VAL C 512 -37.55 -25.67 35.27
C VAL C 512 -37.83 -24.77 36.47
N PHE C 513 -38.16 -23.50 36.23
CA PHE C 513 -38.37 -22.52 37.28
C PHE C 513 -39.85 -22.41 37.70
N SER C 514 -40.65 -23.49 37.48
CA SER C 514 -42.06 -23.44 37.81
C SER C 514 -42.31 -23.99 39.21
N PRO C 515 -43.36 -23.48 39.89
CA PRO C 515 -43.72 -24.02 41.19
C PRO C 515 -44.09 -25.49 41.15
N SER C 516 -44.55 -25.97 39.98
CA SER C 516 -44.79 -27.39 39.80
C SER C 516 -43.54 -28.20 40.09
N PHE C 517 -42.38 -27.58 40.02
CA PHE C 517 -41.14 -28.24 40.40
C PHE C 517 -40.86 -28.13 41.89
N ALA C 518 -41.11 -26.96 42.49
CA ALA C 518 -40.86 -26.80 43.92
C ALA C 518 -41.74 -27.74 44.73
N SER C 519 -42.96 -28.01 44.27
CA SER C 519 -43.80 -28.99 44.95
C SER C 519 -43.12 -30.36 45.00
N ILE C 520 -42.49 -30.75 43.89
CA ILE C 520 -41.70 -31.98 43.85
C ILE C 520 -40.54 -31.88 44.84
N LEU C 521 -39.91 -30.71 44.87
CA LEU C 521 -38.70 -30.54 45.67
C LEU C 521 -38.97 -30.70 47.16
N GLU C 522 -40.08 -30.14 47.66
CA GLU C 522 -40.36 -30.30 49.09
C GLU C 522 -40.74 -31.72 49.45
N GLU C 523 -40.87 -32.59 48.45
CA GLU C 523 -41.33 -33.97 48.59
C GLU C 523 -40.32 -34.93 47.96
N LEU C 524 -39.05 -34.80 48.36
CA LEU C 524 -38.02 -35.72 47.89
C LEU C 524 -38.41 -37.16 48.17
N ASP C 525 -38.50 -37.50 49.47
CA ASP C 525 -38.73 -38.87 49.92
C ASP C 525 -40.09 -39.41 49.48
N LYS C 526 -40.85 -38.58 48.75
CA LYS C 526 -42.19 -38.94 48.30
C LYS C 526 -42.36 -38.96 46.79
N VAL C 527 -41.84 -37.95 46.08
CA VAL C 527 -41.96 -37.95 44.63
C VAL C 527 -40.85 -38.77 44.00
N ILE C 528 -39.65 -38.73 44.60
CA ILE C 528 -38.50 -39.44 44.04
C ILE C 528 -38.78 -40.92 43.82
N PRO C 529 -39.25 -41.70 44.81
CA PRO C 529 -39.26 -43.17 44.62
C PRO C 529 -40.31 -43.63 43.62
N GLU C 530 -40.31 -43.01 42.45
CA GLU C 530 -41.25 -43.36 41.41
C GLU C 530 -40.61 -43.38 40.03
N LEU C 531 -39.31 -43.18 39.94
CA LEU C 531 -38.69 -42.88 38.67
C LEU C 531 -37.79 -44.02 38.22
N SER C 532 -37.33 -43.88 36.98
CA SER C 532 -36.29 -44.73 36.46
C SER C 532 -34.99 -44.47 37.24
N PRO C 533 -34.07 -45.43 37.23
CA PRO C 533 -32.76 -45.14 37.83
C PRO C 533 -32.13 -43.90 37.23
N ASN C 534 -32.14 -43.81 35.90
CA ASN C 534 -31.53 -42.65 35.25
C ASN C 534 -32.29 -41.36 35.54
N ALA C 535 -33.63 -41.40 35.51
CA ALA C 535 -34.42 -40.19 35.74
C ALA C 535 -34.22 -39.67 37.16
N ALA C 536 -34.37 -40.53 38.16
CA ALA C 536 -34.16 -40.12 39.54
C ALA C 536 -32.71 -39.69 39.77
N GLU C 537 -31.76 -40.36 39.10
CA GLU C 537 -30.34 -40.02 39.19
C GLU C 537 -30.08 -38.58 38.78
N ARG C 538 -30.51 -38.24 37.56
CA ARG C 538 -30.30 -36.87 37.07
C ARG C 538 -31.09 -35.87 37.91
N LEU C 539 -32.29 -36.24 38.33
CA LEU C 539 -33.10 -35.38 39.19
C LEU C 539 -32.34 -35.00 40.45
N PHE C 540 -31.80 -36.00 41.14
CA PHE C 540 -31.07 -35.69 42.37
C PHE C 540 -29.79 -34.92 42.08
N THR C 541 -29.13 -35.20 40.96
CA THR C 541 -27.94 -34.44 40.61
C THR C 541 -28.28 -32.95 40.50
N ILE C 542 -29.45 -32.66 39.92
CA ILE C 542 -29.87 -31.27 39.77
C ILE C 542 -30.20 -30.65 41.12
N TYR C 543 -31.00 -31.36 41.92
CA TYR C 543 -31.30 -30.88 43.27
C TYR C 543 -30.03 -30.59 44.04
N GLN C 544 -29.02 -31.46 43.91
CA GLN C 544 -27.73 -31.23 44.53
C GLN C 544 -27.11 -29.92 44.05
N GLU C 545 -26.80 -29.86 42.75
CA GLU C 545 -25.94 -28.79 42.28
C GLU C 545 -26.63 -27.43 42.36
N PHE C 546 -27.95 -27.37 42.40
CA PHE C 546 -28.59 -26.07 42.32
C PHE C 546 -29.65 -25.80 43.36
N PHE C 547 -30.14 -26.80 44.09
CA PHE C 547 -31.19 -26.57 45.06
C PHE C 547 -30.88 -27.09 46.45
N MET C 548 -29.70 -27.68 46.67
CA MET C 548 -29.25 -27.95 48.04
C MET C 548 -28.93 -26.56 48.60
N CYS C 549 -29.99 -25.85 48.95
CA CYS C 549 -29.94 -24.43 49.23
C CYS C 549 -30.09 -24.19 50.73
N PRO C 550 -29.16 -23.45 51.36
CA PRO C 550 -29.30 -23.18 52.80
C PRO C 550 -30.59 -22.46 53.16
N GLU C 551 -31.31 -21.91 52.18
CA GLU C 551 -32.64 -21.37 52.38
C GLU C 551 -33.68 -22.40 51.97
N GLU C 552 -34.85 -22.34 52.62
CA GLU C 552 -35.91 -23.26 52.27
C GLU C 552 -36.44 -22.98 50.87
N ASP C 553 -36.35 -21.74 50.41
CA ASP C 553 -36.63 -21.41 49.02
C ASP C 553 -35.32 -21.39 48.24
N CYS C 554 -35.29 -22.12 47.12
CA CYS C 554 -34.05 -22.38 46.38
C CYS C 554 -34.05 -21.77 44.98
N THR C 555 -35.02 -20.91 44.66
CA THR C 555 -35.19 -20.45 43.28
C THR C 555 -34.02 -19.59 42.82
N GLU C 556 -33.75 -18.47 43.51
CA GLU C 556 -32.69 -17.57 43.10
C GLU C 556 -31.30 -18.18 43.26
N TYR C 557 -31.11 -19.04 44.25
CA TYR C 557 -29.87 -19.78 44.38
C TYR C 557 -29.62 -20.64 43.14
N ALA C 558 -30.66 -21.35 42.68
CA ALA C 558 -30.53 -22.15 41.46
C ALA C 558 -30.21 -21.27 40.26
N MET C 559 -30.94 -20.15 40.12
CA MET C 559 -30.71 -19.24 39.00
C MET C 559 -29.27 -18.72 38.99
N GLU C 560 -28.77 -18.31 40.16
CA GLU C 560 -27.43 -17.75 40.26
C GLU C 560 -26.34 -18.80 40.03
N ARG C 561 -26.52 -20.01 40.58
CA ARG C 561 -25.55 -21.08 40.33
C ARG C 561 -25.52 -21.44 38.84
N VAL C 562 -26.68 -21.48 38.20
CA VAL C 562 -26.75 -21.74 36.76
C VAL C 562 -25.98 -20.69 35.99
N SER C 563 -26.26 -19.41 36.24
CA SER C 563 -25.61 -18.36 35.49
C SER C 563 -24.09 -18.38 35.69
N ASN C 564 -23.64 -18.56 36.94
CA ASN C 564 -22.21 -18.61 37.23
C ASN C 564 -21.56 -19.82 36.55
N LEU C 565 -22.25 -20.95 36.52
CA LEU C 565 -21.71 -22.10 35.80
C LEU C 565 -21.54 -21.79 34.32
N ILE C 566 -22.52 -21.12 33.71
CA ILE C 566 -22.40 -20.72 32.29
C ILE C 566 -21.16 -19.88 32.10
N ILE C 567 -20.98 -18.90 33.00
CA ILE C 567 -19.81 -18.03 32.90
C ILE C 567 -18.54 -18.84 32.96
N GLU C 568 -18.41 -19.66 34.00
CA GLU C 568 -17.16 -20.40 34.22
C GLU C 568 -16.88 -21.38 33.08
N LEU C 569 -17.93 -21.88 32.44
CA LEU C 569 -17.72 -22.69 31.24
C LEU C 569 -17.16 -21.82 30.12
N ARG C 570 -17.71 -20.62 29.95
CA ARG C 570 -17.20 -19.72 28.91
C ARG C 570 -15.74 -19.33 29.17
N ARG C 571 -15.39 -19.15 30.44
CA ARG C 571 -14.04 -18.74 30.78
C ARG C 571 -13.05 -19.84 30.48
N SER C 572 -13.48 -21.10 30.59
CA SER C 572 -12.56 -22.20 30.31
C SER C 572 -12.13 -22.25 28.84
N GLY C 573 -12.90 -21.65 27.94
CA GLY C 573 -12.56 -21.63 26.51
C GLY C 573 -13.62 -22.22 25.59
N LYS C 574 -14.78 -22.52 26.17
CA LYS C 574 -15.82 -23.31 25.52
C LYS C 574 -16.84 -22.44 24.79
N HIS C 575 -17.47 -23.04 23.80
CA HIS C 575 -18.50 -22.61 22.85
C HIS C 575 -19.88 -22.95 23.40
N PRO C 576 -20.89 -22.17 22.99
CA PRO C 576 -22.27 -22.50 23.40
C PRO C 576 -22.69 -23.91 23.07
N THR C 577 -22.24 -24.43 21.93
CA THR C 577 -22.52 -25.81 21.54
C THR C 577 -22.06 -26.79 22.61
N GLN C 578 -20.78 -26.71 22.97
CA GLN C 578 -20.22 -27.59 23.98
C GLN C 578 -20.85 -27.34 25.34
N ILE C 579 -21.27 -26.10 25.62
CA ILE C 579 -21.91 -25.80 26.89
C ILE C 579 -23.23 -26.55 27.01
N ALA C 580 -24.10 -26.39 26.01
CA ALA C 580 -25.39 -27.09 26.04
C ALA C 580 -25.21 -28.59 26.03
N GLU C 581 -24.21 -29.09 25.29
CA GLU C 581 -23.96 -30.53 25.25
C GLU C 581 -23.54 -31.04 26.63
N HIS C 582 -22.65 -30.32 27.31
CA HIS C 582 -22.28 -30.69 28.67
C HIS C 582 -23.50 -30.67 29.59
N PHE C 583 -24.35 -29.66 29.45
CA PHE C 583 -25.56 -29.59 30.27
C PHE C 583 -26.44 -30.81 30.08
N ARG C 584 -26.66 -31.19 28.83
CA ARG C 584 -27.49 -32.36 28.54
C ARG C 584 -26.85 -33.64 29.09
N LYS C 585 -25.55 -33.83 28.85
CA LYS C 585 -24.94 -35.11 29.21
C LYS C 585 -24.87 -35.29 30.73
N VAL C 586 -24.44 -34.26 31.45
CA VAL C 586 -24.29 -34.42 32.89
C VAL C 586 -25.63 -34.42 33.61
N TYR C 587 -26.55 -33.54 33.21
CA TYR C 587 -27.78 -33.35 33.96
C TYR C 587 -29.05 -33.70 33.21
N GLY C 588 -28.99 -33.88 31.89
CA GLY C 588 -30.21 -34.04 31.12
C GLY C 588 -31.02 -32.76 31.01
N LEU C 589 -30.36 -31.64 30.73
CA LEU C 589 -30.97 -30.31 30.71
C LEU C 589 -30.83 -29.67 29.35
N ILE C 590 -31.94 -29.15 28.84
CA ILE C 590 -32.00 -28.59 27.50
C ILE C 590 -31.68 -27.11 27.59
N VAL C 591 -30.52 -26.71 27.05
CA VAL C 591 -30.11 -25.32 26.98
C VAL C 591 -29.74 -24.99 25.54
N TYR C 592 -30.01 -23.74 25.14
CA TYR C 592 -29.96 -23.38 23.72
C TYR C 592 -28.78 -22.47 23.42
N PRO C 593 -27.95 -22.82 22.44
CA PRO C 593 -26.78 -21.99 22.12
C PRO C 593 -27.12 -20.59 21.67
N GLY C 594 -28.22 -20.39 20.95
CA GLY C 594 -28.66 -19.04 20.65
C GLY C 594 -28.92 -18.25 21.92
N ASP C 595 -29.60 -18.87 22.89
CA ASP C 595 -29.81 -18.24 24.19
C ASP C 595 -28.48 -17.96 24.89
N VAL C 596 -27.54 -18.92 24.86
CA VAL C 596 -26.29 -18.77 25.59
C VAL C 596 -25.49 -17.59 25.03
N PHE C 597 -25.36 -17.53 23.70
CA PHE C 597 -24.64 -16.43 23.07
C PHE C 597 -25.34 -15.10 23.32
N THR C 598 -26.67 -15.06 23.20
CA THR C 598 -27.37 -13.80 23.42
C THR C 598 -27.20 -13.33 24.86
N TRP C 599 -27.25 -14.25 25.83
CA TRP C 599 -27.14 -13.87 27.25
C TRP C 599 -25.73 -13.47 27.63
N LEU C 600 -24.72 -14.12 27.07
CA LEU C 600 -23.37 -13.65 27.32
C LEU C 600 -23.15 -12.27 26.71
N ASP C 601 -23.71 -12.02 25.51
CA ASP C 601 -23.62 -10.70 24.90
C ASP C 601 -24.28 -9.62 25.75
N GLY C 602 -25.49 -9.88 26.23
CA GLY C 602 -26.14 -8.94 27.11
C GLY C 602 -25.37 -8.74 28.40
N ILE C 603 -24.73 -9.80 28.89
CA ILE C 603 -23.91 -9.67 30.08
C ILE C 603 -22.70 -8.79 29.82
N VAL C 604 -22.11 -8.90 28.63
CA VAL C 604 -20.99 -8.01 28.29
C VAL C 604 -21.47 -6.56 28.18
N ARG C 605 -22.67 -6.36 27.65
CA ARG C 605 -23.26 -5.02 27.68
C ARG C 605 -23.39 -4.51 29.12
N LYS C 606 -23.92 -5.34 30.01
CA LYS C 606 -24.10 -4.93 31.40
C LYS C 606 -22.76 -4.69 32.10
N LEU C 607 -21.73 -5.47 31.78
CA LEU C 607 -20.43 -5.23 32.37
C LEU C 607 -19.81 -3.94 31.84
N GLU C 608 -20.07 -3.63 30.57
CA GLU C 608 -19.71 -2.31 30.06
C GLU C 608 -20.44 -1.22 30.81
N ALA C 609 -21.69 -1.47 31.21
CA ALA C 609 -22.45 -0.51 32.00
C ALA C 609 -21.86 -0.32 33.39
N ILE C 610 -21.56 -1.41 34.09
CA ILE C 610 -20.95 -1.32 35.42
C ILE C 610 -19.59 -0.65 35.33
N GLU C 611 -18.85 -0.97 34.28
CA GLU C 611 -17.58 -0.31 33.99
C GLU C 611 -17.78 1.19 33.81
N ARG C 612 -18.83 1.57 33.08
CA ARG C 612 -19.15 2.98 32.88
C ARG C 612 -19.41 3.69 34.20
N ILE C 613 -20.22 3.08 35.06
CA ILE C 613 -20.56 3.71 36.33
C ILE C 613 -19.33 3.84 37.22
N ALA C 614 -18.58 2.74 37.36
CA ALA C 614 -17.38 2.79 38.18
C ALA C 614 -16.37 3.80 37.63
N ARG C 615 -16.34 3.96 36.31
CA ARG C 615 -15.46 4.93 35.68
C ARG C 615 -15.92 6.36 35.92
N VAL C 616 -17.23 6.56 36.01
CA VAL C 616 -17.75 7.89 36.34
C VAL C 616 -17.26 8.32 37.72
N PHE C 617 -17.31 7.40 38.68
CA PHE C 617 -17.00 7.71 40.06
C PHE C 617 -15.56 7.44 40.43
N ARG C 618 -14.73 7.01 39.46
CA ARG C 618 -13.35 6.59 39.67
C ARG C 618 -13.26 5.33 40.55
N VAL C 619 -14.26 4.46 40.48
CA VAL C 619 -14.27 3.22 41.24
C VAL C 619 -13.51 2.19 40.44
N ARG C 620 -12.21 2.01 40.76
CA ARG C 620 -11.34 1.26 39.87
C ARG C 620 -11.23 -0.24 40.15
N LYS C 621 -11.52 -0.72 41.36
CA LYS C 621 -11.53 -2.17 41.59
C LYS C 621 -12.49 -2.87 40.64
N THR C 622 -13.78 -2.54 40.75
CA THR C 622 -14.76 -3.14 39.88
C THR C 622 -14.55 -2.71 38.43
N GLU C 623 -14.00 -1.52 38.20
CA GLU C 623 -13.74 -1.10 36.82
C GLU C 623 -12.73 -2.02 36.14
N GLU C 624 -11.57 -2.22 36.75
CA GLU C 624 -10.54 -3.03 36.14
C GLU C 624 -10.89 -4.52 36.20
N GLY C 625 -11.62 -4.95 37.24
CA GLY C 625 -12.13 -6.30 37.27
C GLY C 625 -13.16 -6.58 36.20
N ALA C 626 -14.05 -5.61 35.95
CA ALA C 626 -15.05 -5.75 34.90
C ALA C 626 -14.41 -5.70 33.52
N LYS C 627 -13.34 -4.92 33.35
CA LYS C 627 -12.59 -4.96 32.10
C LYS C 627 -11.98 -6.34 31.86
N ILE C 628 -11.29 -6.87 32.89
CA ILE C 628 -10.67 -8.19 32.78
C ILE C 628 -11.73 -9.24 32.45
N LEU C 629 -12.88 -9.20 33.14
CA LEU C 629 -13.91 -10.22 32.92
C LEU C 629 -14.63 -10.02 31.59
N LYS C 630 -14.82 -8.77 31.17
CA LYS C 630 -15.33 -8.49 29.83
C LYS C 630 -14.48 -9.18 28.79
N ARG C 631 -13.15 -9.07 28.93
CA ARG C 631 -12.27 -9.72 27.96
C ARG C 631 -12.27 -11.24 28.11
N GLU C 632 -12.24 -11.75 29.34
CA GLU C 632 -12.24 -13.20 29.57
C GLU C 632 -13.50 -13.86 29.02
N ILE C 633 -14.60 -13.11 28.91
CA ILE C 633 -15.81 -13.66 28.33
C ILE C 633 -15.89 -13.41 26.82
N GLU C 634 -15.44 -12.24 26.38
CA GLU C 634 -15.39 -11.92 24.96
C GLU C 634 -14.54 -12.95 24.20
N GLU C 635 -13.33 -13.19 24.68
CA GLU C 635 -12.42 -14.09 23.98
C GLU C 635 -12.58 -15.54 24.39
N GLY C 636 -13.18 -15.82 25.54
CA GLY C 636 -13.32 -17.19 26.01
C GLY C 636 -12.04 -17.78 26.54
N ARG C 637 -11.48 -17.19 27.59
CA ARG C 637 -10.21 -17.64 28.16
C ARG C 637 -10.08 -17.05 29.57
N MET C 638 -9.04 -17.48 30.27
CA MET C 638 -8.75 -17.00 31.62
C MET C 638 -7.47 -16.17 31.62
N ILE C 639 -7.55 -14.95 32.15
CA ILE C 639 -6.41 -14.04 32.22
C ILE C 639 -5.53 -14.37 33.42
N LYS D 1 -25.21 -3.86 -28.65
CA LYS D 1 -26.06 -4.54 -27.68
C LYS D 1 -27.53 -4.45 -28.07
N ILE D 2 -28.08 -5.60 -28.46
CA ILE D 2 -29.44 -5.64 -28.97
C ILE D 2 -30.42 -5.50 -27.80
N LYS D 3 -31.41 -4.63 -27.96
CA LYS D 3 -32.44 -4.46 -26.95
C LYS D 3 -33.37 -5.67 -26.94
N VAL D 4 -34.25 -5.69 -25.94
CA VAL D 4 -35.15 -6.82 -25.75
C VAL D 4 -36.24 -6.83 -26.82
N ASP D 5 -36.87 -5.69 -27.07
CA ASP D 5 -38.04 -5.63 -27.94
C ASP D 5 -37.75 -5.99 -29.39
N GLU D 6 -36.48 -5.92 -29.83
CA GLU D 6 -36.13 -6.19 -31.22
C GLU D 6 -35.85 -7.67 -31.47
N LEU D 7 -36.44 -8.56 -30.67
CA LEU D 7 -36.16 -9.97 -30.77
C LEU D 7 -37.43 -10.74 -31.09
N PRO D 8 -37.41 -11.63 -32.11
CA PRO D 8 -38.62 -12.39 -32.54
C PRO D 8 -38.88 -13.62 -31.67
N VAL D 9 -39.31 -13.36 -30.44
CA VAL D 9 -39.56 -14.41 -29.45
C VAL D 9 -40.87 -14.11 -28.72
N PRO D 10 -41.46 -15.13 -28.08
CA PRO D 10 -42.73 -14.92 -27.38
C PRO D 10 -42.65 -13.83 -26.33
N GLU D 11 -43.76 -13.13 -26.15
CA GLU D 11 -43.77 -11.94 -25.31
C GLU D 11 -43.96 -12.25 -23.83
N LYS D 12 -44.70 -13.30 -23.48
CA LYS D 12 -44.71 -13.74 -22.09
C LYS D 12 -43.31 -14.19 -21.66
N PHE D 13 -42.56 -14.77 -22.59
CA PHE D 13 -41.15 -15.07 -22.33
C PHE D 13 -40.38 -13.79 -21.99
N LYS D 14 -40.51 -12.76 -22.84
CA LYS D 14 -39.83 -11.49 -22.59
C LYS D 14 -40.24 -10.90 -21.25
N GLU D 15 -41.51 -11.05 -20.87
CA GLU D 15 -42.00 -10.47 -19.62
C GLU D 15 -41.47 -11.26 -18.42
N VAL D 16 -41.37 -12.58 -18.55
CA VAL D 16 -40.70 -13.39 -17.52
C VAL D 16 -39.27 -12.91 -17.35
N LEU D 17 -38.60 -12.57 -18.45
CA LEU D 17 -37.24 -12.05 -18.36
C LEU D 17 -37.20 -10.73 -17.62
N LYS D 18 -37.95 -9.75 -18.12
CA LYS D 18 -37.89 -8.39 -17.62
C LYS D 18 -38.51 -8.25 -16.24
N SER D 19 -39.21 -9.27 -15.73
CA SER D 19 -39.56 -9.26 -14.32
C SER D 19 -38.45 -9.84 -13.45
N GLU D 20 -37.30 -10.18 -14.04
CA GLU D 20 -36.11 -10.58 -13.29
C GLU D 20 -34.90 -9.67 -13.53
N GLY D 21 -35.03 -8.62 -14.35
CA GLY D 21 -34.00 -7.61 -14.40
C GLY D 21 -33.04 -7.66 -15.58
N VAL D 22 -33.57 -7.98 -16.77
CA VAL D 22 -32.73 -8.28 -17.93
C VAL D 22 -32.91 -7.17 -18.96
N ARG D 23 -31.78 -6.64 -19.45
CA ARG D 23 -31.80 -5.41 -20.22
C ARG D 23 -31.31 -5.56 -21.65
N GLU D 24 -30.07 -6.00 -21.84
CA GLU D 24 -29.44 -6.01 -23.15
C GLU D 24 -28.57 -7.25 -23.30
N LEU D 25 -28.24 -7.58 -24.54
CA LEU D 25 -27.39 -8.73 -24.84
C LEU D 25 -25.94 -8.43 -24.50
N LEU D 26 -25.30 -9.37 -23.81
CA LEU D 26 -23.86 -9.29 -23.66
C LEU D 26 -23.21 -9.47 -25.03
N PRO D 27 -22.02 -8.91 -25.24
CA PRO D 27 -21.40 -8.98 -26.57
C PRO D 27 -21.29 -10.40 -27.12
N VAL D 28 -20.94 -11.37 -26.26
CA VAL D 28 -20.90 -12.76 -26.70
C VAL D 28 -22.26 -13.17 -27.24
N GLN D 29 -23.32 -12.75 -26.57
CA GLN D 29 -24.66 -13.18 -26.94
C GLN D 29 -25.26 -12.33 -28.06
N SER D 30 -24.92 -11.04 -28.16
CA SER D 30 -25.25 -10.30 -29.38
C SER D 30 -24.63 -10.97 -30.60
N LEU D 31 -23.37 -11.40 -30.49
CA LEU D 31 -22.69 -12.07 -31.59
C LEU D 31 -23.36 -13.40 -31.94
N ALA D 32 -23.65 -14.22 -30.92
CA ALA D 32 -24.33 -15.49 -31.17
C ALA D 32 -25.67 -15.26 -31.86
N VAL D 33 -26.41 -14.23 -31.43
CA VAL D 33 -27.70 -13.92 -32.05
C VAL D 33 -27.50 -13.56 -33.50
N LYS D 34 -26.56 -12.66 -33.77
CA LYS D 34 -26.30 -12.20 -35.13
C LYS D 34 -25.72 -13.30 -36.02
N ASN D 35 -25.27 -14.41 -35.43
CA ASN D 35 -24.90 -15.61 -36.19
C ASN D 35 -26.07 -16.55 -36.44
N GLY D 36 -27.31 -16.06 -36.30
CA GLY D 36 -28.48 -16.84 -36.65
C GLY D 36 -29.04 -17.74 -35.57
N LEU D 37 -28.84 -17.39 -34.30
CA LEU D 37 -29.23 -18.29 -33.21
C LEU D 37 -30.74 -18.58 -33.23
N LEU D 38 -31.55 -17.54 -33.45
CA LEU D 38 -33.00 -17.71 -33.36
C LEU D 38 -33.60 -18.38 -34.58
N ASP D 39 -32.83 -18.51 -35.66
CA ASP D 39 -33.32 -19.20 -36.84
C ASP D 39 -33.23 -20.71 -36.72
N GLY D 40 -32.40 -21.22 -35.80
CA GLY D 40 -32.19 -22.63 -35.68
C GLY D 40 -30.81 -23.13 -36.02
N GLU D 41 -29.80 -22.26 -36.00
CA GLU D 41 -28.45 -22.64 -36.40
C GLU D 41 -27.78 -23.54 -35.37
N ASN D 42 -26.90 -24.42 -35.86
CA ASN D 42 -26.07 -25.25 -35.00
C ASN D 42 -24.78 -24.51 -34.72
N LEU D 43 -24.55 -24.15 -33.47
CA LEU D 43 -23.54 -23.14 -33.13
C LEU D 43 -22.57 -23.65 -32.08
N LEU D 44 -21.41 -22.98 -32.06
CA LEU D 44 -20.33 -23.30 -31.13
C LEU D 44 -19.80 -21.99 -30.56
N VAL D 45 -20.07 -21.73 -29.29
CA VAL D 45 -19.63 -20.52 -28.61
C VAL D 45 -18.35 -20.85 -27.85
N VAL D 46 -17.28 -20.12 -28.16
CA VAL D 46 -16.03 -20.22 -27.44
C VAL D 46 -15.77 -18.81 -26.92
N SER D 47 -16.04 -18.61 -25.63
CA SER D 47 -15.87 -17.31 -25.01
C SER D 47 -15.48 -17.54 -23.57
N ALA D 48 -14.60 -16.68 -23.06
CA ALA D 48 -14.10 -16.83 -21.70
C ALA D 48 -15.26 -16.88 -20.70
N THR D 49 -15.07 -17.70 -19.67
CA THR D 49 -16.02 -17.74 -18.58
C THR D 49 -16.16 -16.35 -17.97
N ALA D 50 -17.17 -16.20 -17.12
CA ALA D 50 -17.54 -14.90 -16.57
C ALA D 50 -18.02 -13.94 -17.66
N SER D 51 -18.39 -14.47 -18.82
CA SER D 51 -19.12 -13.73 -19.82
C SER D 51 -20.53 -14.29 -19.99
N GLY D 52 -21.04 -14.97 -18.97
CA GLY D 52 -22.38 -15.53 -19.02
C GLY D 52 -22.55 -16.48 -20.18
N LYS D 53 -21.57 -17.38 -20.39
CA LYS D 53 -21.69 -18.35 -21.48
C LYS D 53 -22.94 -19.19 -21.29
N THR D 54 -23.17 -19.64 -20.05
CA THR D 54 -24.29 -20.52 -19.72
C THR D 54 -25.59 -20.09 -20.41
N LEU D 55 -25.90 -18.80 -20.31
CA LEU D 55 -27.16 -18.24 -20.82
C LEU D 55 -27.42 -18.62 -22.28
N ILE D 56 -26.37 -18.66 -23.10
CA ILE D 56 -26.52 -18.91 -24.53
C ILE D 56 -27.40 -20.12 -24.78
N GLY D 57 -27.24 -21.16 -23.95
CA GLY D 57 -28.03 -22.37 -24.17
C GLY D 57 -29.52 -22.09 -24.20
N GLU D 58 -30.01 -21.38 -23.17
CA GLU D 58 -31.42 -21.04 -23.08
C GLU D 58 -31.90 -20.41 -24.37
N LEU D 59 -31.07 -19.55 -24.95
CA LEU D 59 -31.50 -18.76 -26.10
C LEU D 59 -31.93 -19.65 -27.25
N ALA D 60 -31.38 -20.86 -27.33
CA ALA D 60 -31.70 -21.73 -28.45
C ALA D 60 -32.92 -22.59 -28.20
N GLY D 61 -33.28 -22.86 -26.95
CA GLY D 61 -34.20 -23.95 -26.71
C GLY D 61 -35.57 -23.62 -26.18
N VAL D 62 -35.70 -22.46 -25.52
CA VAL D 62 -36.95 -22.14 -24.84
C VAL D 62 -38.15 -22.07 -25.78
N PRO D 63 -38.09 -21.36 -26.91
CA PRO D 63 -39.26 -21.36 -27.80
C PRO D 63 -39.70 -22.75 -28.22
N LYS D 64 -38.75 -23.63 -28.57
CA LYS D 64 -39.11 -25.00 -28.93
C LYS D 64 -39.83 -25.70 -27.80
N ALA D 65 -39.22 -25.72 -26.61
CA ALA D 65 -39.88 -26.30 -25.45
C ALA D 65 -41.17 -25.56 -25.10
N MET D 66 -41.33 -24.30 -25.53
CA MET D 66 -42.56 -23.59 -25.27
C MET D 66 -43.73 -24.20 -26.02
N GLN D 67 -43.47 -24.81 -27.17
CA GLN D 67 -44.48 -25.58 -27.87
C GLN D 67 -44.39 -27.07 -27.56
N GLY D 68 -43.57 -27.44 -26.59
CA GLY D 68 -43.43 -28.83 -26.18
C GLY D 68 -42.18 -29.51 -26.69
N LYS D 69 -41.40 -28.85 -27.54
CA LYS D 69 -40.17 -29.42 -28.10
C LYS D 69 -39.07 -29.33 -27.04
N LYS D 70 -39.04 -30.36 -26.19
CA LYS D 70 -38.25 -30.38 -24.96
C LYS D 70 -36.80 -29.99 -25.22
N LEU D 71 -36.20 -29.38 -24.21
CA LEU D 71 -34.82 -28.93 -24.26
C LEU D 71 -33.99 -29.74 -23.28
N LEU D 72 -32.79 -30.12 -23.71
CA LEU D 72 -31.84 -30.87 -22.92
C LEU D 72 -30.58 -30.04 -22.73
N PHE D 73 -30.13 -29.92 -21.49
CA PHE D 73 -28.93 -29.20 -21.13
C PHE D 73 -28.02 -30.15 -20.39
N LEU D 74 -26.76 -30.25 -20.81
CA LEU D 74 -25.82 -31.16 -20.19
C LEU D 74 -24.63 -30.41 -19.62
N VAL D 75 -24.21 -30.82 -18.43
CA VAL D 75 -23.04 -30.21 -17.81
C VAL D 75 -22.07 -31.29 -17.34
N PRO D 76 -20.78 -31.02 -17.27
CA PRO D 76 -19.85 -32.04 -16.78
C PRO D 76 -20.10 -32.34 -15.31
N LEU D 77 -20.17 -31.29 -14.49
CA LEU D 77 -20.16 -31.42 -13.03
C LEU D 77 -21.52 -31.89 -12.52
N VAL D 78 -21.70 -31.81 -11.21
CA VAL D 78 -22.92 -32.24 -10.55
C VAL D 78 -23.61 -31.06 -9.86
N ALA D 79 -22.87 -30.35 -9.01
CA ALA D 79 -23.43 -29.15 -8.38
C ALA D 79 -23.65 -28.05 -9.40
N LEU D 80 -22.87 -28.03 -10.49
CA LEU D 80 -23.22 -27.19 -11.62
C LEU D 80 -24.59 -27.56 -12.16
N ALA D 81 -24.84 -28.86 -12.32
CA ALA D 81 -26.15 -29.33 -12.78
C ALA D 81 -27.25 -28.87 -11.84
N ASN D 82 -27.01 -28.96 -10.53
CA ASN D 82 -28.02 -28.56 -9.55
C ASN D 82 -28.24 -27.06 -9.57
N GLN D 83 -27.16 -26.27 -9.54
CA GLN D 83 -27.30 -24.83 -9.56
C GLN D 83 -28.05 -24.39 -10.80
N LYS D 84 -27.69 -24.94 -11.97
CA LYS D 84 -28.40 -24.58 -13.19
C LYS D 84 -29.85 -25.04 -13.15
N TYR D 85 -30.11 -26.26 -12.72
CA TYR D 85 -31.48 -26.74 -12.65
C TYR D 85 -32.34 -25.87 -11.77
N GLU D 86 -31.85 -25.57 -10.55
CA GLU D 86 -32.65 -24.77 -9.62
C GLU D 86 -32.91 -23.39 -10.18
N ASP D 87 -31.85 -22.73 -10.66
CA ASP D 87 -32.00 -21.42 -11.28
C ASP D 87 -33.11 -21.45 -12.33
N PHE D 88 -33.00 -22.38 -13.27
CA PHE D 88 -33.83 -22.30 -14.46
C PHE D 88 -35.24 -22.80 -14.18
N LYS D 89 -35.40 -23.85 -13.37
CA LYS D 89 -36.74 -24.22 -12.93
C LYS D 89 -37.42 -23.05 -12.27
N ARG D 90 -36.78 -22.45 -11.27
CA ARG D 90 -37.44 -21.37 -10.56
C ARG D 90 -37.74 -20.19 -11.48
N ARG D 91 -36.88 -19.92 -12.45
CA ARG D 91 -37.13 -18.79 -13.35
C ARG D 91 -38.27 -19.08 -14.32
N TYR D 92 -38.38 -20.32 -14.82
CA TYR D 92 -39.18 -20.58 -16.01
C TYR D 92 -40.39 -21.46 -15.78
N SER D 93 -40.46 -22.16 -14.65
CA SER D 93 -41.71 -22.80 -14.28
C SER D 93 -42.80 -21.78 -14.02
N LYS D 94 -42.43 -20.50 -13.91
CA LYS D 94 -43.37 -19.40 -13.85
C LYS D 94 -44.15 -19.28 -15.16
N LEU D 95 -43.86 -20.18 -16.10
CA LEU D 95 -44.55 -20.26 -17.37
C LEU D 95 -45.41 -21.50 -17.51
N GLY D 96 -45.13 -22.56 -16.77
CA GLY D 96 -45.89 -23.81 -16.88
C GLY D 96 -45.04 -24.98 -17.31
N LEU D 97 -43.72 -24.87 -17.10
CA LEU D 97 -42.76 -25.84 -17.60
C LEU D 97 -42.22 -26.68 -16.46
N ARG D 98 -42.66 -27.93 -16.40
CA ARG D 98 -42.10 -28.87 -15.45
C ARG D 98 -40.64 -29.10 -15.80
N VAL D 99 -39.76 -28.72 -14.87
CA VAL D 99 -38.32 -28.82 -15.07
C VAL D 99 -37.82 -29.98 -14.24
N ALA D 100 -36.97 -30.81 -14.83
CA ALA D 100 -36.48 -32.00 -14.17
C ALA D 100 -35.00 -32.17 -14.48
N ILE D 101 -34.29 -32.88 -13.59
CA ILE D 101 -32.84 -33.05 -13.70
C ILE D 101 -32.51 -34.52 -13.58
N ARG D 102 -31.59 -34.98 -14.41
CA ARG D 102 -31.14 -36.35 -14.39
C ARG D 102 -29.64 -36.42 -14.16
N VAL D 103 -29.26 -37.26 -13.22
CA VAL D 103 -27.90 -37.62 -12.96
C VAL D 103 -27.87 -39.13 -12.75
N GLY D 104 -26.68 -39.68 -12.57
CA GLY D 104 -26.59 -41.06 -12.13
C GLY D 104 -26.91 -41.03 -10.65
N MET D 105 -28.21 -40.99 -10.35
CA MET D 105 -28.71 -40.40 -9.12
C MET D 105 -27.95 -40.87 -7.89
N SER D 106 -27.78 -39.95 -6.95
CA SER D 106 -27.09 -40.24 -5.70
C SER D 106 -27.81 -41.37 -4.96
N ARG D 107 -27.03 -42.16 -4.22
CA ARG D 107 -27.56 -43.41 -3.66
C ARG D 107 -27.34 -43.51 -2.14
N ILE D 108 -26.30 -42.84 -1.60
CA ILE D 108 -26.08 -42.85 -0.15
C ILE D 108 -26.95 -41.77 0.48
N LYS D 109 -27.31 -41.97 1.75
CA LYS D 109 -28.33 -41.18 2.42
C LYS D 109 -27.84 -40.72 3.79
N THR D 110 -27.33 -39.49 3.86
CA THR D 110 -26.92 -38.86 5.11
C THR D 110 -27.41 -37.43 5.14
N LYS D 111 -27.11 -36.74 6.24
CA LYS D 111 -27.72 -35.46 6.57
C LYS D 111 -27.02 -34.25 5.94
N ASP D 112 -25.89 -34.44 5.24
CA ASP D 112 -25.09 -33.32 4.75
C ASP D 112 -25.11 -33.15 3.24
N GLU D 113 -26.05 -33.79 2.53
CA GLU D 113 -25.90 -33.89 1.09
C GLU D 113 -27.15 -33.57 0.28
N LEU D 114 -27.11 -33.93 -1.00
CA LEU D 114 -27.99 -33.38 -2.02
C LEU D 114 -29.01 -34.42 -2.48
N VAL D 115 -30.29 -34.00 -2.53
CA VAL D 115 -31.36 -34.83 -3.05
C VAL D 115 -31.53 -34.57 -4.54
N VAL D 116 -31.55 -35.64 -5.33
CA VAL D 116 -31.76 -35.59 -6.78
C VAL D 116 -33.24 -35.85 -7.04
N VAL D 117 -34.03 -34.78 -7.01
CA VAL D 117 -35.47 -34.89 -7.23
C VAL D 117 -35.79 -34.90 -8.74
N ASP D 118 -36.99 -35.41 -9.07
CA ASP D 118 -37.63 -35.14 -10.36
C ASP D 118 -36.82 -35.54 -11.59
N THR D 119 -36.77 -36.83 -11.90
CA THR D 119 -36.03 -37.26 -13.08
C THR D 119 -36.97 -37.78 -14.17
N GLY D 120 -38.05 -37.05 -14.47
CA GLY D 120 -39.10 -37.50 -15.37
C GLY D 120 -39.00 -36.91 -16.77
N ILE D 121 -39.22 -37.78 -17.78
CA ILE D 121 -38.96 -37.44 -19.18
C ILE D 121 -40.03 -36.51 -19.75
N ASP D 122 -41.30 -36.73 -19.38
CA ASP D 122 -42.34 -35.89 -19.97
C ASP D 122 -42.29 -34.46 -19.44
N ALA D 123 -41.37 -34.15 -18.53
CA ALA D 123 -41.11 -32.77 -18.15
C ALA D 123 -40.49 -32.02 -19.32
N ASP D 124 -41.00 -30.81 -19.61
CA ASP D 124 -40.62 -30.09 -20.82
C ASP D 124 -39.21 -29.51 -20.76
N ILE D 125 -38.62 -29.38 -19.58
CA ILE D 125 -37.26 -28.87 -19.43
C ILE D 125 -36.42 -29.94 -18.75
N ILE D 126 -35.26 -30.27 -19.32
CA ILE D 126 -34.45 -31.37 -18.82
C ILE D 126 -33.00 -30.89 -18.66
N VAL D 127 -32.56 -30.78 -17.40
CA VAL D 127 -31.17 -30.54 -17.03
C VAL D 127 -30.55 -31.89 -16.73
N GLY D 128 -29.23 -31.99 -16.88
CA GLY D 128 -28.59 -33.25 -16.56
C GLY D 128 -27.08 -33.19 -16.64
N THR D 129 -26.46 -34.21 -16.05
CA THR D 129 -25.02 -34.33 -16.23
C THR D 129 -24.73 -35.12 -17.50
N TYR D 130 -23.45 -35.38 -17.74
CA TYR D 130 -23.06 -36.17 -18.90
C TYR D 130 -23.28 -37.65 -18.61
N GLU D 131 -22.79 -38.10 -17.44
CA GLU D 131 -22.95 -39.49 -17.04
C GLU D 131 -24.42 -39.83 -16.83
N GLY D 132 -25.19 -38.90 -16.25
CA GLY D 132 -26.58 -39.17 -15.98
C GLY D 132 -27.42 -39.37 -17.22
N ILE D 133 -26.90 -39.00 -18.38
CA ILE D 133 -27.58 -39.18 -19.65
C ILE D 133 -27.01 -40.34 -20.44
N ASP D 134 -25.68 -40.48 -20.41
CA ASP D 134 -25.06 -41.64 -21.03
C ASP D 134 -25.52 -42.92 -20.35
N TYR D 135 -25.83 -42.86 -19.05
CA TYR D 135 -26.36 -44.00 -18.31
C TYR D 135 -27.73 -44.43 -18.85
N LEU D 136 -28.59 -43.46 -19.19
CA LEU D 136 -29.91 -43.80 -19.72
C LEU D 136 -29.84 -44.24 -21.16
N LEU D 137 -28.99 -43.59 -21.95
CA LEU D 137 -28.91 -43.92 -23.36
C LEU D 137 -28.24 -45.27 -23.57
N ARG D 138 -27.31 -45.65 -22.69
CA ARG D 138 -26.74 -47.00 -22.75
C ARG D 138 -27.75 -48.08 -22.41
N ALA D 139 -28.90 -47.71 -21.86
CA ALA D 139 -30.02 -48.62 -21.71
C ALA D 139 -30.95 -48.61 -22.93
N GLY D 140 -30.64 -47.84 -23.96
CA GLY D 140 -31.50 -47.79 -25.13
C GLY D 140 -32.78 -47.01 -24.94
N ARG D 141 -32.79 -46.04 -24.03
CA ARG D 141 -33.98 -45.26 -23.71
C ARG D 141 -34.08 -44.02 -24.60
N LYS D 142 -35.31 -43.68 -24.99
CA LYS D 142 -35.58 -42.49 -25.79
C LYS D 142 -36.16 -41.38 -24.93
N ILE D 143 -35.82 -40.14 -25.28
CA ILE D 143 -36.38 -38.96 -24.63
C ILE D 143 -37.58 -38.41 -25.40
N GLY D 144 -37.45 -38.37 -26.74
CA GLY D 144 -38.59 -38.07 -27.59
C GLY D 144 -38.61 -36.69 -28.20
N ASN D 145 -39.45 -35.82 -27.64
CA ASN D 145 -39.77 -34.54 -28.24
C ASN D 145 -38.69 -33.51 -27.90
N VAL D 146 -37.43 -33.82 -28.15
CA VAL D 146 -36.33 -32.93 -27.80
C VAL D 146 -35.94 -32.15 -29.05
N GLY D 147 -36.13 -30.83 -28.99
CA GLY D 147 -35.85 -29.99 -30.14
C GLY D 147 -34.56 -29.21 -30.04
N THR D 148 -33.98 -29.15 -28.85
CA THR D 148 -32.77 -28.36 -28.65
C THR D 148 -31.83 -29.10 -27.72
N ILE D 149 -30.55 -29.12 -28.07
CA ILE D 149 -29.53 -29.86 -27.32
C ILE D 149 -28.36 -28.92 -27.03
N VAL D 150 -28.07 -28.73 -25.75
CA VAL D 150 -27.04 -27.80 -25.29
C VAL D 150 -26.02 -28.56 -24.45
N ILE D 151 -24.75 -28.24 -24.66
CA ILE D 151 -23.65 -28.88 -23.91
C ILE D 151 -22.81 -27.76 -23.31
N ASP D 152 -22.98 -27.50 -22.02
CA ASP D 152 -22.15 -26.53 -21.34
C ASP D 152 -20.77 -27.13 -21.08
N GLU D 153 -19.80 -26.25 -20.89
CA GLU D 153 -18.43 -26.61 -20.51
C GLU D 153 -17.98 -27.85 -21.28
N ILE D 154 -18.00 -27.67 -22.60
CA ILE D 154 -17.77 -28.80 -23.48
C ILE D 154 -16.29 -29.08 -23.66
N HIS D 155 -15.43 -28.06 -23.49
CA HIS D 155 -13.98 -28.23 -23.68
C HIS D 155 -13.40 -29.33 -22.79
N THR D 156 -14.20 -29.88 -21.88
CA THR D 156 -13.86 -31.04 -21.05
C THR D 156 -13.52 -32.24 -21.94
N LEU D 157 -13.66 -32.08 -23.26
CA LEU D 157 -13.21 -33.11 -24.18
C LEU D 157 -11.71 -33.31 -24.12
N ASP D 158 -10.93 -32.23 -23.95
CA ASP D 158 -9.48 -32.41 -23.90
C ASP D 158 -9.07 -33.28 -22.72
N ASP D 159 -9.78 -33.18 -21.60
CA ASP D 159 -9.59 -34.14 -20.52
C ASP D 159 -9.80 -35.54 -21.07
N GLU D 160 -8.81 -36.40 -20.86
CA GLU D 160 -8.75 -37.69 -21.53
C GLU D 160 -9.51 -38.77 -20.78
N GLU D 161 -10.28 -38.39 -19.76
CA GLU D 161 -11.14 -39.32 -19.04
C GLU D 161 -12.59 -39.23 -19.50
N ARG D 162 -13.19 -38.06 -19.38
CA ARG D 162 -14.57 -37.86 -19.80
C ARG D 162 -14.69 -37.52 -21.27
N GLY D 163 -13.63 -37.00 -21.89
CA GLY D 163 -13.66 -36.53 -23.25
C GLY D 163 -14.13 -37.50 -24.32
N PRO D 164 -13.61 -38.73 -24.31
CA PRO D 164 -14.02 -39.67 -25.37
C PRO D 164 -15.45 -40.15 -25.24
N ARG D 165 -15.91 -40.47 -24.03
CA ARG D 165 -17.31 -40.80 -23.82
C ARG D 165 -18.21 -39.65 -24.22
N LEU D 166 -17.77 -38.41 -23.99
CA LEU D 166 -18.52 -37.24 -24.42
C LEU D 166 -18.57 -37.16 -25.95
N ASP D 167 -17.45 -37.42 -26.62
CA ASP D 167 -17.44 -37.43 -28.08
C ASP D 167 -18.43 -38.45 -28.64
N GLY D 168 -18.37 -39.69 -28.12
CA GLY D 168 -19.28 -40.72 -28.59
C GLY D 168 -20.73 -40.40 -28.29
N LEU D 169 -21.02 -39.89 -27.09
CA LEU D 169 -22.37 -39.50 -26.74
C LEU D 169 -22.89 -38.44 -27.69
N ILE D 170 -22.03 -37.49 -28.05
CA ILE D 170 -22.46 -36.41 -28.93
C ILE D 170 -22.73 -36.95 -30.33
N ALA D 171 -21.91 -37.86 -30.82
CA ALA D 171 -22.20 -38.46 -32.13
C ALA D 171 -23.52 -39.23 -32.10
N ARG D 172 -23.76 -39.98 -31.02
CA ARG D 172 -25.03 -40.68 -30.86
C ARG D 172 -26.20 -39.71 -30.85
N LEU D 173 -26.07 -38.58 -30.14
CA LEU D 173 -27.18 -37.63 -30.04
C LEU D 173 -27.40 -36.88 -31.35
N ARG D 174 -26.33 -36.64 -32.10
CA ARG D 174 -26.48 -36.10 -33.44
C ARG D 174 -27.28 -37.05 -34.31
N LYS D 175 -27.00 -38.35 -34.19
CA LYS D 175 -27.78 -39.31 -34.95
C LYS D 175 -29.23 -39.39 -34.46
N LEU D 176 -29.44 -39.28 -33.14
CA LEU D 176 -30.77 -39.48 -32.57
C LEU D 176 -31.71 -38.34 -32.95
N TYR D 177 -31.37 -37.13 -32.56
CA TYR D 177 -32.21 -35.97 -32.77
C TYR D 177 -31.49 -35.04 -33.73
N PRO D 178 -31.61 -35.28 -35.02
CA PRO D 178 -30.91 -34.45 -36.01
C PRO D 178 -31.68 -33.15 -36.24
N LYS D 179 -33.00 -33.20 -36.03
CA LYS D 179 -33.84 -32.01 -36.12
C LYS D 179 -33.45 -30.98 -35.09
N ALA D 180 -32.81 -31.41 -34.00
CA ALA D 180 -32.50 -30.54 -32.87
C ALA D 180 -31.46 -29.49 -33.24
N GLN D 181 -31.55 -28.34 -32.58
CA GLN D 181 -30.56 -27.28 -32.68
C GLN D 181 -29.45 -27.54 -31.66
N PHE D 182 -28.21 -27.71 -32.15
CA PHE D 182 -27.09 -28.09 -31.31
C PHE D 182 -26.28 -26.87 -30.93
N ILE D 183 -26.03 -26.71 -29.63
CA ILE D 183 -25.24 -25.59 -29.12
C ILE D 183 -24.11 -26.15 -28.25
N GLY D 184 -22.88 -25.77 -28.58
CA GLY D 184 -21.77 -26.14 -27.73
C GLY D 184 -21.18 -24.96 -26.98
N LEU D 185 -21.32 -24.96 -25.67
CA LEU D 185 -20.85 -23.86 -24.86
C LEU D 185 -19.45 -24.19 -24.39
N SER D 186 -18.54 -23.24 -24.51
CA SER D 186 -17.18 -23.48 -24.05
C SER D 186 -16.53 -22.18 -23.63
N ALA D 187 -15.69 -22.27 -22.60
CA ALA D 187 -14.70 -21.24 -22.39
C ALA D 187 -13.72 -21.23 -23.56
N THR D 188 -12.93 -20.17 -23.65
CA THR D 188 -12.04 -20.00 -24.78
C THR D 188 -10.99 -21.10 -24.82
N VAL D 189 -10.68 -21.57 -26.04
CA VAL D 189 -9.63 -22.55 -26.30
C VAL D 189 -8.84 -22.10 -27.52
N GLY D 190 -7.86 -22.92 -27.90
CA GLY D 190 -6.83 -22.51 -28.85
C GLY D 190 -7.10 -22.72 -30.33
N ASN D 191 -7.95 -23.67 -30.67
CA ASN D 191 -8.15 -24.08 -32.06
C ASN D 191 -9.64 -24.00 -32.42
N PRO D 192 -10.24 -22.80 -32.32
CA PRO D 192 -11.68 -22.72 -32.56
C PRO D 192 -12.05 -22.95 -34.01
N ASP D 193 -11.24 -22.43 -34.94
CA ASP D 193 -11.56 -22.48 -36.36
C ASP D 193 -11.60 -23.92 -36.86
N GLU D 194 -10.46 -24.62 -36.75
CA GLU D 194 -10.37 -25.99 -37.26
C GLU D 194 -11.30 -26.94 -36.53
N LEU D 195 -11.42 -26.79 -35.21
CA LEU D 195 -12.27 -27.69 -34.45
C LEU D 195 -13.74 -27.50 -34.80
N ALA D 196 -14.20 -26.24 -34.81
CA ALA D 196 -15.56 -25.96 -35.27
C ALA D 196 -15.78 -26.50 -36.68
N LYS D 197 -14.77 -26.43 -37.55
CA LYS D 197 -14.86 -27.07 -38.85
C LYS D 197 -15.13 -28.56 -38.70
N GLU D 198 -14.42 -29.21 -37.78
CA GLU D 198 -14.56 -30.65 -37.58
C GLU D 198 -15.89 -31.04 -36.96
N LEU D 199 -16.82 -30.09 -36.78
CA LEU D 199 -18.13 -30.36 -36.23
C LEU D 199 -19.27 -29.94 -37.12
N GLY D 200 -19.03 -29.06 -38.08
CA GLY D 200 -20.13 -28.45 -38.80
C GLY D 200 -20.88 -27.45 -37.96
N LEU D 201 -20.15 -26.63 -37.20
CA LEU D 201 -20.74 -25.65 -36.30
C LEU D 201 -20.18 -24.27 -36.57
N LYS D 202 -21.07 -23.30 -36.74
CA LYS D 202 -20.66 -21.91 -36.90
C LYS D 202 -19.98 -21.44 -35.62
N LEU D 203 -18.82 -20.80 -35.77
CA LEU D 203 -17.95 -20.47 -34.67
C LEU D 203 -18.24 -19.05 -34.14
N VAL D 204 -18.24 -18.92 -32.81
CA VAL D 204 -18.42 -17.62 -32.15
C VAL D 204 -17.23 -17.40 -31.22
N LEU D 205 -16.25 -16.60 -31.68
CA LEU D 205 -15.06 -16.28 -30.90
C LEU D 205 -15.29 -15.04 -30.04
N TYR D 206 -14.91 -15.13 -28.76
CA TYR D 206 -14.85 -13.91 -27.94
C TYR D 206 -13.75 -14.08 -26.89
N ASP D 207 -12.55 -13.55 -27.18
CA ASP D 207 -11.42 -13.68 -26.27
C ASP D 207 -11.33 -12.56 -25.23
N GLU D 208 -11.95 -11.41 -25.49
CA GLU D 208 -11.84 -10.28 -24.57
C GLU D 208 -12.30 -10.63 -23.16
N ARG D 209 -11.62 -10.02 -22.19
CA ARG D 209 -12.03 -10.11 -20.79
C ARG D 209 -13.05 -9.02 -20.48
N PRO D 210 -14.25 -9.37 -19.97
CA PRO D 210 -15.20 -8.32 -19.57
C PRO D 210 -14.63 -7.34 -18.56
N VAL D 211 -13.81 -7.80 -17.62
CA VAL D 211 -13.15 -6.94 -16.65
C VAL D 211 -11.65 -7.14 -16.80
N ASP D 212 -10.96 -6.19 -17.42
CA ASP D 212 -9.52 -6.29 -17.62
C ASP D 212 -8.80 -5.97 -16.31
N LEU D 213 -8.05 -6.94 -15.80
CA LEU D 213 -7.45 -6.86 -14.48
C LEU D 213 -6.20 -5.98 -14.48
N GLU D 214 -5.75 -5.70 -13.27
CA GLU D 214 -4.50 -4.99 -13.03
C GLU D 214 -3.55 -5.98 -12.38
N ARG D 215 -2.44 -6.28 -13.03
CA ARG D 215 -1.62 -7.44 -12.68
C ARG D 215 -0.29 -7.02 -12.08
N HIS D 216 0.06 -7.63 -10.94
CA HIS D 216 1.32 -7.38 -10.24
C HIS D 216 1.96 -8.71 -9.87
N ILE D 217 3.30 -8.71 -9.71
CA ILE D 217 4.02 -9.89 -9.26
C ILE D 217 4.92 -9.53 -8.08
N ILE D 218 5.35 -10.57 -7.36
CA ILE D 218 6.35 -10.48 -6.31
C ILE D 218 7.27 -11.69 -6.45
N ILE D 219 8.47 -11.55 -5.89
CA ILE D 219 9.43 -12.64 -5.74
C ILE D 219 9.73 -12.82 -4.27
N VAL D 220 9.95 -14.07 -3.88
CA VAL D 220 10.37 -14.39 -2.53
C VAL D 220 11.54 -15.35 -2.63
N ARG D 221 12.35 -15.37 -1.58
CA ARG D 221 13.53 -16.22 -1.53
C ARG D 221 13.29 -17.50 -0.76
N ASN D 222 12.15 -17.61 -0.08
CA ASN D 222 11.74 -18.83 0.60
C ASN D 222 10.22 -18.86 0.73
N GLU D 223 9.72 -19.95 1.31
CA GLU D 223 8.29 -20.11 1.49
C GLU D 223 7.74 -19.21 2.59
N SER D 224 8.51 -19.00 3.67
CA SER D 224 7.98 -18.23 4.80
C SER D 224 7.87 -16.74 4.47
N GLU D 225 8.85 -16.18 3.76
CA GLU D 225 8.69 -14.83 3.24
C GLU D 225 7.55 -14.77 2.24
N LYS D 226 7.37 -15.83 1.45
CA LYS D 226 6.23 -15.91 0.54
C LYS D 226 4.91 -15.75 1.29
N TRP D 227 4.76 -16.50 2.38
CA TRP D 227 3.49 -16.47 3.10
C TRP D 227 3.35 -15.19 3.92
N ARG D 228 4.46 -14.61 4.37
CA ARG D 228 4.42 -13.26 4.92
C ARG D 228 3.86 -12.27 3.93
N HIS D 229 4.36 -12.30 2.69
CA HIS D 229 3.85 -11.44 1.65
C HIS D 229 2.38 -11.72 1.38
N ILE D 230 1.97 -12.99 1.46
CA ILE D 230 0.56 -13.34 1.24
C ILE D 230 -0.33 -12.70 2.30
N ALA D 231 0.06 -12.81 3.57
CA ALA D 231 -0.72 -12.18 4.63
C ALA D 231 -0.78 -10.67 4.44
N ASN D 232 0.36 -10.05 4.10
CA ASN D 232 0.39 -8.61 3.88
C ASN D 232 -0.52 -8.21 2.73
N LEU D 233 -0.49 -8.99 1.65
CA LEU D 233 -1.32 -8.72 0.49
C LEU D 233 -2.79 -8.85 0.84
N CYS D 234 -3.15 -9.83 1.65
CA CYS D 234 -4.55 -10.01 2.01
C CYS D 234 -5.02 -8.91 2.96
N ARG D 235 -4.13 -8.46 3.84
CA ARG D 235 -4.42 -7.28 4.65
C ARG D 235 -4.59 -6.05 3.77
N ALA D 236 -3.77 -5.93 2.73
CA ALA D 236 -3.87 -4.78 1.84
C ALA D 236 -5.16 -4.78 1.04
N GLU D 237 -5.56 -5.97 0.56
CA GLU D 237 -6.87 -6.07 -0.06
C GLU D 237 -7.97 -5.80 0.96
N ALA D 238 -7.72 -6.12 2.24
CA ALA D 238 -8.66 -5.73 3.30
C ALA D 238 -8.74 -4.22 3.48
N MET D 239 -7.73 -3.47 3.04
CA MET D 239 -7.80 -2.01 2.98
C MET D 239 -7.92 -1.61 1.51
N ARG D 240 -9.15 -1.66 1.02
CA ARG D 240 -9.55 -1.14 -0.27
C ARG D 240 -10.99 -0.77 -0.07
N LYS D 241 -11.48 0.19 -0.84
CA LYS D 241 -12.88 0.51 -0.67
C LYS D 241 -13.48 0.98 -1.99
N SER D 242 -14.72 0.59 -2.25
CA SER D 242 -15.43 1.43 -3.18
C SER D 242 -15.85 2.68 -2.40
N LYS D 243 -16.39 3.69 -3.08
CA LYS D 243 -16.96 4.79 -2.33
C LYS D 243 -18.02 4.27 -1.35
N GLN D 244 -18.89 3.40 -1.85
CA GLN D 244 -19.89 2.67 -1.08
C GLN D 244 -19.40 1.26 -0.75
N GLY D 245 -20.04 0.66 0.26
CA GLY D 245 -19.69 -0.69 0.67
C GLY D 245 -18.38 -0.67 1.43
N TYR D 246 -17.32 -0.35 0.69
CA TYR D 246 -15.98 -0.15 1.22
C TYR D 246 -15.46 -1.29 2.12
N LYS D 247 -15.20 -2.45 1.50
CA LYS D 247 -14.19 -3.40 2.03
C LYS D 247 -13.52 -4.13 0.87
N GLY D 248 -12.69 -5.13 1.20
CA GLY D 248 -11.99 -5.94 0.22
C GLY D 248 -11.78 -7.40 0.59
N GLN D 249 -11.95 -8.32 -0.37
CA GLN D 249 -11.87 -9.76 -0.13
C GLN D 249 -10.97 -10.44 -1.18
N SER D 250 -10.35 -11.55 -0.78
CA SER D 250 -9.23 -12.14 -1.50
C SER D 250 -9.34 -13.67 -1.63
N ILE D 251 -8.72 -14.20 -2.70
CA ILE D 251 -8.64 -15.64 -2.95
C ILE D 251 -7.18 -16.07 -2.99
N VAL D 252 -6.91 -17.31 -2.57
CA VAL D 252 -5.56 -17.90 -2.56
C VAL D 252 -5.58 -19.27 -3.24
N PHE D 253 -4.88 -19.41 -4.37
CA PHE D 253 -4.71 -20.69 -5.07
C PHE D 253 -3.39 -21.33 -4.68
N THR D 254 -3.46 -22.34 -3.84
CA THR D 254 -2.30 -23.14 -3.46
C THR D 254 -2.21 -24.34 -4.40
N PHE D 255 -1.47 -25.37 -4.01
CA PHE D 255 -1.26 -26.53 -4.86
C PHE D 255 -1.86 -27.85 -4.33
N SER D 256 -2.09 -27.99 -3.02
CA SER D 256 -2.77 -29.17 -2.49
C SER D 256 -3.81 -28.74 -1.47
N ARG D 257 -4.67 -29.69 -1.06
CA ARG D 257 -5.76 -29.36 -0.15
C ARG D 257 -5.29 -29.16 1.29
N LYS D 258 -4.41 -30.04 1.76
CA LYS D 258 -3.78 -29.85 3.05
C LYS D 258 -3.11 -28.48 3.11
N ARG D 259 -2.56 -28.01 1.98
CA ARG D 259 -2.00 -26.66 1.93
C ARG D 259 -3.10 -25.59 2.04
N THR D 260 -4.28 -25.84 1.46
CA THR D 260 -5.38 -24.88 1.68
C THR D 260 -5.66 -24.73 3.16
N HIS D 261 -5.73 -25.85 3.88
CA HIS D 261 -5.98 -25.77 5.32
C HIS D 261 -4.85 -25.05 6.05
N GLU D 262 -3.60 -25.44 5.78
CA GLU D 262 -2.46 -24.82 6.46
C GLU D 262 -2.43 -23.30 6.24
N LEU D 263 -2.54 -22.89 4.98
CA LEU D 263 -2.49 -21.47 4.67
C LEU D 263 -3.69 -20.72 5.25
N ALA D 264 -4.90 -21.33 5.22
CA ALA D 264 -6.11 -20.65 5.69
C ALA D 264 -6.10 -20.43 7.20
N ALA D 265 -5.72 -21.46 7.98
CA ALA D 265 -5.62 -21.23 9.42
C ALA D 265 -4.45 -20.30 9.73
N TYR D 266 -3.40 -20.31 8.90
CA TYR D 266 -2.29 -19.36 9.05
C TYR D 266 -2.76 -17.91 8.96
N LEU D 267 -3.50 -17.59 7.90
CA LEU D 267 -4.03 -16.23 7.78
C LEU D 267 -5.13 -15.95 8.78
N THR D 268 -5.78 -16.99 9.31
CA THR D 268 -6.63 -16.82 10.49
C THR D 268 -5.79 -16.32 11.67
N SER D 269 -4.59 -16.89 11.82
CA SER D 269 -3.62 -16.47 12.85
C SER D 269 -3.09 -15.07 12.59
N LYS D 270 -3.18 -14.60 11.35
CA LYS D 270 -2.92 -13.19 11.06
C LYS D 270 -4.13 -12.31 11.31
N GLY D 271 -5.06 -12.77 12.15
CA GLY D 271 -6.24 -12.01 12.50
C GLY D 271 -7.26 -11.87 11.38
N LEU D 272 -6.90 -12.22 10.15
CA LEU D 272 -7.83 -12.13 9.04
C LEU D 272 -8.92 -13.17 9.16
N LYS D 273 -10.14 -12.79 8.80
CA LYS D 273 -11.27 -13.73 8.77
C LYS D 273 -11.11 -14.60 7.53
N ALA D 274 -10.41 -15.73 7.68
CA ALA D 274 -10.00 -16.56 6.55
C ALA D 274 -10.43 -18.01 6.77
N LYS D 275 -10.78 -18.66 5.66
CA LYS D 275 -11.19 -20.07 5.69
C LYS D 275 -10.84 -20.73 4.37
N PRO D 276 -10.75 -22.07 4.35
CA PRO D 276 -10.48 -22.79 3.10
C PRO D 276 -11.74 -23.24 2.36
N TYR D 277 -11.53 -23.78 1.16
CA TYR D 277 -12.63 -24.22 0.30
C TYR D 277 -12.11 -25.19 -0.75
N HIS D 278 -12.70 -26.39 -0.81
CA HIS D 278 -12.48 -27.36 -1.88
C HIS D 278 -13.54 -28.45 -1.76
N SER D 279 -13.49 -29.44 -2.65
CA SER D 279 -14.54 -30.45 -2.73
C SER D 279 -14.58 -31.37 -1.52
N GLY D 280 -13.41 -31.79 -1.04
CA GLY D 280 -13.35 -32.85 -0.04
C GLY D 280 -13.90 -32.49 1.32
N LEU D 281 -14.67 -31.36 1.41
CA LEU D 281 -15.30 -30.74 2.57
C LEU D 281 -16.78 -31.11 2.63
N PRO D 282 -17.34 -31.22 3.83
CA PRO D 282 -18.78 -31.50 3.96
C PRO D 282 -19.58 -30.45 3.22
N TYR D 283 -20.58 -30.91 2.45
CA TYR D 283 -21.34 -29.97 1.63
C TYR D 283 -21.96 -28.88 2.49
N LYS D 284 -22.35 -29.23 3.72
CA LYS D 284 -22.80 -28.27 4.73
C LYS D 284 -21.87 -27.08 4.80
N GLN D 285 -20.62 -27.32 5.22
CA GLN D 285 -19.65 -26.25 5.41
C GLN D 285 -19.16 -25.66 4.10
N ARG D 286 -19.23 -26.43 3.00
CA ARG D 286 -18.83 -25.92 1.69
C ARG D 286 -19.74 -24.79 1.24
N LYS D 287 -21.04 -25.04 1.14
CA LYS D 287 -21.94 -23.96 0.74
C LYS D 287 -22.17 -22.95 1.87
N LEU D 288 -22.00 -23.36 3.12
CA LEU D 288 -21.99 -22.41 4.24
C LEU D 288 -20.90 -21.34 4.04
N THR D 289 -19.68 -21.76 3.72
CA THR D 289 -18.58 -20.82 3.53
C THR D 289 -18.73 -20.04 2.22
N GLU D 290 -19.27 -20.67 1.18
CA GLU D 290 -19.65 -19.92 -0.01
C GLU D 290 -20.50 -18.72 0.38
N MET D 291 -21.56 -18.98 1.16
CA MET D 291 -22.46 -17.90 1.57
C MET D 291 -21.75 -16.85 2.43
N GLU D 292 -20.89 -17.28 3.38
CA GLU D 292 -20.23 -16.30 4.26
C GLU D 292 -19.30 -15.38 3.50
N PHE D 293 -18.52 -15.93 2.56
CA PHE D 293 -17.64 -15.10 1.73
C PHE D 293 -18.45 -14.15 0.88
N LEU D 294 -19.59 -14.61 0.35
CA LEU D 294 -20.43 -13.74 -0.46
C LEU D 294 -20.81 -12.46 0.31
N ALA D 295 -21.19 -12.61 1.58
CA ALA D 295 -21.83 -11.54 2.34
C ALA D 295 -20.85 -10.64 3.07
N GLN D 296 -19.62 -10.55 2.57
CA GLN D 296 -18.62 -9.63 3.10
C GLN D 296 -18.27 -9.91 4.56
N ARG D 297 -18.47 -11.14 5.03
CA ARG D 297 -18.08 -11.50 6.38
C ARG D 297 -16.66 -12.06 6.43
N LEU D 298 -16.36 -13.03 5.57
CA LEU D 298 -15.00 -13.55 5.52
C LEU D 298 -14.12 -12.58 4.73
N ASP D 299 -12.81 -12.77 4.87
CA ASP D 299 -11.82 -11.97 4.15
C ASP D 299 -11.07 -12.75 3.09
N VAL D 300 -10.65 -13.98 3.39
CA VAL D 300 -9.77 -14.75 2.51
C VAL D 300 -10.33 -16.17 2.35
N VAL D 301 -10.34 -16.65 1.10
CA VAL D 301 -10.70 -18.05 0.83
C VAL D 301 -9.54 -18.75 0.14
N VAL D 302 -9.09 -19.85 0.74
CA VAL D 302 -7.93 -20.61 0.26
C VAL D 302 -8.43 -21.89 -0.41
N THR D 303 -8.11 -22.03 -1.69
CA THR D 303 -8.69 -23.08 -2.50
C THR D 303 -7.64 -23.65 -3.45
N THR D 304 -8.08 -24.63 -4.24
CA THR D 304 -7.32 -25.19 -5.36
C THR D 304 -8.07 -24.90 -6.65
N ALA D 305 -7.55 -25.42 -7.77
CA ALA D 305 -8.25 -25.28 -9.03
C ALA D 305 -9.48 -26.15 -9.12
N ALA D 306 -9.84 -26.86 -8.04
CA ALA D 306 -11.06 -27.64 -7.96
C ALA D 306 -12.30 -26.78 -8.01
N LEU D 307 -12.12 -25.47 -8.21
CA LEU D 307 -13.22 -24.53 -8.41
C LEU D 307 -13.73 -24.66 -9.83
N GLY D 308 -14.60 -25.63 -10.03
CA GLY D 308 -15.34 -25.73 -11.27
C GLY D 308 -16.41 -24.67 -11.34
N ALA D 309 -17.17 -24.71 -12.42
CA ALA D 309 -18.28 -23.79 -12.55
C ALA D 309 -19.36 -24.14 -11.52
N GLY D 310 -20.43 -23.35 -11.52
CA GLY D 310 -21.48 -23.46 -10.54
C GLY D 310 -21.15 -22.88 -9.19
N VAL D 311 -19.87 -22.70 -8.89
CA VAL D 311 -19.45 -22.06 -7.65
C VAL D 311 -19.46 -20.57 -7.93
N ASP D 312 -20.51 -19.89 -7.47
CA ASP D 312 -20.65 -18.45 -7.66
C ASP D 312 -19.82 -17.75 -6.58
N PHE D 313 -18.66 -17.22 -6.98
CA PHE D 313 -17.65 -16.71 -6.05
C PHE D 313 -17.06 -15.38 -6.51
N PRO D 314 -17.42 -14.29 -5.85
CA PRO D 314 -16.92 -12.97 -6.25
C PRO D 314 -15.64 -12.56 -5.54
N ALA D 315 -14.62 -12.20 -6.30
CA ALA D 315 -13.39 -11.70 -5.69
C ALA D 315 -12.94 -10.41 -6.35
N SER D 316 -12.37 -9.53 -5.53
CA SER D 316 -11.68 -8.33 -6.02
C SER D 316 -10.20 -8.57 -6.25
N GLN D 317 -9.64 -9.66 -5.73
CA GLN D 317 -8.20 -9.85 -5.84
C GLN D 317 -7.86 -11.33 -5.66
N VAL D 318 -7.00 -11.83 -6.54
CA VAL D 318 -6.56 -13.22 -6.50
C VAL D 318 -5.06 -13.28 -6.22
N ILE D 319 -4.64 -14.36 -5.54
CA ILE D 319 -3.25 -14.59 -5.18
C ILE D 319 -2.90 -16.05 -5.47
N PHE D 320 -1.74 -16.28 -6.07
CA PHE D 320 -1.26 -17.63 -6.36
C PHE D 320 -0.05 -17.94 -5.50
N GLU D 321 -0.28 -18.65 -4.40
CA GLU D 321 0.83 -19.15 -3.59
C GLU D 321 1.74 -20.08 -4.39
N SER D 322 1.15 -20.84 -5.30
CA SER D 322 1.90 -21.81 -6.06
C SER D 322 1.23 -21.99 -7.41
N LEU D 323 1.94 -22.68 -8.30
CA LEU D 323 1.48 -22.88 -9.68
C LEU D 323 1.35 -24.36 -10.01
N ALA D 324 1.04 -25.19 -9.01
CA ALA D 324 0.90 -26.61 -9.20
C ALA D 324 -0.47 -27.07 -8.72
N MET D 325 -0.85 -28.28 -9.18
CA MET D 325 -2.01 -29.04 -8.69
C MET D 325 -1.55 -30.48 -8.52
N GLY D 326 -1.11 -30.82 -7.33
CA GLY D 326 -0.42 -32.09 -7.13
C GLY D 326 1.09 -31.95 -7.34
N ASN D 327 1.61 -32.63 -8.37
CA ASN D 327 2.97 -32.36 -8.85
C ASN D 327 2.97 -31.97 -10.32
N LYS D 328 1.85 -31.43 -10.81
CA LYS D 328 1.71 -30.99 -12.18
C LYS D 328 1.65 -29.48 -12.22
N TRP D 329 2.50 -28.86 -13.03
CA TRP D 329 2.38 -27.43 -13.23
C TRP D 329 1.04 -27.13 -13.88
N LEU D 330 0.43 -26.01 -13.48
CA LEU D 330 -0.88 -25.64 -13.98
C LEU D 330 -0.88 -25.58 -15.51
N SER D 331 -2.06 -25.71 -16.10
CA SER D 331 -2.21 -25.50 -17.53
C SER D 331 -2.59 -24.04 -17.80
N VAL D 332 -2.29 -23.58 -19.03
CA VAL D 332 -2.58 -22.20 -19.41
C VAL D 332 -4.07 -21.94 -19.42
N ARG D 333 -4.85 -22.89 -19.97
CA ARG D 333 -6.31 -22.77 -19.90
C ARG D 333 -6.76 -22.74 -18.44
N GLU D 334 -6.15 -23.60 -17.63
CA GLU D 334 -6.44 -23.63 -16.19
C GLU D 334 -6.12 -22.29 -15.54
N PHE D 335 -4.93 -21.76 -15.80
CA PHE D 335 -4.58 -20.49 -15.19
C PHE D 335 -5.54 -19.38 -15.61
N HIS D 336 -5.89 -19.36 -16.89
CA HIS D 336 -6.79 -18.31 -17.38
C HIS D 336 -8.14 -18.38 -16.69
N GLN D 337 -8.73 -19.58 -16.59
CA GLN D 337 -10.02 -19.68 -15.93
C GLN D 337 -9.91 -19.45 -14.42
N MET D 338 -8.74 -19.68 -13.82
CA MET D 338 -8.54 -19.36 -12.41
C MET D 338 -8.46 -17.87 -12.15
N LEU D 339 -7.82 -17.13 -13.05
CA LEU D 339 -7.86 -15.68 -12.92
C LEU D 339 -9.23 -15.14 -13.31
N GLY D 340 -9.99 -15.89 -14.10
CA GLY D 340 -11.35 -15.56 -14.49
C GLY D 340 -12.33 -15.52 -13.35
N ARG D 341 -11.83 -15.77 -12.13
CA ARG D 341 -12.55 -15.48 -10.89
C ARG D 341 -11.90 -14.31 -10.12
N ALA D 342 -11.12 -13.48 -10.80
CA ALA D 342 -10.68 -12.18 -10.28
C ALA D 342 -11.52 -11.07 -10.89
N GLY D 343 -12.23 -10.33 -10.04
CA GLY D 343 -13.06 -9.19 -10.42
C GLY D 343 -13.93 -9.45 -11.63
N ARG D 344 -14.21 -10.73 -11.83
CA ARG D 344 -15.15 -11.31 -12.79
C ARG D 344 -16.62 -11.18 -12.41
N PRO D 345 -17.00 -11.19 -11.10
CA PRO D 345 -18.43 -11.27 -10.75
C PRO D 345 -19.23 -10.04 -11.13
N LEU D 346 -20.37 -9.87 -10.48
CA LEU D 346 -21.22 -8.73 -10.78
C LEU D 346 -20.55 -7.41 -10.37
N TYR D 347 -19.47 -7.11 -11.10
CA TYR D 347 -18.79 -5.85 -11.39
C TYR D 347 -17.91 -5.23 -10.29
N HIS D 348 -17.88 -5.76 -9.06
CA HIS D 348 -17.71 -4.89 -7.87
C HIS D 348 -16.74 -3.74 -8.14
N GLU D 349 -15.47 -4.02 -8.40
CA GLU D 349 -14.59 -2.96 -8.91
C GLU D 349 -13.33 -3.56 -9.57
N LYS D 350 -12.27 -2.76 -9.62
CA LYS D 350 -11.07 -3.08 -10.41
C LYS D 350 -10.26 -4.16 -9.71
N GLY D 351 -10.34 -5.37 -10.23
CA GLY D 351 -9.64 -6.49 -9.64
C GLY D 351 -8.14 -6.37 -9.73
N LYS D 352 -7.47 -7.02 -8.79
CA LYS D 352 -6.02 -7.07 -8.69
C LYS D 352 -5.57 -8.52 -8.59
N VAL D 353 -4.39 -8.81 -9.15
CA VAL D 353 -3.86 -10.17 -9.19
C VAL D 353 -2.40 -10.17 -8.77
N TYR D 354 -2.02 -11.12 -7.92
CA TYR D 354 -0.64 -11.26 -7.44
C TYR D 354 -0.24 -12.72 -7.43
N LEU D 355 0.92 -13.02 -8.02
CA LEU D 355 1.48 -14.37 -8.01
C LEU D 355 2.84 -14.37 -7.34
N LEU D 356 3.06 -15.33 -6.44
CA LEU D 356 4.28 -15.34 -5.62
C LEU D 356 5.18 -16.50 -6.04
N VAL D 357 6.44 -16.17 -6.30
CA VAL D 357 7.38 -17.02 -7.02
C VAL D 357 8.64 -17.19 -6.18
N GLU D 358 8.97 -18.44 -5.87
CA GLU D 358 10.29 -18.77 -5.33
C GLU D 358 11.15 -19.24 -6.48
N PRO D 359 12.23 -18.54 -6.82
CA PRO D 359 13.01 -18.91 -8.01
C PRO D 359 13.63 -20.29 -7.87
N GLY D 360 13.57 -21.07 -8.95
CA GLY D 360 14.06 -22.43 -8.95
C GLY D 360 13.25 -23.42 -8.12
N ARG D 361 12.12 -23.00 -7.53
CA ARG D 361 11.39 -23.83 -6.59
C ARG D 361 10.64 -24.92 -7.34
N LYS D 362 11.03 -26.17 -7.11
CA LYS D 362 10.26 -27.33 -7.52
C LYS D 362 9.59 -27.91 -6.28
N TYR D 363 8.27 -27.76 -6.21
CA TYR D 363 7.53 -28.36 -5.12
C TYR D 363 7.56 -29.88 -5.16
N SER D 364 8.12 -30.45 -6.22
CA SER D 364 8.35 -31.89 -6.35
C SER D 364 9.70 -32.05 -7.03
N ALA D 365 9.97 -33.25 -7.56
CA ALA D 365 11.20 -33.49 -8.30
C ALA D 365 10.97 -33.95 -9.74
N GLN D 366 9.78 -34.45 -10.10
CA GLN D 366 9.49 -34.90 -11.45
C GLN D 366 8.87 -33.83 -12.32
N MET D 367 8.53 -32.68 -11.76
CA MET D 367 8.16 -31.53 -12.56
C MET D 367 9.36 -31.17 -13.44
N GLU D 368 9.08 -30.74 -14.66
CA GLU D 368 10.12 -30.51 -15.66
C GLU D 368 10.16 -29.02 -16.01
N GLY D 369 10.98 -28.29 -15.24
CA GLY D 369 11.02 -26.84 -15.25
C GLY D 369 10.63 -26.31 -13.88
N THR D 370 11.31 -25.26 -13.42
CA THR D 370 11.04 -24.65 -12.12
C THR D 370 9.98 -23.55 -12.24
N GLU D 371 9.62 -22.97 -11.09
CA GLU D 371 8.45 -22.08 -11.01
C GLU D 371 8.58 -20.87 -11.94
N ASP D 372 9.80 -20.41 -12.19
CA ASP D 372 10.00 -19.24 -13.06
C ASP D 372 9.60 -19.52 -14.50
N GLU D 373 10.12 -20.62 -15.08
CA GLU D 373 9.81 -20.95 -16.45
C GLU D 373 8.31 -21.21 -16.64
N VAL D 374 7.70 -21.89 -15.65
CA VAL D 374 6.25 -22.12 -15.66
C VAL D 374 5.50 -20.79 -15.59
N ALA D 375 6.05 -19.80 -14.87
CA ALA D 375 5.42 -18.49 -14.79
C ALA D 375 5.35 -17.82 -16.16
N PHE D 376 6.47 -17.78 -16.87
CA PHE D 376 6.42 -17.18 -18.22
C PHE D 376 5.49 -17.96 -19.15
N LYS D 377 5.58 -19.30 -19.12
CA LYS D 377 4.70 -20.16 -19.92
C LYS D 377 3.23 -19.75 -19.72
N LEU D 378 2.77 -19.77 -18.46
CA LEU D 378 1.36 -19.48 -18.18
C LEU D 378 0.99 -18.05 -18.62
N LEU D 379 1.90 -17.09 -18.43
CA LEU D 379 1.50 -15.71 -18.69
C LEU D 379 1.42 -15.34 -20.17
N THR D 380 2.35 -15.81 -20.98
CA THR D 380 2.42 -15.29 -22.34
C THR D 380 1.83 -16.22 -23.38
N ALA D 381 1.42 -17.41 -23.01
CA ALA D 381 0.85 -18.32 -23.99
C ALA D 381 -0.60 -17.97 -24.29
N PRO D 382 -1.06 -18.36 -25.47
CA PRO D 382 -2.49 -18.52 -25.71
C PRO D 382 -2.93 -19.90 -25.24
N ILE D 383 -4.24 -20.16 -25.36
CA ILE D 383 -4.86 -21.36 -24.80
C ILE D 383 -4.59 -22.56 -25.69
N GLU D 384 -4.45 -23.74 -25.05
CA GLU D 384 -4.07 -24.95 -25.75
C GLU D 384 -5.22 -25.48 -26.61
N PRO D 385 -4.89 -26.27 -27.63
CA PRO D 385 -5.94 -26.96 -28.40
C PRO D 385 -6.44 -28.21 -27.68
N VAL D 386 -7.76 -28.43 -27.74
CA VAL D 386 -8.36 -29.63 -27.17
C VAL D 386 -7.90 -30.86 -27.94
N GLN D 387 -7.59 -31.93 -27.20
CA GLN D 387 -7.03 -33.17 -27.75
C GLN D 387 -7.99 -34.32 -27.45
N VAL D 388 -8.51 -34.93 -28.50
CA VAL D 388 -9.38 -36.09 -28.38
C VAL D 388 -8.66 -37.26 -29.03
N GLU D 389 -8.24 -38.21 -28.18
CA GLU D 389 -7.62 -39.45 -28.62
C GLU D 389 -8.30 -40.59 -27.90
N TRP D 390 -8.87 -41.53 -28.67
CA TRP D 390 -9.59 -42.67 -28.09
C TRP D 390 -8.61 -43.80 -27.80
N SER D 391 -8.33 -44.04 -26.53
CA SER D 391 -7.61 -45.26 -26.17
C SER D 391 -8.45 -46.46 -26.55
N ASP D 392 -7.77 -47.59 -26.80
CA ASP D 392 -8.41 -48.80 -27.30
C ASP D 392 -9.74 -49.07 -26.61
N GLU D 393 -9.73 -49.03 -25.28
CA GLU D 393 -10.91 -49.38 -24.53
C GLU D 393 -11.95 -48.26 -24.53
N LEU D 394 -11.52 -47.00 -24.64
CA LEU D 394 -12.50 -45.93 -24.84
C LEU D 394 -13.22 -46.09 -26.17
N GLU D 395 -12.48 -46.45 -27.23
CA GLU D 395 -13.09 -46.78 -28.51
C GLU D 395 -14.09 -47.92 -28.36
N GLN D 396 -13.69 -48.97 -27.63
CA GLN D 396 -14.57 -50.12 -27.47
C GLN D 396 -15.86 -49.76 -26.74
N ASP D 397 -15.75 -48.97 -25.65
CA ASP D 397 -16.93 -48.65 -24.86
C ASP D 397 -17.86 -47.70 -25.61
N ASN D 398 -17.31 -46.74 -26.35
CA ASN D 398 -18.20 -45.89 -27.14
C ASN D 398 -18.88 -46.67 -28.25
N VAL D 399 -18.17 -47.61 -28.87
CA VAL D 399 -18.79 -48.46 -29.88
C VAL D 399 -19.93 -49.30 -29.28
N LEU D 400 -19.68 -49.89 -28.12
CA LEU D 400 -20.71 -50.67 -27.46
C LEU D 400 -21.90 -49.80 -27.07
N ALA D 401 -21.65 -48.54 -26.71
CA ALA D 401 -22.76 -47.64 -26.43
C ALA D 401 -23.56 -47.33 -27.70
N HIS D 402 -22.87 -47.14 -28.83
CA HIS D 402 -23.56 -47.04 -30.11
C HIS D 402 -24.50 -48.22 -30.30
N SER D 403 -23.98 -49.43 -30.02
CA SER D 403 -24.77 -50.64 -30.18
C SER D 403 -25.99 -50.65 -29.26
N CYS D 404 -25.79 -50.27 -28.00
CA CYS D 404 -26.91 -50.24 -27.07
C CYS D 404 -27.97 -49.23 -27.51
N VAL D 405 -27.57 -48.20 -28.24
CA VAL D 405 -28.53 -47.25 -28.76
C VAL D 405 -29.09 -47.74 -30.09
N PHE D 406 -28.22 -47.89 -31.08
CA PHE D 406 -28.63 -48.20 -32.44
C PHE D 406 -28.45 -49.67 -32.74
N ASN D 407 -29.30 -50.19 -33.63
CA ASN D 407 -29.36 -51.62 -33.89
C ASN D 407 -28.68 -52.04 -35.19
N ARG D 408 -28.45 -51.13 -36.11
CA ARG D 408 -28.05 -51.48 -37.47
C ARG D 408 -26.62 -51.04 -37.75
N LEU D 409 -25.85 -51.95 -38.38
CA LEU D 409 -24.42 -51.71 -38.56
C LEU D 409 -24.14 -50.49 -39.43
N ASP D 410 -25.03 -50.18 -40.38
CA ASP D 410 -24.85 -48.95 -41.16
C ASP D 410 -24.95 -47.73 -40.27
N VAL D 411 -25.93 -47.73 -39.36
CA VAL D 411 -26.08 -46.64 -38.40
C VAL D 411 -24.83 -46.51 -37.53
N ILE D 412 -24.30 -47.64 -37.05
CA ILE D 412 -23.15 -47.63 -36.15
C ILE D 412 -21.92 -47.11 -36.84
N GLU D 413 -21.68 -47.60 -38.06
CA GLU D 413 -20.56 -47.10 -38.86
C GLU D 413 -20.70 -45.60 -39.09
N GLU D 414 -21.93 -45.14 -39.34
CA GLU D 414 -22.18 -43.72 -39.58
C GLU D 414 -21.83 -42.88 -38.36
N VAL D 415 -22.32 -43.29 -37.18
CA VAL D 415 -22.06 -42.55 -35.95
C VAL D 415 -20.58 -42.55 -35.63
N GLN D 416 -19.89 -43.66 -35.93
CA GLN D 416 -18.45 -43.70 -35.71
C GLN D 416 -17.71 -42.77 -36.65
N SER D 417 -18.17 -42.67 -37.90
CA SER D 417 -17.60 -41.70 -38.83
C SER D 417 -17.82 -40.28 -38.35
N MET D 418 -18.93 -40.03 -37.65
CA MET D 418 -19.24 -38.74 -37.04
C MET D 418 -18.38 -38.43 -35.81
N CYS D 419 -17.57 -39.36 -35.35
CA CYS D 419 -16.67 -39.15 -34.22
C CYS D 419 -15.33 -38.61 -34.70
N LEU D 420 -14.75 -37.74 -33.88
CA LEU D 420 -13.46 -37.10 -34.17
C LEU D 420 -12.27 -37.86 -33.61
N GLY D 421 -12.44 -38.52 -32.47
CA GLY D 421 -11.45 -39.48 -32.00
C GLY D 421 -11.53 -40.82 -32.69
N ALA D 422 -12.40 -40.96 -33.70
CA ALA D 422 -12.57 -42.21 -34.42
C ALA D 422 -11.30 -42.52 -35.21
N ASN D 423 -10.56 -43.53 -34.76
CA ASN D 423 -9.37 -44.02 -35.46
C ASN D 423 -9.63 -45.26 -36.30
N GLN D 424 -10.68 -46.02 -35.98
CA GLN D 424 -10.98 -47.29 -36.65
C GLN D 424 -12.44 -47.30 -37.09
N SER D 425 -12.90 -48.47 -37.50
CA SER D 425 -14.28 -48.68 -37.92
C SER D 425 -15.10 -49.27 -36.79
N ALA D 426 -16.35 -49.62 -37.09
CA ALA D 426 -17.23 -50.31 -36.16
C ALA D 426 -17.24 -51.82 -36.32
N GLU D 427 -17.02 -52.34 -37.54
CA GLU D 427 -16.98 -53.79 -37.72
C GLU D 427 -15.85 -54.41 -36.91
N LYS D 428 -14.72 -53.71 -36.80
CA LYS D 428 -13.59 -54.17 -36.01
C LYS D 428 -14.01 -54.46 -34.58
N VAL D 429 -14.40 -53.38 -33.88
CA VAL D 429 -14.74 -53.49 -32.47
C VAL D 429 -15.97 -54.37 -32.28
N LEU D 430 -16.82 -54.48 -33.29
CA LEU D 430 -18.03 -55.27 -33.14
C LEU D 430 -17.73 -56.77 -33.20
N GLU D 431 -16.81 -57.20 -34.08
CA GLU D 431 -16.32 -58.58 -33.98
C GLU D 431 -15.53 -58.79 -32.69
N LYS D 432 -14.78 -57.77 -32.26
CA LYS D 432 -14.02 -57.88 -31.01
C LYS D 432 -14.93 -58.16 -29.81
N LEU D 433 -16.09 -57.53 -29.78
CA LEU D 433 -17.08 -57.76 -28.72
C LEU D 433 -17.89 -59.03 -28.99
N GLU D 434 -18.04 -59.41 -30.27
CA GLU D 434 -18.61 -60.70 -30.62
C GLU D 434 -17.80 -61.86 -30.05
N GLU D 435 -16.48 -61.66 -29.88
CA GLU D 435 -15.65 -62.67 -29.21
C GLU D 435 -16.12 -62.93 -27.79
N PHE D 436 -16.44 -61.86 -27.06
CA PHE D 436 -16.91 -61.97 -25.69
C PHE D 436 -18.41 -62.23 -25.59
N ASP D 437 -19.13 -62.20 -26.71
CA ASP D 437 -20.59 -62.28 -26.73
C ASP D 437 -21.21 -61.08 -26.01
N PHE D 438 -20.55 -59.91 -26.10
CA PHE D 438 -21.15 -58.67 -25.65
C PHE D 438 -22.19 -58.20 -26.67
N VAL D 439 -21.88 -58.39 -27.95
CA VAL D 439 -22.84 -58.27 -29.04
C VAL D 439 -22.64 -59.46 -29.95
N LYS D 440 -23.63 -59.71 -30.81
CA LYS D 440 -23.57 -60.82 -31.75
C LYS D 440 -23.90 -60.32 -33.16
N MET D 441 -23.18 -60.87 -34.15
CA MET D 441 -23.18 -60.33 -35.50
C MET D 441 -24.03 -61.19 -36.43
N LYS D 442 -25.15 -60.62 -36.88
CA LYS D 442 -25.95 -61.20 -37.95
C LYS D 442 -25.98 -60.15 -39.05
N ARG D 443 -24.94 -60.15 -39.89
CA ARG D 443 -24.68 -59.05 -40.81
C ARG D 443 -25.89 -58.76 -41.68
N PRO D 444 -26.26 -57.47 -41.88
CA PRO D 444 -25.56 -56.29 -41.35
C PRO D 444 -26.18 -55.68 -40.09
N ILE D 445 -26.56 -56.51 -39.13
CA ILE D 445 -27.18 -56.07 -37.90
C ILE D 445 -26.42 -56.64 -36.70
N VAL D 446 -26.40 -55.86 -35.61
CA VAL D 446 -25.73 -56.23 -34.37
C VAL D 446 -26.77 -56.38 -33.27
N GLU D 447 -26.83 -57.56 -32.66
CA GLU D 447 -27.74 -57.85 -31.57
C GLU D 447 -27.07 -57.59 -30.23
N VAL D 448 -27.74 -56.84 -29.36
CA VAL D 448 -27.19 -56.44 -28.07
C VAL D 448 -27.53 -57.52 -27.04
N THR D 449 -26.54 -58.33 -26.68
CA THR D 449 -26.75 -59.35 -25.66
C THR D 449 -26.99 -58.71 -24.30
N PRO D 450 -27.70 -59.40 -23.40
CA PRO D 450 -27.87 -58.86 -22.05
C PRO D 450 -26.55 -58.61 -21.33
N TYR D 451 -25.53 -59.43 -21.59
CA TYR D 451 -24.21 -59.19 -21.02
C TYR D 451 -23.67 -57.85 -21.50
N GLY D 452 -23.63 -57.66 -22.82
CA GLY D 452 -23.15 -56.41 -23.37
C GLY D 452 -23.97 -55.21 -22.92
N ARG D 453 -25.30 -55.36 -22.89
CA ARG D 453 -26.15 -54.26 -22.45
C ARG D 453 -25.83 -53.85 -21.01
N ALA D 454 -25.75 -54.82 -20.10
CA ALA D 454 -25.47 -54.49 -18.70
C ALA D 454 -24.10 -53.86 -18.54
N VAL D 455 -23.08 -54.42 -19.20
CA VAL D 455 -21.72 -53.90 -19.04
C VAL D 455 -21.62 -52.46 -19.55
N SER D 456 -22.23 -52.17 -20.70
CA SER D 456 -22.22 -50.80 -21.19
C SER D 456 -22.99 -49.87 -20.26
N MET D 457 -24.16 -50.30 -19.79
CA MET D 457 -24.92 -49.49 -18.85
C MET D 457 -24.12 -49.16 -17.59
N SER D 458 -23.17 -50.03 -17.22
CA SER D 458 -22.36 -49.80 -16.04
C SER D 458 -21.05 -49.06 -16.33
N PHE D 459 -20.84 -48.60 -17.57
CA PHE D 459 -19.68 -47.78 -17.93
C PHE D 459 -18.37 -48.49 -17.63
N LEU D 460 -18.35 -49.79 -17.86
CA LEU D 460 -17.23 -50.60 -17.41
C LEU D 460 -16.29 -50.98 -18.56
N LEU D 461 -15.01 -51.15 -18.22
CA LEU D 461 -14.02 -51.63 -19.16
C LEU D 461 -14.23 -53.12 -19.44
N PRO D 462 -13.80 -53.60 -20.61
CA PRO D 462 -13.94 -55.05 -20.88
C PRO D 462 -13.20 -55.90 -19.86
N LYS D 463 -12.04 -55.43 -19.43
CA LYS D 463 -11.26 -56.14 -18.43
C LYS D 463 -12.02 -56.25 -17.12
N GLU D 464 -12.67 -55.16 -16.69
CA GLU D 464 -13.45 -55.20 -15.46
C GLU D 464 -14.58 -56.23 -15.55
N ALA D 465 -15.31 -56.22 -16.67
CA ALA D 465 -16.43 -57.14 -16.85
C ALA D 465 -15.97 -58.59 -16.84
N THR D 466 -14.88 -58.88 -17.52
CA THR D 466 -14.40 -60.25 -17.55
C THR D 466 -13.88 -60.68 -16.18
N PHE D 467 -13.25 -59.77 -15.43
CA PHE D 467 -12.83 -60.13 -14.08
C PHE D 467 -14.03 -60.44 -13.19
N ILE D 468 -15.09 -59.63 -13.27
CA ILE D 468 -16.28 -59.89 -12.46
C ILE D 468 -16.90 -61.23 -12.86
N ARG D 469 -16.99 -61.49 -14.17
CA ARG D 469 -17.51 -62.78 -14.62
C ARG D 469 -16.68 -63.94 -14.07
N GLY D 470 -15.35 -63.79 -14.08
CA GLY D 470 -14.50 -64.88 -13.63
C GLY D 470 -14.60 -65.13 -12.14
N ASN D 471 -14.68 -64.06 -11.35
CA ASN D 471 -14.74 -64.18 -9.90
C ASN D 471 -16.17 -64.14 -9.37
N LEU D 472 -17.14 -64.51 -10.21
CA LEU D 472 -18.53 -64.60 -9.75
C LEU D 472 -18.70 -65.85 -8.89
N GLY D 473 -19.26 -65.69 -7.70
CA GLY D 473 -19.45 -66.82 -6.78
C GLY D 473 -18.20 -67.22 -6.04
N LYS D 474 -17.07 -67.34 -6.76
CA LYS D 474 -15.79 -67.67 -6.16
C LYS D 474 -15.32 -66.61 -5.18
N ARG D 475 -15.86 -65.39 -5.26
CA ARG D 475 -15.55 -64.32 -4.34
C ARG D 475 -16.83 -63.68 -3.83
N GLU D 476 -16.76 -63.13 -2.64
CA GLU D 476 -17.89 -62.37 -2.14
C GLU D 476 -18.04 -61.07 -2.93
N ALA D 477 -19.16 -60.39 -2.74
CA ALA D 477 -19.37 -59.10 -3.40
C ALA D 477 -18.39 -58.04 -2.91
N ARG D 478 -18.11 -58.03 -1.60
CA ARG D 478 -17.20 -57.04 -1.04
C ARG D 478 -15.81 -57.12 -1.66
N TRP D 479 -15.22 -58.33 -1.66
CA TRP D 479 -13.88 -58.46 -2.22
C TRP D 479 -13.85 -58.02 -3.68
N ILE D 480 -14.85 -58.43 -4.46
CA ILE D 480 -14.87 -58.09 -5.88
C ILE D 480 -14.91 -56.59 -6.07
N ALA D 481 -15.94 -55.93 -5.54
CA ALA D 481 -16.07 -54.50 -5.76
C ALA D 481 -14.92 -53.71 -5.12
N VAL D 482 -14.27 -54.25 -4.09
CA VAL D 482 -13.10 -53.59 -3.51
C VAL D 482 -11.93 -53.65 -4.48
N LYS D 483 -11.69 -54.82 -5.05
CA LYS D 483 -10.66 -54.93 -6.07
C LYS D 483 -10.98 -54.04 -7.26
N LEU D 484 -12.27 -53.79 -7.51
CA LEU D 484 -12.64 -52.97 -8.65
C LEU D 484 -12.39 -51.49 -8.39
N LEU D 485 -12.65 -51.01 -7.18
CA LEU D 485 -12.53 -49.58 -6.85
C LEU D 485 -12.01 -49.41 -5.43
N PRO D 486 -10.71 -49.25 -5.25
CA PRO D 486 -10.16 -48.96 -3.93
C PRO D 486 -10.05 -47.45 -3.69
N PHE D 487 -9.82 -47.12 -2.42
CA PHE D 487 -9.73 -45.73 -1.99
C PHE D 487 -8.28 -45.28 -1.98
N GLU D 488 -8.04 -44.02 -2.35
CA GLU D 488 -6.70 -43.51 -2.55
C GLU D 488 -6.41 -42.15 -1.90
N ASN D 489 -7.42 -41.36 -1.54
CA ASN D 489 -7.24 -39.96 -1.17
C ASN D 489 -7.14 -39.81 0.35
N ILE D 490 -6.00 -40.27 0.88
CA ILE D 490 -5.66 -40.16 2.29
C ILE D 490 -4.23 -39.65 2.42
N TYR D 491 -4.01 -38.77 3.39
CA TYR D 491 -2.73 -38.09 3.53
C TYR D 491 -2.29 -38.14 4.99
N LEU D 492 -1.15 -37.51 5.26
CA LEU D 492 -0.48 -37.57 6.54
C LEU D 492 -0.83 -36.37 7.40
N SER D 493 -0.80 -36.57 8.71
CA SER D 493 -0.89 -35.45 9.64
C SER D 493 0.29 -34.50 9.44
N GLY D 494 0.04 -33.20 9.61
CA GLY D 494 1.06 -32.21 9.30
C GLY D 494 2.35 -32.44 10.04
N THR D 495 2.25 -32.67 11.36
CA THR D 495 3.43 -32.99 12.16
C THR D 495 4.19 -34.16 11.56
N LEU D 496 3.48 -35.22 11.20
CA LEU D 496 4.13 -36.39 10.64
C LEU D 496 4.67 -36.12 9.25
N GLN D 497 3.95 -35.35 8.43
CA GLN D 497 4.46 -35.05 7.10
C GLN D 497 5.80 -34.34 7.19
N ARG D 498 5.92 -33.36 8.08
CA ARG D 498 7.18 -32.63 8.17
C ARG D 498 8.25 -33.41 8.94
N GLU D 499 7.84 -34.23 9.92
CA GLU D 499 8.81 -35.13 10.54
C GLU D 499 9.41 -36.10 9.53
N LEU D 500 8.65 -36.48 8.50
CA LEU D 500 9.18 -37.32 7.44
C LEU D 500 9.89 -36.54 6.34
N GLU D 501 9.57 -35.25 6.18
CA GLU D 501 10.39 -34.40 5.32
C GLU D 501 11.78 -34.21 5.91
N GLY D 502 11.87 -34.10 7.24
CA GLY D 502 13.14 -33.96 7.92
C GLY D 502 13.84 -35.24 8.33
N ALA D 503 13.13 -36.35 8.40
CA ALA D 503 13.72 -37.60 8.87
C ALA D 503 14.30 -38.45 7.75
N VAL D 504 14.06 -38.10 6.48
CA VAL D 504 14.61 -38.81 5.34
C VAL D 504 15.64 -37.99 4.60
N ARG D 505 15.94 -36.78 5.06
CA ARG D 505 16.87 -35.84 4.43
C ARG D 505 16.50 -35.54 2.98
N GLY D 506 15.28 -35.89 2.56
CA GLY D 506 14.81 -35.55 1.24
C GLY D 506 13.36 -35.10 1.34
N ARG D 507 12.87 -34.53 0.25
CA ARG D 507 11.51 -34.03 0.24
C ARG D 507 10.54 -35.18 -0.02
N LEU D 508 9.47 -35.19 0.75
CA LEU D 508 8.53 -36.29 0.79
C LEU D 508 7.23 -35.91 0.10
N SER D 509 6.63 -36.87 -0.59
CA SER D 509 5.32 -36.68 -1.19
C SER D 509 4.26 -36.64 -0.11
N ALA D 510 3.25 -35.78 -0.30
CA ALA D 510 2.23 -35.57 0.72
C ALA D 510 1.33 -36.79 0.88
N ASN D 511 1.06 -37.52 -0.19
CA ASN D 511 0.16 -38.66 -0.12
C ASN D 511 0.87 -39.85 0.54
N VAL D 512 0.08 -40.86 0.88
CA VAL D 512 0.59 -42.02 1.61
C VAL D 512 1.06 -43.18 0.73
N PHE D 513 0.63 -43.23 -0.54
CA PHE D 513 0.96 -44.30 -1.48
C PHE D 513 2.15 -43.96 -2.39
N SER D 514 3.11 -43.07 -1.92
CA SER D 514 4.24 -42.71 -2.76
C SER D 514 5.42 -43.63 -2.48
N PRO D 515 6.28 -43.86 -3.48
CA PRO D 515 7.48 -44.70 -3.24
C PRO D 515 8.39 -44.11 -2.18
N SER D 516 8.36 -42.78 -2.03
CA SER D 516 9.08 -42.13 -0.93
C SER D 516 8.62 -42.66 0.42
N PHE D 517 7.41 -43.23 0.48
CA PHE D 517 6.91 -43.83 1.70
C PHE D 517 7.35 -45.29 1.86
N ALA D 518 7.29 -46.07 0.79
CA ALA D 518 7.70 -47.48 0.88
C ALA D 518 9.19 -47.60 1.18
N SER D 519 10.01 -46.68 0.65
CA SER D 519 11.44 -46.69 0.97
C SER D 519 11.67 -46.49 2.47
N ILE D 520 10.90 -45.59 3.08
CA ILE D 520 10.94 -45.43 4.53
C ILE D 520 10.51 -46.72 5.21
N LEU D 521 9.45 -47.35 4.68
CA LEU D 521 8.85 -48.51 5.34
C LEU D 521 9.83 -49.68 5.39
N GLU D 522 10.55 -49.93 4.31
CA GLU D 522 11.53 -51.01 4.33
C GLU D 522 12.74 -50.69 5.21
N GLU D 523 12.79 -49.51 5.83
CA GLU D 523 13.91 -49.06 6.63
C GLU D 523 13.42 -48.67 8.03
N LEU D 524 12.68 -49.57 8.65
CA LEU D 524 12.18 -49.36 10.01
C LEU D 524 13.33 -49.04 10.98
N ASP D 525 14.22 -50.01 11.19
CA ASP D 525 15.27 -49.89 12.21
C ASP D 525 16.22 -48.74 11.93
N LYS D 526 15.99 -48.01 10.85
CA LYS D 526 16.87 -46.93 10.43
C LYS D 526 16.16 -45.58 10.40
N VAL D 527 14.97 -45.50 9.82
CA VAL D 527 14.27 -44.21 9.78
C VAL D 527 13.49 -43.99 11.07
N ILE D 528 12.95 -45.05 11.66
CA ILE D 528 12.14 -44.93 12.87
C ILE D 528 12.85 -44.13 13.98
N PRO D 529 14.10 -44.45 14.36
CA PRO D 529 14.66 -43.80 15.55
C PRO D 529 14.93 -42.32 15.30
N GLU D 530 13.91 -41.62 14.82
CA GLU D 530 14.04 -40.22 14.49
C GLU D 530 12.86 -39.37 14.93
N LEU D 531 11.85 -39.95 15.56
CA LEU D 531 10.59 -39.23 15.73
C LEU D 531 10.27 -38.96 17.20
N SER D 532 9.25 -38.12 17.37
CA SER D 532 8.62 -37.92 18.66
C SER D 532 7.93 -39.21 19.07
N PRO D 533 7.68 -39.40 20.37
CA PRO D 533 6.92 -40.59 20.79
C PRO D 533 5.59 -40.70 20.08
N ASN D 534 4.82 -39.62 20.00
CA ASN D 534 3.53 -39.69 19.32
C ASN D 534 3.69 -39.93 17.83
N ALA D 535 4.66 -39.27 17.20
CA ALA D 535 4.86 -39.43 15.76
C ALA D 535 5.26 -40.85 15.40
N ALA D 536 6.26 -41.40 16.12
CA ALA D 536 6.69 -42.78 15.88
C ALA D 536 5.57 -43.77 16.21
N GLU D 537 4.79 -43.48 17.25
CA GLU D 537 3.66 -44.33 17.62
C GLU D 537 2.67 -44.44 16.46
N ARG D 538 2.24 -43.31 15.92
CA ARG D 538 1.29 -43.34 14.82
C ARG D 538 1.90 -43.99 13.59
N LEU D 539 3.18 -43.70 13.33
CA LEU D 539 3.87 -44.34 12.21
C LEU D 539 3.82 -45.85 12.31
N PHE D 540 4.21 -46.38 13.45
CA PHE D 540 4.22 -47.84 13.58
C PHE D 540 2.81 -48.41 13.56
N THR D 541 1.84 -47.71 14.15
CA THR D 541 0.47 -48.21 14.10
C THR D 541 -0.01 -48.35 12.66
N ILE D 542 0.33 -47.38 11.81
CA ILE D 542 -0.08 -47.47 10.41
C ILE D 542 0.65 -48.58 9.68
N TYR D 543 1.98 -48.63 9.83
CA TYR D 543 2.74 -49.72 9.21
C TYR D 543 2.15 -51.07 9.63
N GLN D 544 1.78 -51.18 10.91
CA GLN D 544 1.13 -52.40 11.42
C GLN D 544 -0.15 -52.70 10.65
N GLU D 545 -1.14 -51.82 10.77
CA GLU D 545 -2.48 -52.15 10.32
C GLU D 545 -2.56 -52.32 8.81
N PHE D 546 -1.63 -51.73 8.05
CA PHE D 546 -1.78 -51.71 6.62
C PHE D 546 -0.55 -52.14 5.84
N PHE D 547 0.62 -52.25 6.46
CA PHE D 547 1.82 -52.62 5.73
C PHE D 547 2.57 -53.78 6.35
N MET D 548 2.06 -54.36 7.45
CA MET D 548 2.59 -55.65 7.93
C MET D 548 2.13 -56.64 6.88
N CYS D 549 2.81 -56.60 5.74
CA CYS D 549 2.35 -57.22 4.53
C CYS D 549 3.18 -58.45 4.23
N PRO D 550 2.54 -59.61 4.04
CA PRO D 550 3.29 -60.84 3.70
C PRO D 550 4.11 -60.71 2.43
N GLU D 551 3.86 -59.68 1.62
CA GLU D 551 4.70 -59.35 0.48
C GLU D 551 5.67 -58.25 0.89
N GLU D 552 6.82 -58.25 0.24
CA GLU D 552 7.78 -57.17 0.44
C GLU D 552 7.23 -55.86 -0.09
N ASP D 553 6.38 -55.93 -1.11
CA ASP D 553 5.63 -54.78 -1.61
C ASP D 553 4.26 -54.77 -0.96
N CYS D 554 3.88 -53.64 -0.36
CA CYS D 554 2.71 -53.57 0.50
C CYS D 554 1.60 -52.64 -0.04
N THR D 555 1.71 -52.21 -1.30
CA THR D 555 0.80 -51.20 -1.83
C THR D 555 -0.65 -51.69 -1.86
N GLU D 556 -0.90 -52.82 -2.53
CA GLU D 556 -2.27 -53.32 -2.70
C GLU D 556 -2.87 -53.75 -1.37
N TYR D 557 -2.05 -54.33 -0.49
CA TYR D 557 -2.52 -54.65 0.86
C TYR D 557 -3.00 -53.40 1.59
N ALA D 558 -2.23 -52.31 1.50
CA ALA D 558 -2.66 -51.06 2.13
C ALA D 558 -3.96 -50.56 1.53
N MET D 559 -4.05 -50.54 0.21
CA MET D 559 -5.25 -50.02 -0.46
C MET D 559 -6.49 -50.80 -0.04
N GLU D 560 -6.37 -52.13 -0.05
CA GLU D 560 -7.53 -52.97 0.24
C GLU D 560 -7.92 -52.89 1.71
N ARG D 561 -6.95 -52.85 2.63
CA ARG D 561 -7.29 -52.71 4.04
C ARG D 561 -7.99 -51.39 4.31
N VAL D 562 -7.52 -50.32 3.65
CA VAL D 562 -8.18 -49.02 3.77
C VAL D 562 -9.64 -49.11 3.32
N SER D 563 -9.86 -49.67 2.12
CA SER D 563 -11.23 -49.74 1.62
C SER D 563 -12.13 -50.59 2.53
N ASN D 564 -11.62 -51.73 3.01
CA ASN D 564 -12.41 -52.59 3.88
C ASN D 564 -12.76 -51.91 5.20
N LEU D 565 -11.82 -51.16 5.78
CA LEU D 565 -12.14 -50.42 6.99
C LEU D 565 -13.22 -49.37 6.72
N ILE D 566 -13.12 -48.67 5.58
CA ILE D 566 -14.15 -47.69 5.23
C ILE D 566 -15.52 -48.35 5.20
N ILE D 567 -15.59 -49.52 4.56
CA ILE D 567 -16.84 -50.25 4.47
C ILE D 567 -17.36 -50.56 5.87
N GLU D 568 -16.51 -51.18 6.69
CA GLU D 568 -16.96 -51.62 8.00
C GLU D 568 -17.35 -50.45 8.89
N LEU D 569 -16.73 -49.28 8.68
CA LEU D 569 -17.14 -48.09 9.41
C LEU D 569 -18.53 -47.64 8.97
N ARG D 570 -18.80 -47.64 7.65
CA ARG D 570 -20.13 -47.26 7.21
C ARG D 570 -21.18 -48.25 7.72
N ARG D 571 -20.81 -49.53 7.77
CA ARG D 571 -21.74 -50.55 8.23
C ARG D 571 -22.02 -50.42 9.72
N SER D 572 -21.05 -49.95 10.49
CA SER D 572 -21.26 -49.82 11.92
C SER D 572 -22.32 -48.78 12.26
N GLY D 573 -22.57 -47.82 11.36
CA GLY D 573 -23.57 -46.81 11.61
C GLY D 573 -23.00 -45.40 11.51
N LYS D 574 -21.76 -45.29 11.03
CA LYS D 574 -21.00 -44.06 11.03
C LYS D 574 -21.15 -43.27 9.73
N HIS D 575 -21.00 -41.97 9.84
CA HIS D 575 -21.00 -40.85 8.93
C HIS D 575 -19.58 -40.52 8.50
N PRO D 576 -19.39 -39.95 7.31
CA PRO D 576 -18.04 -39.56 6.88
C PRO D 576 -17.31 -38.67 7.88
N THR D 577 -18.03 -37.76 8.54
CA THR D 577 -17.42 -36.92 9.56
C THR D 577 -16.74 -37.77 10.63
N GLN D 578 -17.51 -38.70 11.22
CA GLN D 578 -16.99 -39.58 12.25
C GLN D 578 -15.90 -40.50 11.69
N ILE D 579 -15.98 -40.84 10.41
CA ILE D 579 -14.96 -41.69 9.80
C ILE D 579 -13.60 -40.98 9.77
N ALA D 580 -13.55 -39.78 9.20
CA ALA D 580 -12.28 -39.05 9.15
C ALA D 580 -11.78 -38.70 10.55
N GLU D 581 -12.70 -38.41 11.46
CA GLU D 581 -12.30 -38.10 12.83
C GLU D 581 -11.64 -39.30 13.49
N HIS D 582 -12.24 -40.49 13.35
CA HIS D 582 -11.63 -41.70 13.90
C HIS D 582 -10.27 -41.97 13.26
N PHE D 583 -10.17 -41.79 11.94
CA PHE D 583 -8.88 -42.04 11.29
C PHE D 583 -7.79 -41.16 11.85
N ARG D 584 -8.08 -39.87 11.98
CA ARG D 584 -7.11 -38.95 12.55
C ARG D 584 -6.79 -39.29 14.00
N LYS D 585 -7.83 -39.57 14.80
CA LYS D 585 -7.57 -39.75 16.24
C LYS D 585 -6.75 -41.00 16.49
N VAL D 586 -7.10 -42.11 15.86
CA VAL D 586 -6.37 -43.35 16.12
C VAL D 586 -5.03 -43.33 15.39
N TYR D 587 -5.01 -42.86 14.16
CA TYR D 587 -3.82 -42.97 13.33
C TYR D 587 -3.20 -41.65 12.93
N GLY D 588 -3.90 -40.53 13.08
CA GLY D 588 -3.37 -39.28 12.54
C GLY D 588 -3.37 -39.21 11.03
N LEU D 589 -4.46 -39.63 10.39
CA LEU D 589 -4.54 -39.72 8.95
C LEU D 589 -5.65 -38.84 8.40
N ILE D 590 -5.33 -38.05 7.39
CA ILE D 590 -6.23 -37.04 6.85
C ILE D 590 -7.04 -37.66 5.72
N VAL D 591 -8.34 -37.82 5.96
CA VAL D 591 -9.29 -38.36 4.99
C VAL D 591 -10.44 -37.38 4.86
N TYR D 592 -11.02 -37.33 3.66
CA TYR D 592 -11.98 -36.26 3.36
C TYR D 592 -13.40 -36.79 3.22
N PRO D 593 -14.37 -36.21 3.94
CA PRO D 593 -15.76 -36.68 3.85
C PRO D 593 -16.37 -36.53 2.48
N GLY D 594 -16.05 -35.47 1.73
CA GLY D 594 -16.51 -35.40 0.35
C GLY D 594 -15.99 -36.57 -0.46
N ASP D 595 -14.70 -36.88 -0.30
CA ASP D 595 -14.14 -38.07 -0.94
C ASP D 595 -14.82 -39.33 -0.46
N VAL D 596 -15.06 -39.45 0.85
CA VAL D 596 -15.61 -40.69 1.41
C VAL D 596 -17.03 -40.93 0.89
N PHE D 597 -17.88 -39.91 0.93
CA PHE D 597 -19.24 -40.03 0.43
C PHE D 597 -19.23 -40.33 -1.07
N THR D 598 -18.37 -39.64 -1.82
CA THR D 598 -18.32 -39.89 -3.25
C THR D 598 -17.92 -41.35 -3.53
N TRP D 599 -16.95 -41.87 -2.76
CA TRP D 599 -16.43 -43.22 -3.02
C TRP D 599 -17.42 -44.30 -2.60
N LEU D 600 -18.13 -44.10 -1.48
CA LEU D 600 -19.17 -45.08 -1.14
C LEU D 600 -20.29 -45.05 -2.17
N ASP D 601 -20.65 -43.87 -2.67
CA ASP D 601 -21.67 -43.79 -3.70
C ASP D 601 -21.24 -44.55 -4.96
N GLY D 602 -20.00 -44.33 -5.40
CA GLY D 602 -19.47 -45.06 -6.55
C GLY D 602 -19.37 -46.54 -6.30
N ILE D 603 -19.09 -46.93 -5.07
CA ILE D 603 -19.03 -48.35 -4.73
C ILE D 603 -20.42 -48.99 -4.78
N VAL D 604 -21.46 -48.26 -4.37
CA VAL D 604 -22.82 -48.77 -4.47
C VAL D 604 -23.25 -48.90 -5.94
N ARG D 605 -22.84 -47.94 -6.78
CA ARG D 605 -23.08 -48.05 -8.22
C ARG D 605 -22.40 -49.29 -8.80
N LYS D 606 -21.13 -49.51 -8.44
CA LYS D 606 -20.41 -50.71 -8.89
C LYS D 606 -21.07 -51.98 -8.38
N LEU D 607 -21.61 -51.95 -7.17
CA LEU D 607 -22.29 -53.13 -6.65
C LEU D 607 -23.59 -53.37 -7.40
N GLU D 608 -24.27 -52.30 -7.82
CA GLU D 608 -25.39 -52.45 -8.72
C GLU D 608 -24.95 -53.06 -10.05
N ALA D 609 -23.75 -52.73 -10.50
CA ALA D 609 -23.23 -53.31 -11.73
C ALA D 609 -22.97 -54.81 -11.57
N ILE D 610 -22.28 -55.19 -10.49
CA ILE D 610 -22.02 -56.61 -10.23
C ILE D 610 -23.33 -57.35 -10.06
N GLU D 611 -24.29 -56.70 -9.40
CA GLU D 611 -25.64 -57.21 -9.27
C GLU D 611 -26.26 -57.47 -10.64
N ARG D 612 -26.07 -56.52 -11.55
CA ARG D 612 -26.58 -56.67 -12.91
C ARG D 612 -25.99 -57.89 -13.59
N ILE D 613 -24.67 -58.08 -13.44
CA ILE D 613 -23.98 -59.19 -14.09
C ILE D 613 -24.47 -60.52 -13.53
N ALA D 614 -24.51 -60.63 -12.21
CA ALA D 614 -24.97 -61.86 -11.59
C ALA D 614 -26.43 -62.14 -11.92
N ARG D 615 -27.24 -61.08 -12.10
CA ARG D 615 -28.65 -61.25 -12.44
C ARG D 615 -28.83 -61.71 -13.87
N VAL D 616 -27.92 -61.32 -14.76
CA VAL D 616 -27.99 -61.79 -16.15
C VAL D 616 -27.82 -63.30 -16.19
N PHE D 617 -26.85 -63.82 -15.44
CA PHE D 617 -26.45 -65.23 -15.50
C PHE D 617 -27.14 -66.10 -14.45
N ARG D 618 -28.05 -65.53 -13.65
CA ARG D 618 -28.69 -66.22 -12.53
C ARG D 618 -27.70 -66.60 -11.43
N VAL D 619 -26.65 -65.80 -11.25
CA VAL D 619 -25.64 -66.06 -10.22
C VAL D 619 -26.18 -65.48 -8.92
N ARG D 620 -26.81 -66.32 -8.08
CA ARG D 620 -27.60 -65.80 -6.98
C ARG D 620 -26.82 -65.58 -5.68
N LYS D 621 -25.72 -66.31 -5.45
CA LYS D 621 -24.91 -66.04 -4.26
C LYS D 621 -24.44 -64.59 -4.24
N THR D 622 -23.62 -64.23 -5.23
CA THR D 622 -23.11 -62.87 -5.31
C THR D 622 -24.22 -61.87 -5.58
N GLU D 623 -25.27 -62.27 -6.32
CA GLU D 623 -26.39 -61.36 -6.57
C GLU D 623 -27.05 -60.94 -5.27
N GLU D 624 -27.47 -61.91 -4.46
CA GLU D 624 -28.16 -61.59 -3.23
C GLU D 624 -27.21 -61.02 -2.18
N GLY D 625 -25.93 -61.43 -2.20
CA GLY D 625 -24.94 -60.80 -1.33
C GLY D 625 -24.66 -59.35 -1.68
N ALA D 626 -24.56 -59.05 -2.98
CA ALA D 626 -24.37 -57.67 -3.42
C ALA D 626 -25.61 -56.83 -3.17
N LYS D 627 -26.80 -57.42 -3.26
CA LYS D 627 -28.02 -56.72 -2.87
C LYS D 627 -28.01 -56.35 -1.39
N ILE D 628 -27.72 -57.34 -0.54
CA ILE D 628 -27.64 -57.11 0.90
C ILE D 628 -26.62 -56.04 1.21
N LEU D 629 -25.45 -56.11 0.58
CA LEU D 629 -24.39 -55.15 0.88
C LEU D 629 -24.70 -53.76 0.32
N LYS D 630 -25.33 -53.68 -0.85
CA LYS D 630 -25.80 -52.40 -1.38
C LYS D 630 -26.69 -51.70 -0.38
N ARG D 631 -27.66 -52.42 0.17
CA ARG D 631 -28.55 -51.79 1.15
C ARG D 631 -27.86 -51.51 2.47
N GLU D 632 -27.01 -52.43 2.95
CA GLU D 632 -26.29 -52.23 4.21
C GLU D 632 -25.37 -51.02 4.15
N ILE D 633 -24.93 -50.62 2.96
CA ILE D 633 -24.14 -49.41 2.82
C ILE D 633 -25.01 -48.19 2.54
N GLU D 634 -26.10 -48.35 1.79
CA GLU D 634 -27.03 -47.26 1.57
C GLU D 634 -27.54 -46.71 2.90
N GLU D 635 -28.02 -47.60 3.77
CA GLU D 635 -28.62 -47.16 5.03
C GLU D 635 -27.61 -47.01 6.15
N GLY D 636 -26.43 -47.62 6.02
CA GLY D 636 -25.42 -47.56 7.06
C GLY D 636 -25.71 -48.44 8.26
N ARG D 637 -25.89 -49.74 8.02
CA ARG D 637 -26.18 -50.70 9.09
C ARG D 637 -25.85 -52.10 8.59
N MET D 638 -26.13 -53.10 9.41
CA MET D 638 -25.87 -54.49 9.05
C MET D 638 -27.15 -55.29 8.83
#